data_9IY4
# 
_entry.id   9IY4 
# 
_audit_conform.dict_name       mmcif_pdbx.dic 
_audit_conform.dict_version    5.404 
_audit_conform.dict_location   http://mmcif.pdb.org/dictionaries/ascii/mmcif_pdbx.dic 
# 
loop_
_database_2.database_id 
_database_2.database_code 
_database_2.pdbx_database_accession 
_database_2.pdbx_DOI 
PDB   9IY4         pdb_00009iy4 10.2210/pdb9iy4/pdb 
WWPDB D_1300049198 ?            ?                   
EMDB  EMD-60984    ?            ?                   
# 
loop_
_pdbx_audit_revision_history.ordinal 
_pdbx_audit_revision_history.data_content_type 
_pdbx_audit_revision_history.major_revision 
_pdbx_audit_revision_history.minor_revision 
_pdbx_audit_revision_history.revision_date 
_pdbx_audit_revision_history.part_number 
1 'Structure model' 1 0 2025-08-13 ? 
2 'EM metadata'     1 0 2025-08-13 ? 
3 FSC               1 0 2025-08-13 ? 
4 'Half map'        1 0 2025-08-13 1 
5 'Half map'        1 0 2025-08-13 2 
6 Image             1 0 2025-08-13 ? 
7 Mask              1 0 2025-08-13 1 
8 'Primary map'     1 0 2025-08-13 ? 
# 
loop_
_pdbx_audit_revision_details.ordinal 
_pdbx_audit_revision_details.revision_ordinal 
_pdbx_audit_revision_details.data_content_type 
_pdbx_audit_revision_details.provider 
_pdbx_audit_revision_details.type 
_pdbx_audit_revision_details.description 
_pdbx_audit_revision_details.details 
1 1 'Structure model' repository 'Initial release' ? ? 
2 2 'EM metadata'     repository 'Initial release' ? ? 
3 3 FSC               repository 'Initial release' ? ? 
4 4 'Half map'        repository 'Initial release' ? ? 
5 5 'Half map'        repository 'Initial release' ? ? 
6 6 Image             repository 'Initial release' ? ? 
7 7 Mask              repository 'Initial release' ? ? 
8 8 'Primary map'     repository 'Initial release' ? ? 
# 
_pdbx_database_status.status_code                     REL 
_pdbx_database_status.status_code_sf                  ? 
_pdbx_database_status.status_code_mr                  ? 
_pdbx_database_status.entry_id                        9IY4 
_pdbx_database_status.recvd_initial_deposition_date   2024-07-29 
_pdbx_database_status.SG_entry                        N 
_pdbx_database_status.deposit_site                    PDBJ 
_pdbx_database_status.process_site                    PDBC 
_pdbx_database_status.status_code_cs                  ? 
_pdbx_database_status.status_code_nmr_data            ? 
_pdbx_database_status.methods_development_category    ? 
_pdbx_database_status.pdb_format_compatible           Y 
# 
loop_
_pdbx_database_related.db_name 
_pdbx_database_related.details 
_pdbx_database_related.db_id 
_pdbx_database_related.content_type 
PDB-Dev .                                                                                        D_1300049195 unspecified 
EMDB    'Iterative acetyltransferase on lasso peptides from Actinomycetes in complex with AcCoA' EMD-60984    
'associated EM volume' 
# 
_pdbx_contact_author.id                 2 
_pdbx_contact_author.email              leids@lzu.edu.cn 
_pdbx_contact_author.name_first         Dongsheng 
_pdbx_contact_author.name_last          Lei 
_pdbx_contact_author.name_mi            ? 
_pdbx_contact_author.role               'principal investigator/group leader' 
_pdbx_contact_author.identifier_ORCID   0000-0003-1640-0693 
# 
loop_
_audit_author.name 
_audit_author.pdbx_ordinal 
_audit_author.identifier_ORCID 
'Wu, S.'    1 ? 
'Xiong, J.' 2 ? 
'Lei, D.'   3 ? 
'Dong, S.'  4 ? 
# 
_citation.abstract                  ? 
_citation.abstract_id_CAS           ? 
_citation.book_id_ISBN              ? 
_citation.book_publisher            ? 
_citation.book_publisher_city       ? 
_citation.book_title                ? 
_citation.coordinate_linkage        ? 
_citation.country                   ? 
_citation.database_id_Medline       ? 
_citation.details                   ? 
_citation.id                        primary 
_citation.journal_abbrev            'To Be Published' 
_citation.journal_id_ASTM           ? 
_citation.journal_id_CSD            0353 
_citation.journal_id_ISSN           ? 
_citation.journal_full              ? 
_citation.journal_issue             ? 
_citation.journal_volume            ? 
_citation.language                  ? 
_citation.page_first                ? 
_citation.page_last                 ? 
_citation.title                     'Iterative acylation on mature lasso peptides by widespread GNATs for lipolasso production' 
_citation.year                      ? 
_citation.database_id_CSD           ? 
_citation.pdbx_database_id_DOI      ? 
_citation.pdbx_database_id_PubMed   ? 
_citation.pdbx_database_id_patent   ? 
_citation.unpublished_flag          ? 
# 
loop_
_citation_author.citation_id 
_citation_author.name 
_citation_author.ordinal 
_citation_author.identifier_ORCID 
primary 'Xiong, J.' 1  ? 
primary 'Wu, S.'    2  ? 
primary 'Liang, Z.' 3  ? 
primary 'Gong, X.'  4  ? 
primary 'Fang, S.'  5  ? 
primary 'Tao, F.'   6  ? 
primary 'Wu, Q.'    7  ? 
primary 'Cui, J.'   8  ? 
primary 'Gao, K.'   9  ? 
primary 'Luo, S.'   10 ? 
primary 'Lei, D.'   11 ? 
primary 'Dong, S.'  12 ? 
# 
loop_
_entity.id 
_entity.type 
_entity.src_method 
_entity.pdbx_description 
_entity.formula_weight 
_entity.pdbx_number_of_molecules 
_entity.pdbx_ec 
_entity.pdbx_mutation 
_entity.pdbx_fragment 
_entity.details 
1 polymer     man 'GCN5-related N-acetyltransferase' 21676.164 1 ? ? ? ? 
2 non-polymer syn 'ACETYL COENZYME *A'               809.571   1 ? ? ? ? 
# 
_entity_poly.entity_id                      1 
_entity_poly.type                           'polypeptide(L)' 
_entity_poly.nstd_linkage                   no 
_entity_poly.nstd_monomer                   no 
_entity_poly.pdbx_seq_one_letter_code       
;MSPQDDLIVWLRGDRAGLGPFSADLVDQYWRWEQDPSVLIGYGRQTPDSLENRREGYGHQARGTDDQLRFTVYDLTGQDP
VPVGTTAVLIDHHVRTGEFVIQLGAGHRGRGLGTEATRLTLDYAFHVSALACVHLAVLTPNTGAIAAYERAGFRRIGERR
DSGFWLGRRVSETLMDAVPEDFPGPSVVRGFVEGGR
;
_entity_poly.pdbx_seq_one_letter_code_can   
;MSPQDDLIVWLRGDRAGLGPFSADLVDQYWRWEQDPSVLIGYGRQTPDSLENRREGYGHQARGTDDQLRFTVYDLTGQDP
VPVGTTAVLIDHHVRTGEFVIQLGAGHRGRGLGTEATRLTLDYAFHVSALACVHLAVLTPNTGAIAAYERAGFRRIGERR
DSGFWLGRRVSETLMDAVPEDFPGPSVVRGFVEGGR
;
_entity_poly.pdbx_strand_id                 A 
_entity_poly.pdbx_target_identifier         ? 
# 
_pdbx_entity_nonpoly.entity_id   2 
_pdbx_entity_nonpoly.name        'ACETYL COENZYME *A' 
_pdbx_entity_nonpoly.comp_id     ACO 
# 
loop_
_entity_poly_seq.entity_id 
_entity_poly_seq.num 
_entity_poly_seq.mon_id 
_entity_poly_seq.hetero 
1 1   MET n 
1 2   SER n 
1 3   PRO n 
1 4   GLN n 
1 5   ASP n 
1 6   ASP n 
1 7   LEU n 
1 8   ILE n 
1 9   VAL n 
1 10  TRP n 
1 11  LEU n 
1 12  ARG n 
1 13  GLY n 
1 14  ASP n 
1 15  ARG n 
1 16  ALA n 
1 17  GLY n 
1 18  LEU n 
1 19  GLY n 
1 20  PRO n 
1 21  PHE n 
1 22  SER n 
1 23  ALA n 
1 24  ASP n 
1 25  LEU n 
1 26  VAL n 
1 27  ASP n 
1 28  GLN n 
1 29  TYR n 
1 30  TRP n 
1 31  ARG n 
1 32  TRP n 
1 33  GLU n 
1 34  GLN n 
1 35  ASP n 
1 36  PRO n 
1 37  SER n 
1 38  VAL n 
1 39  LEU n 
1 40  ILE n 
1 41  GLY n 
1 42  TYR n 
1 43  GLY n 
1 44  ARG n 
1 45  GLN n 
1 46  THR n 
1 47  PRO n 
1 48  ASP n 
1 49  SER n 
1 50  LEU n 
1 51  GLU n 
1 52  ASN n 
1 53  ARG n 
1 54  ARG n 
1 55  GLU n 
1 56  GLY n 
1 57  TYR n 
1 58  GLY n 
1 59  HIS n 
1 60  GLN n 
1 61  ALA n 
1 62  ARG n 
1 63  GLY n 
1 64  THR n 
1 65  ASP n 
1 66  ASP n 
1 67  GLN n 
1 68  LEU n 
1 69  ARG n 
1 70  PHE n 
1 71  THR n 
1 72  VAL n 
1 73  TYR n 
1 74  ASP n 
1 75  LEU n 
1 76  THR n 
1 77  GLY n 
1 78  GLN n 
1 79  ASP n 
1 80  PRO n 
1 81  VAL n 
1 82  PRO n 
1 83  VAL n 
1 84  GLY n 
1 85  THR n 
1 86  THR n 
1 87  ALA n 
1 88  VAL n 
1 89  LEU n 
1 90  ILE n 
1 91  ASP n 
1 92  HIS n 
1 93  HIS n 
1 94  VAL n 
1 95  ARG n 
1 96  THR n 
1 97  GLY n 
1 98  GLU n 
1 99  PHE n 
1 100 VAL n 
1 101 ILE n 
1 102 GLN n 
1 103 LEU n 
1 104 GLY n 
1 105 ALA n 
1 106 GLY n 
1 107 HIS n 
1 108 ARG n 
1 109 GLY n 
1 110 ARG n 
1 111 GLY n 
1 112 LEU n 
1 113 GLY n 
1 114 THR n 
1 115 GLU n 
1 116 ALA n 
1 117 THR n 
1 118 ARG n 
1 119 LEU n 
1 120 THR n 
1 121 LEU n 
1 122 ASP n 
1 123 TYR n 
1 124 ALA n 
1 125 PHE n 
1 126 HIS n 
1 127 VAL n 
1 128 SER n 
1 129 ALA n 
1 130 LEU n 
1 131 ALA n 
1 132 CYS n 
1 133 VAL n 
1 134 HIS n 
1 135 LEU n 
1 136 ALA n 
1 137 VAL n 
1 138 LEU n 
1 139 THR n 
1 140 PRO n 
1 141 ASN n 
1 142 THR n 
1 143 GLY n 
1 144 ALA n 
1 145 ILE n 
1 146 ALA n 
1 147 ALA n 
1 148 TYR n 
1 149 GLU n 
1 150 ARG n 
1 151 ALA n 
1 152 GLY n 
1 153 PHE n 
1 154 ARG n 
1 155 ARG n 
1 156 ILE n 
1 157 GLY n 
1 158 GLU n 
1 159 ARG n 
1 160 ARG n 
1 161 ASP n 
1 162 SER n 
1 163 GLY n 
1 164 PHE n 
1 165 TRP n 
1 166 LEU n 
1 167 GLY n 
1 168 ARG n 
1 169 ARG n 
1 170 VAL n 
1 171 SER n 
1 172 GLU n 
1 173 THR n 
1 174 LEU n 
1 175 MET n 
1 176 ASP n 
1 177 ALA n 
1 178 VAL n 
1 179 PRO n 
1 180 GLU n 
1 181 ASP n 
1 182 PHE n 
1 183 PRO n 
1 184 GLY n 
1 185 PRO n 
1 186 SER n 
1 187 VAL n 
1 188 VAL n 
1 189 ARG n 
1 190 GLY n 
1 191 PHE n 
1 192 VAL n 
1 193 GLU n 
1 194 GLY n 
1 195 GLY n 
1 196 ARG n 
# 
_entity_src_gen.entity_id                          1 
_entity_src_gen.pdbx_src_id                        1 
_entity_src_gen.pdbx_alt_source_flag               sample 
_entity_src_gen.pdbx_seq_type                      'Biological sequence' 
_entity_src_gen.pdbx_beg_seq_num                   1 
_entity_src_gen.pdbx_end_seq_num                   196 
_entity_src_gen.gene_src_common_name               ? 
_entity_src_gen.gene_src_genus                     ? 
_entity_src_gen.pdbx_gene_src_gene                 Amir_6318 
_entity_src_gen.gene_src_species                   ? 
_entity_src_gen.gene_src_strain                    ? 
_entity_src_gen.gene_src_tissue                    ? 
_entity_src_gen.gene_src_tissue_fraction           ? 
_entity_src_gen.gene_src_details                   ? 
_entity_src_gen.pdbx_gene_src_fragment             ? 
_entity_src_gen.pdbx_gene_src_scientific_name      
'Actinosynnema mirum (strain ATCC 29888 / DSM 43827 / JCM 3225 / NBRC 14064 / NCIMB 13271 / NRRL B-12336 / IMRU 3971 / 101)' 
_entity_src_gen.pdbx_gene_src_ncbi_taxonomy_id     446462 
_entity_src_gen.pdbx_gene_src_variant              ? 
_entity_src_gen.pdbx_gene_src_cell_line            ? 
_entity_src_gen.pdbx_gene_src_atcc                 ? 
_entity_src_gen.pdbx_gene_src_organ                ? 
_entity_src_gen.pdbx_gene_src_organelle            ? 
_entity_src_gen.pdbx_gene_src_cell                 ? 
_entity_src_gen.pdbx_gene_src_cellular_location    ? 
_entity_src_gen.host_org_common_name               ? 
_entity_src_gen.pdbx_host_org_scientific_name      'Escherichia coli' 
_entity_src_gen.pdbx_host_org_ncbi_taxonomy_id     562 
_entity_src_gen.host_org_genus                     ? 
_entity_src_gen.pdbx_host_org_gene                 ? 
_entity_src_gen.pdbx_host_org_organ                ? 
_entity_src_gen.host_org_species                   ? 
_entity_src_gen.pdbx_host_org_tissue               ? 
_entity_src_gen.pdbx_host_org_tissue_fraction      ? 
_entity_src_gen.pdbx_host_org_strain               ? 
_entity_src_gen.pdbx_host_org_variant              ? 
_entity_src_gen.pdbx_host_org_cell_line            ? 
_entity_src_gen.pdbx_host_org_atcc                 ? 
_entity_src_gen.pdbx_host_org_culture_collection   ? 
_entity_src_gen.pdbx_host_org_cell                 ? 
_entity_src_gen.pdbx_host_org_organelle            ? 
_entity_src_gen.pdbx_host_org_cellular_location    ? 
_entity_src_gen.pdbx_host_org_vector_type          ? 
_entity_src_gen.pdbx_host_org_vector               ? 
_entity_src_gen.host_org_details                   ? 
_entity_src_gen.expression_system_id               ? 
_entity_src_gen.plasmid_name                       ? 
_entity_src_gen.plasmid_details                    ? 
_entity_src_gen.pdbx_description                   ? 
# 
loop_
_chem_comp.id 
_chem_comp.type 
_chem_comp.mon_nstd_flag 
_chem_comp.name 
_chem_comp.pdbx_synonyms 
_chem_comp.formula 
_chem_comp.formula_weight 
ACO non-polymer         . 'ACETYL COENZYME *A' ? 'C23 H38 N7 O17 P3 S' 809.571 
ALA 'L-peptide linking' y ALANINE              ? 'C3 H7 N O2'          89.093  
ARG 'L-peptide linking' y ARGININE             ? 'C6 H15 N4 O2 1'      175.209 
ASN 'L-peptide linking' y ASPARAGINE           ? 'C4 H8 N2 O3'         132.118 
ASP 'L-peptide linking' y 'ASPARTIC ACID'      ? 'C4 H7 N O4'          133.103 
CYS 'L-peptide linking' y CYSTEINE             ? 'C3 H7 N O2 S'        121.158 
GLN 'L-peptide linking' y GLUTAMINE            ? 'C5 H10 N2 O3'        146.144 
GLU 'L-peptide linking' y 'GLUTAMIC ACID'      ? 'C5 H9 N O4'          147.129 
GLY 'peptide linking'   y GLYCINE              ? 'C2 H5 N O2'          75.067  
HIS 'L-peptide linking' y HISTIDINE            ? 'C6 H10 N3 O2 1'      156.162 
ILE 'L-peptide linking' y ISOLEUCINE           ? 'C6 H13 N O2'         131.173 
LEU 'L-peptide linking' y LEUCINE              ? 'C6 H13 N O2'         131.173 
MET 'L-peptide linking' y METHIONINE           ? 'C5 H11 N O2 S'       149.211 
PHE 'L-peptide linking' y PHENYLALANINE        ? 'C9 H11 N O2'         165.189 
PRO 'L-peptide linking' y PROLINE              ? 'C5 H9 N O2'          115.130 
SER 'L-peptide linking' y SERINE               ? 'C3 H7 N O3'          105.093 
THR 'L-peptide linking' y THREONINE            ? 'C4 H9 N O3'          119.119 
TRP 'L-peptide linking' y TRYPTOPHAN           ? 'C11 H12 N2 O2'       204.225 
TYR 'L-peptide linking' y TYROSINE             ? 'C9 H11 N O3'         181.189 
VAL 'L-peptide linking' y VALINE               ? 'C5 H11 N O2'         117.146 
# 
loop_
_pdbx_poly_seq_scheme.asym_id 
_pdbx_poly_seq_scheme.entity_id 
_pdbx_poly_seq_scheme.seq_id 
_pdbx_poly_seq_scheme.mon_id 
_pdbx_poly_seq_scheme.ndb_seq_num 
_pdbx_poly_seq_scheme.pdb_seq_num 
_pdbx_poly_seq_scheme.auth_seq_num 
_pdbx_poly_seq_scheme.pdb_mon_id 
_pdbx_poly_seq_scheme.auth_mon_id 
_pdbx_poly_seq_scheme.pdb_strand_id 
_pdbx_poly_seq_scheme.pdb_ins_code 
_pdbx_poly_seq_scheme.hetero 
A 1 1   MET 1   1   ?   ?   ?   A . n 
A 1 2   SER 2   2   ?   ?   ?   A . n 
A 1 3   PRO 3   3   ?   ?   ?   A . n 
A 1 4   GLN 4   4   ?   ?   ?   A . n 
A 1 5   ASP 5   5   5   ASP ASP A . n 
A 1 6   ASP 6   6   6   ASP ASP A . n 
A 1 7   LEU 7   7   7   LEU LEU A . n 
A 1 8   ILE 8   8   8   ILE ILE A . n 
A 1 9   VAL 9   9   9   VAL VAL A . n 
A 1 10  TRP 10  10  10  TRP TRP A . n 
A 1 11  LEU 11  11  11  LEU LEU A . n 
A 1 12  ARG 12  12  12  ARG ARG A . n 
A 1 13  GLY 13  13  13  GLY GLY A . n 
A 1 14  ASP 14  14  14  ASP ASP A . n 
A 1 15  ARG 15  15  15  ARG ARG A . n 
A 1 16  ALA 16  16  16  ALA ALA A . n 
A 1 17  GLY 17  17  17  GLY GLY A . n 
A 1 18  LEU 18  18  18  LEU LEU A . n 
A 1 19  GLY 19  19  19  GLY GLY A . n 
A 1 20  PRO 20  20  20  PRO PRO A . n 
A 1 21  PHE 21  21  21  PHE PHE A . n 
A 1 22  SER 22  22  22  SER SER A . n 
A 1 23  ALA 23  23  23  ALA ALA A . n 
A 1 24  ASP 24  24  24  ASP ASP A . n 
A 1 25  LEU 25  25  25  LEU LEU A . n 
A 1 26  VAL 26  26  26  VAL VAL A . n 
A 1 27  ASP 27  27  27  ASP ASP A . n 
A 1 28  GLN 28  28  28  GLN GLN A . n 
A 1 29  TYR 29  29  29  TYR TYR A . n 
A 1 30  TRP 30  30  30  TRP TRP A . n 
A 1 31  ARG 31  31  31  ARG ARG A . n 
A 1 32  TRP 32  32  32  TRP TRP A . n 
A 1 33  GLU 33  33  33  GLU GLU A . n 
A 1 34  GLN 34  34  34  GLN GLN A . n 
A 1 35  ASP 35  35  35  ASP ASP A . n 
A 1 36  PRO 36  36  36  PRO PRO A . n 
A 1 37  SER 37  37  37  SER SER A . n 
A 1 38  VAL 38  38  38  VAL VAL A . n 
A 1 39  LEU 39  39  39  LEU LEU A . n 
A 1 40  ILE 40  40  40  ILE ILE A . n 
A 1 41  GLY 41  41  41  GLY GLY A . n 
A 1 42  TYR 42  42  42  TYR TYR A . n 
A 1 43  GLY 43  43  43  GLY GLY A . n 
A 1 44  ARG 44  44  44  ARG ARG A . n 
A 1 45  GLN 45  45  45  GLN GLN A . n 
A 1 46  THR 46  46  46  THR THR A . n 
A 1 47  PRO 47  47  47  PRO PRO A . n 
A 1 48  ASP 48  48  48  ASP ASP A . n 
A 1 49  SER 49  49  49  SER SER A . n 
A 1 50  LEU 50  50  50  LEU LEU A . n 
A 1 51  GLU 51  51  51  GLU GLU A . n 
A 1 52  ASN 52  52  52  ASN ASN A . n 
A 1 53  ARG 53  53  53  ARG ARG A . n 
A 1 54  ARG 54  54  54  ARG ARG A . n 
A 1 55  GLU 55  55  55  GLU GLU A . n 
A 1 56  GLY 56  56  56  GLY GLY A . n 
A 1 57  TYR 57  57  57  TYR TYR A . n 
A 1 58  GLY 58  58  58  GLY GLY A . n 
A 1 59  HIS 59  59  59  HIS HIS A . n 
A 1 60  GLN 60  60  60  GLN GLN A . n 
A 1 61  ALA 61  61  61  ALA ALA A . n 
A 1 62  ARG 62  62  62  ARG ARG A . n 
A 1 63  GLY 63  63  63  GLY GLY A . n 
A 1 64  THR 64  64  64  THR THR A . n 
A 1 65  ASP 65  65  65  ASP ASP A . n 
A 1 66  ASP 66  66  66  ASP ASP A . n 
A 1 67  GLN 67  67  67  GLN GLN A . n 
A 1 68  LEU 68  68  68  LEU LEU A . n 
A 1 69  ARG 69  69  69  ARG ARG A . n 
A 1 70  PHE 70  70  70  PHE PHE A . n 
A 1 71  THR 71  71  71  THR THR A . n 
A 1 72  VAL 72  72  72  VAL VAL A . n 
A 1 73  TYR 73  73  73  TYR TYR A . n 
A 1 74  ASP 74  74  74  ASP ASP A . n 
A 1 75  LEU 75  75  75  LEU LEU A . n 
A 1 76  THR 76  76  76  THR THR A . n 
A 1 77  GLY 77  77  77  GLY GLY A . n 
A 1 78  GLN 78  78  78  GLN GLN A . n 
A 1 79  ASP 79  79  79  ASP ASP A . n 
A 1 80  PRO 80  80  80  PRO PRO A . n 
A 1 81  VAL 81  81  81  VAL VAL A . n 
A 1 82  PRO 82  82  82  PRO PRO A . n 
A 1 83  VAL 83  83  83  VAL VAL A . n 
A 1 84  GLY 84  84  84  GLY GLY A . n 
A 1 85  THR 85  85  85  THR THR A . n 
A 1 86  THR 86  86  86  THR THR A . n 
A 1 87  ALA 87  87  87  ALA ALA A . n 
A 1 88  VAL 88  88  88  VAL VAL A . n 
A 1 89  LEU 89  89  89  LEU LEU A . n 
A 1 90  ILE 90  90  90  ILE ILE A . n 
A 1 91  ASP 91  91  91  ASP ASP A . n 
A 1 92  HIS 92  92  92  HIS HIS A . n 
A 1 93  HIS 93  93  93  HIS HIS A . n 
A 1 94  VAL 94  94  94  VAL VAL A . n 
A 1 95  ARG 95  95  95  ARG ARG A . n 
A 1 96  THR 96  96  96  THR THR A . n 
A 1 97  GLY 97  97  97  GLY GLY A . n 
A 1 98  GLU 98  98  98  GLU GLU A . n 
A 1 99  PHE 99  99  99  PHE PHE A . n 
A 1 100 VAL 100 100 100 VAL VAL A . n 
A 1 101 ILE 101 101 101 ILE ILE A . n 
A 1 102 GLN 102 102 102 GLN GLN A . n 
A 1 103 LEU 103 103 103 LEU LEU A . n 
A 1 104 GLY 104 104 104 GLY GLY A . n 
A 1 105 ALA 105 105 105 ALA ALA A . n 
A 1 106 GLY 106 106 106 GLY GLY A . n 
A 1 107 HIS 107 107 107 HIS HIS A . n 
A 1 108 ARG 108 108 108 ARG ARG A . n 
A 1 109 GLY 109 109 109 GLY GLY A . n 
A 1 110 ARG 110 110 110 ARG ARG A . n 
A 1 111 GLY 111 111 111 GLY GLY A . n 
A 1 112 LEU 112 112 112 LEU LEU A . n 
A 1 113 GLY 113 113 113 GLY GLY A . n 
A 1 114 THR 114 114 114 THR THR A . n 
A 1 115 GLU 115 115 115 GLU GLU A . n 
A 1 116 ALA 116 116 116 ALA ALA A . n 
A 1 117 THR 117 117 117 THR THR A . n 
A 1 118 ARG 118 118 118 ARG ARG A . n 
A 1 119 LEU 119 119 119 LEU LEU A . n 
A 1 120 THR 120 120 120 THR THR A . n 
A 1 121 LEU 121 121 121 LEU LEU A . n 
A 1 122 ASP 122 122 122 ASP ASP A . n 
A 1 123 TYR 123 123 123 TYR TYR A . n 
A 1 124 ALA 124 124 124 ALA ALA A . n 
A 1 125 PHE 125 125 125 PHE PHE A . n 
A 1 126 HIS 126 126 126 HIS HIS A . n 
A 1 127 VAL 127 127 127 VAL VAL A . n 
A 1 128 SER 128 128 128 SER SER A . n 
A 1 129 ALA 129 129 129 ALA ALA A . n 
A 1 130 LEU 130 130 130 LEU LEU A . n 
A 1 131 ALA 131 131 131 ALA ALA A . n 
A 1 132 CYS 132 132 132 CYS CYS A . n 
A 1 133 VAL 133 133 133 VAL VAL A . n 
A 1 134 HIS 134 134 134 HIS HIS A . n 
A 1 135 LEU 135 135 135 LEU LEU A . n 
A 1 136 ALA 136 136 136 ALA ALA A . n 
A 1 137 VAL 137 137 137 VAL VAL A . n 
A 1 138 LEU 138 138 138 LEU LEU A . n 
A 1 139 THR 139 139 139 THR THR A . n 
A 1 140 PRO 140 140 140 PRO PRO A . n 
A 1 141 ASN 141 141 141 ASN ASN A . n 
A 1 142 THR 142 142 142 THR THR A . n 
A 1 143 GLY 143 143 143 GLY GLY A . n 
A 1 144 ALA 144 144 144 ALA ALA A . n 
A 1 145 ILE 145 145 145 ILE ILE A . n 
A 1 146 ALA 146 146 146 ALA ALA A . n 
A 1 147 ALA 147 147 147 ALA ALA A . n 
A 1 148 TYR 148 148 148 TYR TYR A . n 
A 1 149 GLU 149 149 149 GLU GLU A . n 
A 1 150 ARG 150 150 150 ARG ARG A . n 
A 1 151 ALA 151 151 151 ALA ALA A . n 
A 1 152 GLY 152 152 152 GLY GLY A . n 
A 1 153 PHE 153 153 153 PHE PHE A . n 
A 1 154 ARG 154 154 154 ARG ARG A . n 
A 1 155 ARG 155 155 155 ARG ARG A . n 
A 1 156 ILE 156 156 156 ILE ILE A . n 
A 1 157 GLY 157 157 157 GLY GLY A . n 
A 1 158 GLU 158 158 158 GLU GLU A . n 
A 1 159 ARG 159 159 159 ARG ARG A . n 
A 1 160 ARG 160 160 160 ARG ARG A . n 
A 1 161 ASP 161 161 161 ASP ASP A . n 
A 1 162 SER 162 162 162 SER SER A . n 
A 1 163 GLY 163 163 163 GLY GLY A . n 
A 1 164 PHE 164 164 164 PHE PHE A . n 
A 1 165 TRP 165 165 165 TRP TRP A . n 
A 1 166 LEU 166 166 166 LEU LEU A . n 
A 1 167 GLY 167 167 167 GLY GLY A . n 
A 1 168 ARG 168 168 168 ARG ARG A . n 
A 1 169 ARG 169 169 169 ARG ARG A . n 
A 1 170 VAL 170 170 170 VAL VAL A . n 
A 1 171 SER 171 171 171 SER SER A . n 
A 1 172 GLU 172 172 172 GLU GLU A . n 
A 1 173 THR 173 173 173 THR THR A . n 
A 1 174 LEU 174 174 174 LEU LEU A . n 
A 1 175 MET 175 175 175 MET MET A . n 
A 1 176 ASP 176 176 176 ASP ASP A . n 
A 1 177 ALA 177 177 177 ALA ALA A . n 
A 1 178 VAL 178 178 178 VAL VAL A . n 
A 1 179 PRO 179 179 179 PRO PRO A . n 
A 1 180 GLU 180 180 180 GLU GLU A . n 
A 1 181 ASP 181 181 181 ASP ASP A . n 
A 1 182 PHE 182 182 182 PHE PHE A . n 
A 1 183 PRO 183 183 183 PRO PRO A . n 
A 1 184 GLY 184 184 184 GLY GLY A . n 
A 1 185 PRO 185 185 185 PRO PRO A . n 
A 1 186 SER 186 186 186 SER SER A . n 
A 1 187 VAL 187 187 187 VAL VAL A . n 
A 1 188 VAL 188 188 188 VAL VAL A . n 
A 1 189 ARG 189 189 189 ARG ARG A . n 
A 1 190 GLY 190 190 190 GLY GLY A . n 
A 1 191 PHE 191 191 191 PHE PHE A . n 
A 1 192 VAL 192 192 192 VAL VAL A . n 
A 1 193 GLU 193 193 193 GLU GLU A . n 
A 1 194 GLY 194 194 ?   ?   ?   A . n 
A 1 195 GLY 195 195 ?   ?   ?   A . n 
A 1 196 ARG 196 196 ?   ?   ?   A . n 
# 
_pdbx_entity_instance_feature.ordinal        1 
_pdbx_entity_instance_feature.comp_id        ACO 
_pdbx_entity_instance_feature.asym_id        ? 
_pdbx_entity_instance_feature.seq_num        ? 
_pdbx_entity_instance_feature.auth_comp_id   ACO 
_pdbx_entity_instance_feature.auth_asym_id   ? 
_pdbx_entity_instance_feature.auth_seq_num   ? 
_pdbx_entity_instance_feature.feature_type   'SUBJECT OF INVESTIGATION' 
_pdbx_entity_instance_feature.details        ? 
# 
_pdbx_nonpoly_scheme.asym_id         B 
_pdbx_nonpoly_scheme.entity_id       2 
_pdbx_nonpoly_scheme.mon_id          ACO 
_pdbx_nonpoly_scheme.ndb_seq_num     1 
_pdbx_nonpoly_scheme.pdb_seq_num     200 
_pdbx_nonpoly_scheme.auth_seq_num    200 
_pdbx_nonpoly_scheme.pdb_mon_id      ACO 
_pdbx_nonpoly_scheme.auth_mon_id     ACO 
_pdbx_nonpoly_scheme.pdb_strand_id   A 
_pdbx_nonpoly_scheme.pdb_ins_code    . 
# 
_cell.angle_alpha                  90.00 
_cell.angle_alpha_esd              ? 
_cell.angle_beta                   90.00 
_cell.angle_beta_esd               ? 
_cell.angle_gamma                  90.00 
_cell.angle_gamma_esd              ? 
_cell.entry_id                     9IY4 
_cell.details                      ? 
_cell.formula_units_Z              ? 
_cell.length_a                     1.00 
_cell.length_a_esd                 ? 
_cell.length_b                     1.00 
_cell.length_b_esd                 ? 
_cell.length_c                     1.00 
_cell.length_c_esd                 ? 
_cell.volume                       ? 
_cell.volume_esd                   ? 
_cell.Z_PDB                        ? 
_cell.reciprocal_angle_alpha       ? 
_cell.reciprocal_angle_beta        ? 
_cell.reciprocal_angle_gamma       ? 
_cell.reciprocal_angle_alpha_esd   ? 
_cell.reciprocal_angle_beta_esd    ? 
_cell.reciprocal_angle_gamma_esd   ? 
_cell.reciprocal_length_a          ? 
_cell.reciprocal_length_b          ? 
_cell.reciprocal_length_c          ? 
_cell.reciprocal_length_a_esd      ? 
_cell.reciprocal_length_b_esd      ? 
_cell.reciprocal_length_c_esd      ? 
_cell.pdbx_unique_axis             ? 
_cell.pdbx_esd_method              ? 
# 
_symmetry.entry_id                         9IY4 
_symmetry.cell_setting                     ? 
_symmetry.Int_Tables_number                1 
_symmetry.space_group_name_Hall            ? 
_symmetry.space_group_name_H-M             'P 1' 
_symmetry.pdbx_full_space_group_name_H-M   ? 
# 
_exptl.absorpt_coefficient_mu     ? 
_exptl.absorpt_correction_T_max   ? 
_exptl.absorpt_correction_T_min   ? 
_exptl.absorpt_correction_type    ? 
_exptl.absorpt_process_details    ? 
_exptl.entry_id                   9IY4 
_exptl.crystals_number            ? 
_exptl.details                    ? 
_exptl.method                     'ELECTRON MICROSCOPY' 
_exptl.method_details             ? 
# 
_refine.pdbx_refine_id                           'ELECTRON MICROSCOPY' 
_refine.entry_id                                 9IY4 
_refine.pdbx_diffrn_id                           ? 
_refine.pdbx_TLS_residual_ADP_flag               ? 
_refine.ls_number_reflns_obs                     ? 
_refine.ls_number_reflns_all                     ? 
_refine.pdbx_ls_sigma_I                          ? 
_refine.pdbx_ls_sigma_F                          ? 
_refine.pdbx_data_cutoff_high_absF               ? 
_refine.pdbx_data_cutoff_low_absF                ? 
_refine.pdbx_data_cutoff_high_rms_absF           ? 
_refine.ls_d_res_low                             ? 
_refine.ls_d_res_high                            . 
_refine.ls_percent_reflns_obs                    ? 
_refine.ls_R_factor_obs                          ? 
_refine.ls_R_factor_all                          ? 
_refine.ls_R_factor_R_work                       ? 
_refine.ls_R_factor_R_free                       ? 
_refine.ls_R_factor_R_free_error                 ? 
_refine.ls_R_factor_R_free_error_details         ? 
_refine.ls_percent_reflns_R_free                 ? 
_refine.ls_number_reflns_R_free                  ? 
_refine.ls_number_parameters                     ? 
_refine.ls_number_restraints                     ? 
_refine.occupancy_min                            ? 
_refine.occupancy_max                            ? 
_refine.correlation_coeff_Fo_to_Fc               ? 
_refine.correlation_coeff_Fo_to_Fc_free          ? 
_refine.B_iso_mean                               ? 
_refine.aniso_B[1][1]                            ? 
_refine.aniso_B[2][2]                            ? 
_refine.aniso_B[3][3]                            ? 
_refine.aniso_B[1][2]                            ? 
_refine.aniso_B[1][3]                            ? 
_refine.aniso_B[2][3]                            ? 
_refine.solvent_model_details                    ? 
_refine.solvent_model_param_ksol                 ? 
_refine.solvent_model_param_bsol                 ? 
_refine.pdbx_solvent_vdw_probe_radii             ? 
_refine.pdbx_solvent_ion_probe_radii             ? 
_refine.pdbx_solvent_shrinkage_radii             ? 
_refine.pdbx_ls_cross_valid_method               ? 
_refine.details                                  ? 
_refine.pdbx_starting_model                      ? 
_refine.pdbx_method_to_determine_struct          ? 
_refine.pdbx_isotropic_thermal_model             ? 
_refine.pdbx_stereochemistry_target_values       ? 
_refine.pdbx_stereochem_target_val_spec_case     ? 
_refine.pdbx_R_Free_selection_details            ? 
_refine.pdbx_overall_ESU_R                       ? 
_refine.pdbx_overall_ESU_R_Free                  ? 
_refine.overall_SU_ML                            ? 
_refine.pdbx_overall_phase_error                 ? 
_refine.overall_SU_B                             ? 
_refine.overall_SU_R_Cruickshank_DPI             ? 
_refine.pdbx_overall_SU_R_free_Cruickshank_DPI   ? 
_refine.pdbx_overall_SU_R_Blow_DPI               ? 
_refine.pdbx_overall_SU_R_free_Blow_DPI          ? 
# 
loop_
_refine_ls_restr.pdbx_refine_id 
_refine_ls_restr.criterion 
_refine_ls_restr.dev_ideal 
_refine_ls_restr.dev_ideal_target 
_refine_ls_restr.number 
_refine_ls_restr.rejects 
_refine_ls_restr.type 
_refine_ls_restr.weight 
_refine_ls_restr.pdbx_restraint_function 
'ELECTRON MICROSCOPY' ? 0.005 ? 1571 ? f_bond_d           ? ? 
'ELECTRON MICROSCOPY' ? 0.624 ? 2144 ? f_angle_d          ? ? 
'ELECTRON MICROSCOPY' ? 9.463 ? 226  ? f_dihedral_angle_d ? ? 
'ELECTRON MICROSCOPY' ? 0.045 ? 225  ? f_chiral_restr     ? ? 
'ELECTRON MICROSCOPY' ? 0.005 ? 281  ? f_plane_restr      ? ? 
# 
_struct.entry_id                     9IY4 
_struct.title                        'Iterative acetyltransferase on lasso peptides from Actinomycetes in complex with AcCoA' 
_struct.pdbx_model_details           ? 
_struct.pdbx_formula_weight          ? 
_struct.pdbx_formula_weight_method   ? 
_struct.pdbx_model_type_details      ? 
_struct.pdbx_CASP_flag               N 
# 
_struct_keywords.entry_id        9IY4 
_struct_keywords.text            'GCN5-related N-acetyltransferases, Actinomycetes, AcCoA, TRANSFERASE' 
_struct_keywords.pdbx_keywords   TRANSFERASE 
# 
loop_
_struct_asym.id 
_struct_asym.pdbx_blank_PDB_chainid_flag 
_struct_asym.pdbx_modified 
_struct_asym.entity_id 
_struct_asym.details 
A N N 1 ? 
B N N 2 ? 
# 
_struct_ref.id                         1 
_struct_ref.db_name                    UNP 
_struct_ref.db_code                    C6WJ45_ACTMD 
_struct_ref.pdbx_db_accession          C6WJ45 
_struct_ref.pdbx_db_isoform            ? 
_struct_ref.entity_id                  1 
_struct_ref.pdbx_seq_one_letter_code   
;MSPQDDLIVWLRGDRAGLGPFSADLVDQYWRWEQDPSVLIGYGRQTPDSLENRREGYGHQARGTDDQLRFTVYDLTGQDP
VPVGTTAVLIDHHVRTGEFVIQLGAGHRGRGLGTEATRLTLDYAFHVSALACVHLAVLTPNTGAIAAYERAGFRRIGERR
DSGFWLGRRVSETLMDAVPEDFPGPSVVRGFVEGGR
;
_struct_ref.pdbx_align_begin           1 
# 
_struct_ref_seq.align_id                      1 
_struct_ref_seq.ref_id                        1 
_struct_ref_seq.pdbx_PDB_id_code              9IY4 
_struct_ref_seq.pdbx_strand_id                A 
_struct_ref_seq.seq_align_beg                 1 
_struct_ref_seq.pdbx_seq_align_beg_ins_code   ? 
_struct_ref_seq.seq_align_end                 196 
_struct_ref_seq.pdbx_seq_align_end_ins_code   ? 
_struct_ref_seq.pdbx_db_accession             C6WJ45 
_struct_ref_seq.db_align_beg                  1 
_struct_ref_seq.pdbx_db_align_beg_ins_code    ? 
_struct_ref_seq.db_align_end                  196 
_struct_ref_seq.pdbx_db_align_end_ins_code    ? 
_struct_ref_seq.pdbx_auth_seq_align_beg       1 
_struct_ref_seq.pdbx_auth_seq_align_end       196 
# 
_pdbx_struct_assembly.id                   1 
_pdbx_struct_assembly.details              author_defined_assembly 
_pdbx_struct_assembly.method_details       'UCSF CHIMERA 1.16_b42360.' 
_pdbx_struct_assembly.oligomeric_details   monomeric 
_pdbx_struct_assembly.oligomeric_count     1 
# 
loop_
_pdbx_struct_assembly_gen.assembly_id 
_pdbx_struct_assembly_gen.oper_expression 
_pdbx_struct_assembly_gen.asym_id_list 
1 1  A,B 
1 2  A,B 
1 3  A,B 
1 4  A,B 
1 5  A,B 
1 6  A,B 
1 7  A,B 
1 8  A,B 
1 9  A,B 
1 10 A,B 
1 11 A,B 
1 12 A,B 
1 13 A,B 
1 14 A,B 
# 
_pdbx_struct_assembly_auth_evidence.id                     1 
_pdbx_struct_assembly_auth_evidence.assembly_id            1 
_pdbx_struct_assembly_auth_evidence.experimental_support   'electron microscopy' 
_pdbx_struct_assembly_auth_evidence.details                'not applicable' 
# 
loop_
_pdbx_struct_oper_list.id 
_pdbx_struct_oper_list.type 
_pdbx_struct_oper_list.name 
_pdbx_struct_oper_list.symmetry_operation 
_pdbx_struct_oper_list.matrix[1][1] 
_pdbx_struct_oper_list.matrix[1][2] 
_pdbx_struct_oper_list.matrix[1][3] 
_pdbx_struct_oper_list.vector[1] 
_pdbx_struct_oper_list.matrix[2][1] 
_pdbx_struct_oper_list.matrix[2][2] 
_pdbx_struct_oper_list.matrix[2][3] 
_pdbx_struct_oper_list.vector[2] 
_pdbx_struct_oper_list.matrix[3][1] 
_pdbx_struct_oper_list.matrix[3][2] 
_pdbx_struct_oper_list.matrix[3][3] 
_pdbx_struct_oper_list.vector[3] 
1  'identity operation'       1_555 x,y,z 1.000000    -0.000000   -0.000000   0.00000   -0.000000   1.000000    0.000000    -0.00000  -0.000000   0.000000    1.000000    0.00000   
2  'point symmetry operation' ?     ?     0.64010320  -0.44260016 0.62799085  -13.69568 0.55939978  0.82878087  0.01392542  -18.53456 -0.52663013 0.34238448  0.77809593  25.84717  
3  'point symmetry operation' ?     ?     -0.16857826 -0.43511409 0.88445310  1.97297   0.81436029  0.44405466  0.37367481  -41.19704 -0.55533673 0.78325684  0.27948159  46.82528  
4  'point symmetry operation' ?     ?     -0.81709029 0.01682164  0.57626464  35.20701  0.57289034  0.13552826  0.80834953  -50.92215 -0.06450244 0.99063078  -0.12037597 47.13745  
5  'point symmetry operation' ?     ?     -0.81709029 0.57289034  -0.06450244 60.98052  0.01682164  0.13552826  0.99063078  -40.38665 0.57626464  0.80834953  -0.12037597 26.54857  
6  'point symmetry operation' ?     ?     -0.16857826 0.81436029  -0.55533673 59.88563  -0.43511409 0.44405466  0.78325684  -17.52401 0.88445310  0.37367481  0.27948159  0.56249   
7  'point symmetry operation' ?     ?     0.64010320  0.55939978  -0.52663013 32.74679  -0.44260016 0.82878087  0.34238448  0.44970   0.62799085  0.01392542  0.77809593  -11.25270 
8  'point symmetry operation' ?     ?     -0.04704127 -0.79543534 0.60421002  -11.01752 -0.79543534 -0.33604955 -0.50433454 -25.71843 0.60421002  -0.50433454 -0.61690917 -16.48120 
9  'point symmetry operation' ?     ?     -0.79327282 -0.43154899 0.42951509  19.98709  -0.43154899 -0.09912795 -0.89662640 -21.63153 0.42951509  -0.89662640 -0.10759923 -31.35401 
10 'point symmetry operation' ?     ?     -0.97538083 0.14050318  -0.16997437 49.95185  0.14050318  -0.19814273 -0.97005072 -37.05933 -0.16997437 -0.97005072 0.17352355  -23.39887 
11 'point symmetry operation' ?     ?     -0.45623327 0.48995376  -0.74283037 56.31271  0.48995376  -0.55853405 -0.66931699 -60.38429 -0.74283037 -0.66931699 0.01476732  1.39376   
12 'point symmetry operation' ?     ?     0.37324131  0.35365942  -0.85768082 34.27979  0.35365942  -0.90892002 -0.22088374 -74.04222 -0.85768082 -0.22088374 -0.46432129 24.35449  
13 'point symmetry operation' ?     ?     0.88843068  -0.16574725 -0.42804084 0.44436   -0.16574725 -0.98545243 0.03756912  -67.74852 -0.42804084 0.03756912  -0.90297825 28.19352  
14 'point symmetry operation' ?     ?     0.70138690  -0.67714259 0.22256200  -19.71481 -0.67714259 -0.73050087 -0.08857859 -46.24245 0.22256200  -0.08857859 -0.97088604 10.01996 
# 
loop_
_struct_conf.conf_type_id 
_struct_conf.id 
_struct_conf.pdbx_PDB_helix_id 
_struct_conf.beg_label_comp_id 
_struct_conf.beg_label_asym_id 
_struct_conf.beg_label_seq_id 
_struct_conf.pdbx_beg_PDB_ins_code 
_struct_conf.end_label_comp_id 
_struct_conf.end_label_asym_id 
_struct_conf.end_label_seq_id 
_struct_conf.pdbx_end_PDB_ins_code 
_struct_conf.beg_auth_comp_id 
_struct_conf.beg_auth_asym_id 
_struct_conf.beg_auth_seq_id 
_struct_conf.end_auth_comp_id 
_struct_conf.end_auth_asym_id 
_struct_conf.end_auth_seq_id 
_struct_conf.pdbx_PDB_helix_class 
_struct_conf.details 
_struct_conf.pdbx_PDB_helix_length 
HELX_P HELX_P1 AA1 SER A 22  ? ASP A 24  ? SER A 22  ASP A 24  5 ? 3  
HELX_P HELX_P2 AA2 LEU A 25  ? GLN A 34  ? LEU A 25  GLN A 34  1 ? 10 
HELX_P HELX_P3 AA3 ASP A 35  ? GLY A 43  ? ASP A 35  GLY A 43  1 ? 9  
HELX_P HELX_P4 AA4 SER A 49  ? GLY A 63  ? SER A 49  GLY A 63  1 ? 15 
HELX_P HELX_P5 AA5 ALA A 105 ? ARG A 108 ? ALA A 105 ARG A 108 5 ? 4  
HELX_P HELX_P6 AA6 GLY A 111 ? VAL A 127 ? GLY A 111 VAL A 127 1 ? 17 
HELX_P HELX_P7 AA7 ASN A 141 ? GLY A 152 ? ASN A 141 GLY A 152 1 ? 12 
HELX_P HELX_P8 AA8 VAL A 178 ? PHE A 182 ? VAL A 178 PHE A 182 5 ? 5  
HELX_P HELX_P9 AA9 SER A 186 ? GLU A 193 ? SER A 186 GLU A 193 1 ? 8  
# 
_struct_conf_type.id          HELX_P 
_struct_conf_type.criteria    ? 
_struct_conf_type.reference   ? 
# 
_struct_sheet.id               AA1 
_struct_sheet.type             ? 
_struct_sheet.number_strands   8 
_struct_sheet.details          ? 
# 
loop_
_struct_sheet_order.sheet_id 
_struct_sheet_order.range_id_1 
_struct_sheet_order.range_id_2 
_struct_sheet_order.offset 
_struct_sheet_order.sense 
AA1 1 2 ? anti-parallel 
AA1 2 3 ? anti-parallel 
AA1 3 4 ? anti-parallel 
AA1 4 5 ? anti-parallel 
AA1 5 6 ? parallel      
AA1 6 7 ? anti-parallel 
AA1 7 8 ? anti-parallel 
# 
loop_
_struct_sheet_range.sheet_id 
_struct_sheet_range.id 
_struct_sheet_range.beg_label_comp_id 
_struct_sheet_range.beg_label_asym_id 
_struct_sheet_range.beg_label_seq_id 
_struct_sheet_range.pdbx_beg_PDB_ins_code 
_struct_sheet_range.end_label_comp_id 
_struct_sheet_range.end_label_asym_id 
_struct_sheet_range.end_label_seq_id 
_struct_sheet_range.pdbx_end_PDB_ins_code 
_struct_sheet_range.beg_auth_comp_id 
_struct_sheet_range.beg_auth_asym_id 
_struct_sheet_range.beg_auth_seq_id 
_struct_sheet_range.end_auth_comp_id 
_struct_sheet_range.end_auth_asym_id 
_struct_sheet_range.end_auth_seq_id 
AA1 1 LEU A 11  ? ARG A 12  ? LEU A 11  ARG A 12  
AA1 2 ALA A 16  ? GLY A 19  ? ALA A 16  GLY A 19  
AA1 3 GLN A 67  ? ASP A 74  ? GLN A 67  ASP A 74  
AA1 4 VAL A 81  ? ASP A 91  ? VAL A 81  ASP A 91  
AA1 5 THR A 96  ? LEU A 103 ? THR A 96  LEU A 103 
AA1 6 CYS A 132 ? LEU A 138 ? CYS A 132 LEU A 138 
AA1 7 ARG A 168 ? ALA A 177 ? ARG A 168 ALA A 177 
AA1 8 ARG A 154 ? TRP A 165 ? ARG A 154 TRP A 165 
# 
loop_
_pdbx_struct_sheet_hbond.sheet_id 
_pdbx_struct_sheet_hbond.range_id_1 
_pdbx_struct_sheet_hbond.range_id_2 
_pdbx_struct_sheet_hbond.range_1_label_atom_id 
_pdbx_struct_sheet_hbond.range_1_label_comp_id 
_pdbx_struct_sheet_hbond.range_1_label_asym_id 
_pdbx_struct_sheet_hbond.range_1_label_seq_id 
_pdbx_struct_sheet_hbond.range_1_PDB_ins_code 
_pdbx_struct_sheet_hbond.range_1_auth_atom_id 
_pdbx_struct_sheet_hbond.range_1_auth_comp_id 
_pdbx_struct_sheet_hbond.range_1_auth_asym_id 
_pdbx_struct_sheet_hbond.range_1_auth_seq_id 
_pdbx_struct_sheet_hbond.range_2_label_atom_id 
_pdbx_struct_sheet_hbond.range_2_label_comp_id 
_pdbx_struct_sheet_hbond.range_2_label_asym_id 
_pdbx_struct_sheet_hbond.range_2_label_seq_id 
_pdbx_struct_sheet_hbond.range_2_PDB_ins_code 
_pdbx_struct_sheet_hbond.range_2_auth_atom_id 
_pdbx_struct_sheet_hbond.range_2_auth_comp_id 
_pdbx_struct_sheet_hbond.range_2_auth_asym_id 
_pdbx_struct_sheet_hbond.range_2_auth_seq_id 
AA1 1 2 N LEU A 11  ? N LEU A 11  O LEU A 18  ? O LEU A 18  
AA1 2 3 N GLY A 17  ? N GLY A 17  O TYR A 73  ? O TYR A 73  
AA1 3 4 N PHE A 70  ? N PHE A 70  O THR A 86  ? O THR A 86  
AA1 4 5 N ASP A 91  ? N ASP A 91  O THR A 96  ? O THR A 96  
AA1 5 6 N PHE A 99  ? N PHE A 99  O HIS A 134 ? O HIS A 134 
AA1 6 7 N VAL A 137 ? N VAL A 137 O THR A 173 ? O THR A 173 
AA1 7 8 O LEU A 174 ? O LEU A 174 N ILE A 156 ? N ILE A 156 
# 
_pdbx_entry_details.entry_id                   9IY4 
_pdbx_entry_details.nonpolymer_details         ? 
_pdbx_entry_details.sequence_details           ? 
_pdbx_entry_details.compound_details           ? 
_pdbx_entry_details.source_details             ? 
_pdbx_entry_details.has_ligand_of_interest     Y 
_pdbx_entry_details.has_protein_modification   N 
# 
_em_3d_fitting.id                1 
_em_3d_fitting.entry_id          9IY4 
_em_3d_fitting.method            ? 
_em_3d_fitting.target_criteria   ? 
_em_3d_fitting.details           ? 
_em_3d_fitting.overall_b_value   ? 
_em_3d_fitting.ref_space         ? 
_em_3d_fitting.ref_protocol      ? 
# 
_em_3d_reconstruction.entry_id                    9IY4 
_em_3d_reconstruction.id                          1 
_em_3d_reconstruction.method                      ? 
_em_3d_reconstruction.algorithm                   ? 
_em_3d_reconstruction.citation_id                 ? 
_em_3d_reconstruction.details                     ? 
_em_3d_reconstruction.resolution                  2.00 
_em_3d_reconstruction.resolution_method           'FSC 0.143 CUT-OFF' 
_em_3d_reconstruction.magnification_calibration   ? 
_em_3d_reconstruction.nominal_pixel_size          ? 
_em_3d_reconstruction.actual_pixel_size           ? 
_em_3d_reconstruction.num_particles               4350000 
_em_3d_reconstruction.euler_angles_details        ? 
_em_3d_reconstruction.num_class_averages          ? 
_em_3d_reconstruction.refinement_type             ? 
_em_3d_reconstruction.image_processing_id         1 
_em_3d_reconstruction.symmetry_type               POINT 
# 
_em_buffer.id            1 
_em_buffer.specimen_id   1 
_em_buffer.name          ? 
_em_buffer.details       ? 
_em_buffer.pH            7.5 
# 
loop_
_em_entity_assembly.id 
_em_entity_assembly.parent_id 
_em_entity_assembly.source 
_em_entity_assembly.type 
_em_entity_assembly.name 
_em_entity_assembly.details 
_em_entity_assembly.synonym 
_em_entity_assembly.oligomeric_details 
_em_entity_assembly.entity_id_list 
1 0 'MULTIPLE SOURCES' COMPLEX 'Complex of iterative acetyltransferase and AcCoA' ? ? ? 1 
2 1 RECOMBINANT        COMPLEX 'Iterative acetyltransferase'                      ? ? ? 1 
# 
_em_imaging.entry_id                        9IY4 
_em_imaging.id                              1 
_em_imaging.astigmatism                     ? 
_em_imaging.electron_beam_tilt_params       ? 
_em_imaging.residual_tilt                   ? 
_em_imaging.microscope_model                'FEI TITAN KRIOS' 
_em_imaging.specimen_holder_type            ? 
_em_imaging.specimen_holder_model           ? 
_em_imaging.details                         ? 
_em_imaging.date                            ? 
_em_imaging.accelerating_voltage            300 
_em_imaging.illumination_mode               'FLOOD BEAM' 
_em_imaging.mode                            'BRIGHT FIELD' 
_em_imaging.nominal_cs                      ? 
_em_imaging.nominal_defocus_min             800 
_em_imaging.nominal_defocus_max             2000 
_em_imaging.calibrated_defocus_min          ? 
_em_imaging.calibrated_defocus_max          ? 
_em_imaging.tilt_angle_min                  ? 
_em_imaging.tilt_angle_max                  ? 
_em_imaging.nominal_magnification           ? 
_em_imaging.calibrated_magnification        ? 
_em_imaging.electron_source                 'FIELD EMISSION GUN' 
_em_imaging.citation_id                     ? 
_em_imaging.temperature                     ? 
_em_imaging.detector_distance               ? 
_em_imaging.recording_temperature_minimum   ? 
_em_imaging.recording_temperature_maximum   ? 
_em_imaging.alignment_procedure             ? 
_em_imaging.c2_aperture_diameter            ? 
_em_imaging.specimen_id                     1 
_em_imaging.cryogen                         ? 
# 
_em_vitrification.entry_id              9IY4 
_em_vitrification.id                    1 
_em_vitrification.specimen_id           1 
_em_vitrification.cryogen_name          ETHANE 
_em_vitrification.humidity              ? 
_em_vitrification.temp                  ? 
_em_vitrification.chamber_temperature   ? 
_em_vitrification.instrument            ? 
_em_vitrification.method                ? 
_em_vitrification.time_resolved_state   ? 
_em_vitrification.citation_id           ? 
_em_vitrification.details               ? 
# 
_em_experiment.entry_id                9IY4 
_em_experiment.id                      1 
_em_experiment.reconstruction_method   'SINGLE PARTICLE' 
_em_experiment.aggregation_state       PARTICLE 
_em_experiment.entity_assembly_id      1 
# 
_em_single_particle_entity.entry_id              9IY4 
_em_single_particle_entity.id                    1 
_em_single_particle_entity.image_processing_id   1 
_em_single_particle_entity.point_symmetry        D7 
# 
loop_
_pdbx_unobs_or_zero_occ_residues.id 
_pdbx_unobs_or_zero_occ_residues.PDB_model_num 
_pdbx_unobs_or_zero_occ_residues.polymer_flag 
_pdbx_unobs_or_zero_occ_residues.occupancy_flag 
_pdbx_unobs_or_zero_occ_residues.auth_asym_id 
_pdbx_unobs_or_zero_occ_residues.auth_comp_id 
_pdbx_unobs_or_zero_occ_residues.auth_seq_id 
_pdbx_unobs_or_zero_occ_residues.PDB_ins_code 
_pdbx_unobs_or_zero_occ_residues.label_asym_id 
_pdbx_unobs_or_zero_occ_residues.label_comp_id 
_pdbx_unobs_or_zero_occ_residues.label_seq_id 
1 1 Y 1 A MET 1   ? A MET 1   
2 1 Y 1 A SER 2   ? A SER 2   
3 1 Y 1 A PRO 3   ? A PRO 3   
4 1 Y 1 A GLN 4   ? A GLN 4   
5 1 Y 1 A GLY 194 ? A GLY 194 
6 1 Y 1 A GLY 195 ? A GLY 195 
7 1 Y 1 A ARG 196 ? A ARG 196 
# 
loop_
_chem_comp_atom.comp_id 
_chem_comp_atom.atom_id 
_chem_comp_atom.type_symbol 
_chem_comp_atom.pdbx_aromatic_flag 
_chem_comp_atom.pdbx_stereo_config 
_chem_comp_atom.pdbx_ordinal 
ACO N1A  N Y N 1   
ACO C2A  C Y N 2   
ACO N3A  N Y N 3   
ACO C4A  C Y N 4   
ACO C5A  C Y N 5   
ACO C6A  C Y N 6   
ACO N6A  N N N 7   
ACO N7A  N Y N 8   
ACO C8A  C Y N 9   
ACO N9A  N Y N 10  
ACO C1B  C N R 11  
ACO C2B  C N R 12  
ACO O2B  O N N 13  
ACO C3B  C N S 14  
ACO O3B  O N N 15  
ACO P3B  P N N 16  
ACO O7A  O N N 17  
ACO O8A  O N N 18  
ACO O9A  O N N 19  
ACO C4B  C N R 20  
ACO O4B  O N N 21  
ACO C5B  C N N 22  
ACO O5B  O N N 23  
ACO P1A  P N S 24  
ACO O1A  O N N 25  
ACO O2A  O N N 26  
ACO O3A  O N N 27  
ACO P2A  P N S 28  
ACO O4A  O N N 29  
ACO O5A  O N N 30  
ACO O6A  O N N 31  
ACO CBP  C N N 32  
ACO CCP  C N N 33  
ACO CDP  C N N 34  
ACO CEP  C N N 35  
ACO CAP  C N R 36  
ACO OAP  O N N 37  
ACO C9P  C N N 38  
ACO O9P  O N N 39  
ACO N8P  N N N 40  
ACO C7P  C N N 41  
ACO C6P  C N N 42  
ACO C5P  C N N 43  
ACO O5P  O N N 44  
ACO N4P  N N N 45  
ACO C3P  C N N 46  
ACO C2P  C N N 47  
ACO S1P  S N N 48  
ACO C    C N N 49  
ACO O    O N N 50  
ACO CH3  C N N 51  
ACO H2A  H N N 52  
ACO H61A H N N 53  
ACO H62A H N N 54  
ACO H8A  H N N 55  
ACO H1B  H N N 56  
ACO H2B  H N N 57  
ACO HO2A H N N 58  
ACO H3B  H N N 59  
ACO HOA8 H N N 60  
ACO HOA9 H N N 61  
ACO H4B  H N N 62  
ACO H51A H N N 63  
ACO H52A H N N 64  
ACO HOA2 H N N 65  
ACO HOA5 H N N 66  
ACO H121 H N N 67  
ACO H122 H N N 68  
ACO H131 H N N 69  
ACO H132 H N N 70  
ACO H133 H N N 71  
ACO H141 H N N 72  
ACO H142 H N N 73  
ACO H143 H N N 74  
ACO H10  H N N 75  
ACO HO1  H N N 76  
ACO HN8  H N N 77  
ACO H71  H N N 78  
ACO H72  H N N 79  
ACO H61  H N N 80  
ACO H62  H N N 81  
ACO HN4  H N N 82  
ACO H31  H N N 83  
ACO H32  H N N 84  
ACO H21  H N N 85  
ACO H22  H N N 86  
ACO HH31 H N N 87  
ACO HH32 H N N 88  
ACO HH33 H N N 89  
ALA N    N N N 90  
ALA CA   C N S 91  
ALA C    C N N 92  
ALA O    O N N 93  
ALA CB   C N N 94  
ALA OXT  O N N 95  
ALA H    H N N 96  
ALA H2   H N N 97  
ALA HA   H N N 98  
ALA HB1  H N N 99  
ALA HB2  H N N 100 
ALA HB3  H N N 101 
ALA HXT  H N N 102 
ARG N    N N N 103 
ARG CA   C N S 104 
ARG C    C N N 105 
ARG O    O N N 106 
ARG CB   C N N 107 
ARG CG   C N N 108 
ARG CD   C N N 109 
ARG NE   N N N 110 
ARG CZ   C N N 111 
ARG NH1  N N N 112 
ARG NH2  N N N 113 
ARG OXT  O N N 114 
ARG H    H N N 115 
ARG H2   H N N 116 
ARG HA   H N N 117 
ARG HB2  H N N 118 
ARG HB3  H N N 119 
ARG HG2  H N N 120 
ARG HG3  H N N 121 
ARG HD2  H N N 122 
ARG HD3  H N N 123 
ARG HE   H N N 124 
ARG HH11 H N N 125 
ARG HH12 H N N 126 
ARG HH21 H N N 127 
ARG HH22 H N N 128 
ARG HXT  H N N 129 
ASN N    N N N 130 
ASN CA   C N S 131 
ASN C    C N N 132 
ASN O    O N N 133 
ASN CB   C N N 134 
ASN CG   C N N 135 
ASN OD1  O N N 136 
ASN ND2  N N N 137 
ASN OXT  O N N 138 
ASN H    H N N 139 
ASN H2   H N N 140 
ASN HA   H N N 141 
ASN HB2  H N N 142 
ASN HB3  H N N 143 
ASN HD21 H N N 144 
ASN HD22 H N N 145 
ASN HXT  H N N 146 
ASP N    N N N 147 
ASP CA   C N S 148 
ASP C    C N N 149 
ASP O    O N N 150 
ASP CB   C N N 151 
ASP CG   C N N 152 
ASP OD1  O N N 153 
ASP OD2  O N N 154 
ASP OXT  O N N 155 
ASP H    H N N 156 
ASP H2   H N N 157 
ASP HA   H N N 158 
ASP HB2  H N N 159 
ASP HB3  H N N 160 
ASP HD2  H N N 161 
ASP HXT  H N N 162 
CYS N    N N N 163 
CYS CA   C N R 164 
CYS C    C N N 165 
CYS O    O N N 166 
CYS CB   C N N 167 
CYS SG   S N N 168 
CYS OXT  O N N 169 
CYS H    H N N 170 
CYS H2   H N N 171 
CYS HA   H N N 172 
CYS HB2  H N N 173 
CYS HB3  H N N 174 
CYS HG   H N N 175 
CYS HXT  H N N 176 
GLN N    N N N 177 
GLN CA   C N S 178 
GLN C    C N N 179 
GLN O    O N N 180 
GLN CB   C N N 181 
GLN CG   C N N 182 
GLN CD   C N N 183 
GLN OE1  O N N 184 
GLN NE2  N N N 185 
GLN OXT  O N N 186 
GLN H    H N N 187 
GLN H2   H N N 188 
GLN HA   H N N 189 
GLN HB2  H N N 190 
GLN HB3  H N N 191 
GLN HG2  H N N 192 
GLN HG3  H N N 193 
GLN HE21 H N N 194 
GLN HE22 H N N 195 
GLN HXT  H N N 196 
GLU N    N N N 197 
GLU CA   C N S 198 
GLU C    C N N 199 
GLU O    O N N 200 
GLU CB   C N N 201 
GLU CG   C N N 202 
GLU CD   C N N 203 
GLU OE1  O N N 204 
GLU OE2  O N N 205 
GLU OXT  O N N 206 
GLU H    H N N 207 
GLU H2   H N N 208 
GLU HA   H N N 209 
GLU HB2  H N N 210 
GLU HB3  H N N 211 
GLU HG2  H N N 212 
GLU HG3  H N N 213 
GLU HE2  H N N 214 
GLU HXT  H N N 215 
GLY N    N N N 216 
GLY CA   C N N 217 
GLY C    C N N 218 
GLY O    O N N 219 
GLY OXT  O N N 220 
GLY H    H N N 221 
GLY H2   H N N 222 
GLY HA2  H N N 223 
GLY HA3  H N N 224 
GLY HXT  H N N 225 
HIS N    N N N 226 
HIS CA   C N S 227 
HIS C    C N N 228 
HIS O    O N N 229 
HIS CB   C N N 230 
HIS CG   C Y N 231 
HIS ND1  N Y N 232 
HIS CD2  C Y N 233 
HIS CE1  C Y N 234 
HIS NE2  N Y N 235 
HIS OXT  O N N 236 
HIS H    H N N 237 
HIS H2   H N N 238 
HIS HA   H N N 239 
HIS HB2  H N N 240 
HIS HB3  H N N 241 
HIS HD1  H N N 242 
HIS HD2  H N N 243 
HIS HE1  H N N 244 
HIS HE2  H N N 245 
HIS HXT  H N N 246 
ILE N    N N N 247 
ILE CA   C N S 248 
ILE C    C N N 249 
ILE O    O N N 250 
ILE CB   C N S 251 
ILE CG1  C N N 252 
ILE CG2  C N N 253 
ILE CD1  C N N 254 
ILE OXT  O N N 255 
ILE H    H N N 256 
ILE H2   H N N 257 
ILE HA   H N N 258 
ILE HB   H N N 259 
ILE HG12 H N N 260 
ILE HG13 H N N 261 
ILE HG21 H N N 262 
ILE HG22 H N N 263 
ILE HG23 H N N 264 
ILE HD11 H N N 265 
ILE HD12 H N N 266 
ILE HD13 H N N 267 
ILE HXT  H N N 268 
LEU N    N N N 269 
LEU CA   C N S 270 
LEU C    C N N 271 
LEU O    O N N 272 
LEU CB   C N N 273 
LEU CG   C N N 274 
LEU CD1  C N N 275 
LEU CD2  C N N 276 
LEU OXT  O N N 277 
LEU H    H N N 278 
LEU H2   H N N 279 
LEU HA   H N N 280 
LEU HB2  H N N 281 
LEU HB3  H N N 282 
LEU HG   H N N 283 
LEU HD11 H N N 284 
LEU HD12 H N N 285 
LEU HD13 H N N 286 
LEU HD21 H N N 287 
LEU HD22 H N N 288 
LEU HD23 H N N 289 
LEU HXT  H N N 290 
MET N    N N N 291 
MET CA   C N S 292 
MET C    C N N 293 
MET O    O N N 294 
MET CB   C N N 295 
MET CG   C N N 296 
MET SD   S N N 297 
MET CE   C N N 298 
MET OXT  O N N 299 
MET H    H N N 300 
MET H2   H N N 301 
MET HA   H N N 302 
MET HB2  H N N 303 
MET HB3  H N N 304 
MET HG2  H N N 305 
MET HG3  H N N 306 
MET HE1  H N N 307 
MET HE2  H N N 308 
MET HE3  H N N 309 
MET HXT  H N N 310 
PHE N    N N N 311 
PHE CA   C N S 312 
PHE C    C N N 313 
PHE O    O N N 314 
PHE CB   C N N 315 
PHE CG   C Y N 316 
PHE CD1  C Y N 317 
PHE CD2  C Y N 318 
PHE CE1  C Y N 319 
PHE CE2  C Y N 320 
PHE CZ   C Y N 321 
PHE OXT  O N N 322 
PHE H    H N N 323 
PHE H2   H N N 324 
PHE HA   H N N 325 
PHE HB2  H N N 326 
PHE HB3  H N N 327 
PHE HD1  H N N 328 
PHE HD2  H N N 329 
PHE HE1  H N N 330 
PHE HE2  H N N 331 
PHE HZ   H N N 332 
PHE HXT  H N N 333 
PRO N    N N N 334 
PRO CA   C N S 335 
PRO C    C N N 336 
PRO O    O N N 337 
PRO CB   C N N 338 
PRO CG   C N N 339 
PRO CD   C N N 340 
PRO OXT  O N N 341 
PRO H    H N N 342 
PRO HA   H N N 343 
PRO HB2  H N N 344 
PRO HB3  H N N 345 
PRO HG2  H N N 346 
PRO HG3  H N N 347 
PRO HD2  H N N 348 
PRO HD3  H N N 349 
PRO HXT  H N N 350 
SER N    N N N 351 
SER CA   C N S 352 
SER C    C N N 353 
SER O    O N N 354 
SER CB   C N N 355 
SER OG   O N N 356 
SER OXT  O N N 357 
SER H    H N N 358 
SER H2   H N N 359 
SER HA   H N N 360 
SER HB2  H N N 361 
SER HB3  H N N 362 
SER HG   H N N 363 
SER HXT  H N N 364 
THR N    N N N 365 
THR CA   C N S 366 
THR C    C N N 367 
THR O    O N N 368 
THR CB   C N R 369 
THR OG1  O N N 370 
THR CG2  C N N 371 
THR OXT  O N N 372 
THR H    H N N 373 
THR H2   H N N 374 
THR HA   H N N 375 
THR HB   H N N 376 
THR HG1  H N N 377 
THR HG21 H N N 378 
THR HG22 H N N 379 
THR HG23 H N N 380 
THR HXT  H N N 381 
TRP N    N N N 382 
TRP CA   C N S 383 
TRP C    C N N 384 
TRP O    O N N 385 
TRP CB   C N N 386 
TRP CG   C Y N 387 
TRP CD1  C Y N 388 
TRP CD2  C Y N 389 
TRP NE1  N Y N 390 
TRP CE2  C Y N 391 
TRP CE3  C Y N 392 
TRP CZ2  C Y N 393 
TRP CZ3  C Y N 394 
TRP CH2  C Y N 395 
TRP OXT  O N N 396 
TRP H    H N N 397 
TRP H2   H N N 398 
TRP HA   H N N 399 
TRP HB2  H N N 400 
TRP HB3  H N N 401 
TRP HD1  H N N 402 
TRP HE1  H N N 403 
TRP HE3  H N N 404 
TRP HZ2  H N N 405 
TRP HZ3  H N N 406 
TRP HH2  H N N 407 
TRP HXT  H N N 408 
TYR N    N N N 409 
TYR CA   C N S 410 
TYR C    C N N 411 
TYR O    O N N 412 
TYR CB   C N N 413 
TYR CG   C Y N 414 
TYR CD1  C Y N 415 
TYR CD2  C Y N 416 
TYR CE1  C Y N 417 
TYR CE2  C Y N 418 
TYR CZ   C Y N 419 
TYR OH   O N N 420 
TYR OXT  O N N 421 
TYR H    H N N 422 
TYR H2   H N N 423 
TYR HA   H N N 424 
TYR HB2  H N N 425 
TYR HB3  H N N 426 
TYR HD1  H N N 427 
TYR HD2  H N N 428 
TYR HE1  H N N 429 
TYR HE2  H N N 430 
TYR HH   H N N 431 
TYR HXT  H N N 432 
VAL N    N N N 433 
VAL CA   C N S 434 
VAL C    C N N 435 
VAL O    O N N 436 
VAL CB   C N N 437 
VAL CG1  C N N 438 
VAL CG2  C N N 439 
VAL OXT  O N N 440 
VAL H    H N N 441 
VAL H2   H N N 442 
VAL HA   H N N 443 
VAL HB   H N N 444 
VAL HG11 H N N 445 
VAL HG12 H N N 446 
VAL HG13 H N N 447 
VAL HG21 H N N 448 
VAL HG22 H N N 449 
VAL HG23 H N N 450 
VAL HXT  H N N 451 
# 
loop_
_chem_comp_bond.comp_id 
_chem_comp_bond.atom_id_1 
_chem_comp_bond.atom_id_2 
_chem_comp_bond.value_order 
_chem_comp_bond.pdbx_aromatic_flag 
_chem_comp_bond.pdbx_stereo_config 
_chem_comp_bond.pdbx_ordinal 
ACO N1A C2A  sing Y N 1   
ACO N1A C6A  doub Y N 2   
ACO C2A N3A  doub Y N 3   
ACO C2A H2A  sing N N 4   
ACO N3A C4A  sing Y N 5   
ACO C4A C5A  doub Y N 6   
ACO C4A N9A  sing Y N 7   
ACO C5A C6A  sing Y N 8   
ACO C5A N7A  sing Y N 9   
ACO C6A N6A  sing N N 10  
ACO N6A H61A sing N N 11  
ACO N6A H62A sing N N 12  
ACO N7A C8A  doub Y N 13  
ACO C8A N9A  sing Y N 14  
ACO C8A H8A  sing N N 15  
ACO N9A C1B  sing N N 16  
ACO C1B C2B  sing N N 17  
ACO C1B O4B  sing N N 18  
ACO C1B H1B  sing N N 19  
ACO C2B O2B  sing N N 20  
ACO C2B C3B  sing N N 21  
ACO C2B H2B  sing N N 22  
ACO O2B HO2A sing N N 23  
ACO C3B O3B  sing N N 24  
ACO C3B C4B  sing N N 25  
ACO C3B H3B  sing N N 26  
ACO O3B P3B  sing N N 27  
ACO P3B O7A  doub N N 28  
ACO P3B O8A  sing N N 29  
ACO P3B O9A  sing N N 30  
ACO O8A HOA8 sing N N 31  
ACO O9A HOA9 sing N N 32  
ACO C4B O4B  sing N N 33  
ACO C4B C5B  sing N N 34  
ACO C4B H4B  sing N N 35  
ACO C5B O5B  sing N N 36  
ACO C5B H51A sing N N 37  
ACO C5B H52A sing N N 38  
ACO O5B P1A  sing N N 39  
ACO P1A O1A  doub N N 40  
ACO P1A O2A  sing N N 41  
ACO P1A O3A  sing N N 42  
ACO O2A HOA2 sing N N 43  
ACO O3A P2A  sing N N 44  
ACO P2A O4A  doub N N 45  
ACO P2A O5A  sing N N 46  
ACO P2A O6A  sing N N 47  
ACO O5A HOA5 sing N N 48  
ACO O6A CCP  sing N N 49  
ACO CBP CCP  sing N N 50  
ACO CBP CDP  sing N N 51  
ACO CBP CEP  sing N N 52  
ACO CBP CAP  sing N N 53  
ACO CCP H121 sing N N 54  
ACO CCP H122 sing N N 55  
ACO CDP H131 sing N N 56  
ACO CDP H132 sing N N 57  
ACO CDP H133 sing N N 58  
ACO CEP H141 sing N N 59  
ACO CEP H142 sing N N 60  
ACO CEP H143 sing N N 61  
ACO CAP OAP  sing N N 62  
ACO CAP C9P  sing N N 63  
ACO CAP H10  sing N N 64  
ACO OAP HO1  sing N N 65  
ACO C9P O9P  doub N N 66  
ACO C9P N8P  sing N N 67  
ACO N8P C7P  sing N N 68  
ACO N8P HN8  sing N N 69  
ACO C7P C6P  sing N N 70  
ACO C7P H71  sing N N 71  
ACO C7P H72  sing N N 72  
ACO C6P C5P  sing N N 73  
ACO C6P H61  sing N N 74  
ACO C6P H62  sing N N 75  
ACO C5P O5P  doub N N 76  
ACO C5P N4P  sing N N 77  
ACO N4P C3P  sing N N 78  
ACO N4P HN4  sing N N 79  
ACO C3P C2P  sing N N 80  
ACO C3P H31  sing N N 81  
ACO C3P H32  sing N N 82  
ACO C2P S1P  sing N N 83  
ACO C2P H21  sing N N 84  
ACO C2P H22  sing N N 85  
ACO S1P C    sing N N 86  
ACO C   O    doub N N 87  
ACO C   CH3  sing N N 88  
ACO CH3 HH31 sing N N 89  
ACO CH3 HH32 sing N N 90  
ACO CH3 HH33 sing N N 91  
ALA N   CA   sing N N 92  
ALA N   H    sing N N 93  
ALA N   H2   sing N N 94  
ALA CA  C    sing N N 95  
ALA CA  CB   sing N N 96  
ALA CA  HA   sing N N 97  
ALA C   O    doub N N 98  
ALA C   OXT  sing N N 99  
ALA CB  HB1  sing N N 100 
ALA CB  HB2  sing N N 101 
ALA CB  HB3  sing N N 102 
ALA OXT HXT  sing N N 103 
ARG N   CA   sing N N 104 
ARG N   H    sing N N 105 
ARG N   H2   sing N N 106 
ARG CA  C    sing N N 107 
ARG CA  CB   sing N N 108 
ARG CA  HA   sing N N 109 
ARG C   O    doub N N 110 
ARG C   OXT  sing N N 111 
ARG CB  CG   sing N N 112 
ARG CB  HB2  sing N N 113 
ARG CB  HB3  sing N N 114 
ARG CG  CD   sing N N 115 
ARG CG  HG2  sing N N 116 
ARG CG  HG3  sing N N 117 
ARG CD  NE   sing N N 118 
ARG CD  HD2  sing N N 119 
ARG CD  HD3  sing N N 120 
ARG NE  CZ   sing N N 121 
ARG NE  HE   sing N N 122 
ARG CZ  NH1  sing N N 123 
ARG CZ  NH2  doub N N 124 
ARG NH1 HH11 sing N N 125 
ARG NH1 HH12 sing N N 126 
ARG NH2 HH21 sing N N 127 
ARG NH2 HH22 sing N N 128 
ARG OXT HXT  sing N N 129 
ASN N   CA   sing N N 130 
ASN N   H    sing N N 131 
ASN N   H2   sing N N 132 
ASN CA  C    sing N N 133 
ASN CA  CB   sing N N 134 
ASN CA  HA   sing N N 135 
ASN C   O    doub N N 136 
ASN C   OXT  sing N N 137 
ASN CB  CG   sing N N 138 
ASN CB  HB2  sing N N 139 
ASN CB  HB3  sing N N 140 
ASN CG  OD1  doub N N 141 
ASN CG  ND2  sing N N 142 
ASN ND2 HD21 sing N N 143 
ASN ND2 HD22 sing N N 144 
ASN OXT HXT  sing N N 145 
ASP N   CA   sing N N 146 
ASP N   H    sing N N 147 
ASP N   H2   sing N N 148 
ASP CA  C    sing N N 149 
ASP CA  CB   sing N N 150 
ASP CA  HA   sing N N 151 
ASP C   O    doub N N 152 
ASP C   OXT  sing N N 153 
ASP CB  CG   sing N N 154 
ASP CB  HB2  sing N N 155 
ASP CB  HB3  sing N N 156 
ASP CG  OD1  doub N N 157 
ASP CG  OD2  sing N N 158 
ASP OD2 HD2  sing N N 159 
ASP OXT HXT  sing N N 160 
CYS N   CA   sing N N 161 
CYS N   H    sing N N 162 
CYS N   H2   sing N N 163 
CYS CA  C    sing N N 164 
CYS CA  CB   sing N N 165 
CYS CA  HA   sing N N 166 
CYS C   O    doub N N 167 
CYS C   OXT  sing N N 168 
CYS CB  SG   sing N N 169 
CYS CB  HB2  sing N N 170 
CYS CB  HB3  sing N N 171 
CYS SG  HG   sing N N 172 
CYS OXT HXT  sing N N 173 
GLN N   CA   sing N N 174 
GLN N   H    sing N N 175 
GLN N   H2   sing N N 176 
GLN CA  C    sing N N 177 
GLN CA  CB   sing N N 178 
GLN CA  HA   sing N N 179 
GLN C   O    doub N N 180 
GLN C   OXT  sing N N 181 
GLN CB  CG   sing N N 182 
GLN CB  HB2  sing N N 183 
GLN CB  HB3  sing N N 184 
GLN CG  CD   sing N N 185 
GLN CG  HG2  sing N N 186 
GLN CG  HG3  sing N N 187 
GLN CD  OE1  doub N N 188 
GLN CD  NE2  sing N N 189 
GLN NE2 HE21 sing N N 190 
GLN NE2 HE22 sing N N 191 
GLN OXT HXT  sing N N 192 
GLU N   CA   sing N N 193 
GLU N   H    sing N N 194 
GLU N   H2   sing N N 195 
GLU CA  C    sing N N 196 
GLU CA  CB   sing N N 197 
GLU CA  HA   sing N N 198 
GLU C   O    doub N N 199 
GLU C   OXT  sing N N 200 
GLU CB  CG   sing N N 201 
GLU CB  HB2  sing N N 202 
GLU CB  HB3  sing N N 203 
GLU CG  CD   sing N N 204 
GLU CG  HG2  sing N N 205 
GLU CG  HG3  sing N N 206 
GLU CD  OE1  doub N N 207 
GLU CD  OE2  sing N N 208 
GLU OE2 HE2  sing N N 209 
GLU OXT HXT  sing N N 210 
GLY N   CA   sing N N 211 
GLY N   H    sing N N 212 
GLY N   H2   sing N N 213 
GLY CA  C    sing N N 214 
GLY CA  HA2  sing N N 215 
GLY CA  HA3  sing N N 216 
GLY C   O    doub N N 217 
GLY C   OXT  sing N N 218 
GLY OXT HXT  sing N N 219 
HIS N   CA   sing N N 220 
HIS N   H    sing N N 221 
HIS N   H2   sing N N 222 
HIS CA  C    sing N N 223 
HIS CA  CB   sing N N 224 
HIS CA  HA   sing N N 225 
HIS C   O    doub N N 226 
HIS C   OXT  sing N N 227 
HIS CB  CG   sing N N 228 
HIS CB  HB2  sing N N 229 
HIS CB  HB3  sing N N 230 
HIS CG  ND1  sing Y N 231 
HIS CG  CD2  doub Y N 232 
HIS ND1 CE1  doub Y N 233 
HIS ND1 HD1  sing N N 234 
HIS CD2 NE2  sing Y N 235 
HIS CD2 HD2  sing N N 236 
HIS CE1 NE2  sing Y N 237 
HIS CE1 HE1  sing N N 238 
HIS NE2 HE2  sing N N 239 
HIS OXT HXT  sing N N 240 
ILE N   CA   sing N N 241 
ILE N   H    sing N N 242 
ILE N   H2   sing N N 243 
ILE CA  C    sing N N 244 
ILE CA  CB   sing N N 245 
ILE CA  HA   sing N N 246 
ILE C   O    doub N N 247 
ILE C   OXT  sing N N 248 
ILE CB  CG1  sing N N 249 
ILE CB  CG2  sing N N 250 
ILE CB  HB   sing N N 251 
ILE CG1 CD1  sing N N 252 
ILE CG1 HG12 sing N N 253 
ILE CG1 HG13 sing N N 254 
ILE CG2 HG21 sing N N 255 
ILE CG2 HG22 sing N N 256 
ILE CG2 HG23 sing N N 257 
ILE CD1 HD11 sing N N 258 
ILE CD1 HD12 sing N N 259 
ILE CD1 HD13 sing N N 260 
ILE OXT HXT  sing N N 261 
LEU N   CA   sing N N 262 
LEU N   H    sing N N 263 
LEU N   H2   sing N N 264 
LEU CA  C    sing N N 265 
LEU CA  CB   sing N N 266 
LEU CA  HA   sing N N 267 
LEU C   O    doub N N 268 
LEU C   OXT  sing N N 269 
LEU CB  CG   sing N N 270 
LEU CB  HB2  sing N N 271 
LEU CB  HB3  sing N N 272 
LEU CG  CD1  sing N N 273 
LEU CG  CD2  sing N N 274 
LEU CG  HG   sing N N 275 
LEU CD1 HD11 sing N N 276 
LEU CD1 HD12 sing N N 277 
LEU CD1 HD13 sing N N 278 
LEU CD2 HD21 sing N N 279 
LEU CD2 HD22 sing N N 280 
LEU CD2 HD23 sing N N 281 
LEU OXT HXT  sing N N 282 
MET N   CA   sing N N 283 
MET N   H    sing N N 284 
MET N   H2   sing N N 285 
MET CA  C    sing N N 286 
MET CA  CB   sing N N 287 
MET CA  HA   sing N N 288 
MET C   O    doub N N 289 
MET C   OXT  sing N N 290 
MET CB  CG   sing N N 291 
MET CB  HB2  sing N N 292 
MET CB  HB3  sing N N 293 
MET CG  SD   sing N N 294 
MET CG  HG2  sing N N 295 
MET CG  HG3  sing N N 296 
MET SD  CE   sing N N 297 
MET CE  HE1  sing N N 298 
MET CE  HE2  sing N N 299 
MET CE  HE3  sing N N 300 
MET OXT HXT  sing N N 301 
PHE N   CA   sing N N 302 
PHE N   H    sing N N 303 
PHE N   H2   sing N N 304 
PHE CA  C    sing N N 305 
PHE CA  CB   sing N N 306 
PHE CA  HA   sing N N 307 
PHE C   O    doub N N 308 
PHE C   OXT  sing N N 309 
PHE CB  CG   sing N N 310 
PHE CB  HB2  sing N N 311 
PHE CB  HB3  sing N N 312 
PHE CG  CD1  doub Y N 313 
PHE CG  CD2  sing Y N 314 
PHE CD1 CE1  sing Y N 315 
PHE CD1 HD1  sing N N 316 
PHE CD2 CE2  doub Y N 317 
PHE CD2 HD2  sing N N 318 
PHE CE1 CZ   doub Y N 319 
PHE CE1 HE1  sing N N 320 
PHE CE2 CZ   sing Y N 321 
PHE CE2 HE2  sing N N 322 
PHE CZ  HZ   sing N N 323 
PHE OXT HXT  sing N N 324 
PRO N   CA   sing N N 325 
PRO N   CD   sing N N 326 
PRO N   H    sing N N 327 
PRO CA  C    sing N N 328 
PRO CA  CB   sing N N 329 
PRO CA  HA   sing N N 330 
PRO C   O    doub N N 331 
PRO C   OXT  sing N N 332 
PRO CB  CG   sing N N 333 
PRO CB  HB2  sing N N 334 
PRO CB  HB3  sing N N 335 
PRO CG  CD   sing N N 336 
PRO CG  HG2  sing N N 337 
PRO CG  HG3  sing N N 338 
PRO CD  HD2  sing N N 339 
PRO CD  HD3  sing N N 340 
PRO OXT HXT  sing N N 341 
SER N   CA   sing N N 342 
SER N   H    sing N N 343 
SER N   H2   sing N N 344 
SER CA  C    sing N N 345 
SER CA  CB   sing N N 346 
SER CA  HA   sing N N 347 
SER C   O    doub N N 348 
SER C   OXT  sing N N 349 
SER CB  OG   sing N N 350 
SER CB  HB2  sing N N 351 
SER CB  HB3  sing N N 352 
SER OG  HG   sing N N 353 
SER OXT HXT  sing N N 354 
THR N   CA   sing N N 355 
THR N   H    sing N N 356 
THR N   H2   sing N N 357 
THR CA  C    sing N N 358 
THR CA  CB   sing N N 359 
THR CA  HA   sing N N 360 
THR C   O    doub N N 361 
THR C   OXT  sing N N 362 
THR CB  OG1  sing N N 363 
THR CB  CG2  sing N N 364 
THR CB  HB   sing N N 365 
THR OG1 HG1  sing N N 366 
THR CG2 HG21 sing N N 367 
THR CG2 HG22 sing N N 368 
THR CG2 HG23 sing N N 369 
THR OXT HXT  sing N N 370 
TRP N   CA   sing N N 371 
TRP N   H    sing N N 372 
TRP N   H2   sing N N 373 
TRP CA  C    sing N N 374 
TRP CA  CB   sing N N 375 
TRP CA  HA   sing N N 376 
TRP C   O    doub N N 377 
TRP C   OXT  sing N N 378 
TRP CB  CG   sing N N 379 
TRP CB  HB2  sing N N 380 
TRP CB  HB3  sing N N 381 
TRP CG  CD1  doub Y N 382 
TRP CG  CD2  sing Y N 383 
TRP CD1 NE1  sing Y N 384 
TRP CD1 HD1  sing N N 385 
TRP CD2 CE2  doub Y N 386 
TRP CD2 CE3  sing Y N 387 
TRP NE1 CE2  sing Y N 388 
TRP NE1 HE1  sing N N 389 
TRP CE2 CZ2  sing Y N 390 
TRP CE3 CZ3  doub Y N 391 
TRP CE3 HE3  sing N N 392 
TRP CZ2 CH2  doub Y N 393 
TRP CZ2 HZ2  sing N N 394 
TRP CZ3 CH2  sing Y N 395 
TRP CZ3 HZ3  sing N N 396 
TRP CH2 HH2  sing N N 397 
TRP OXT HXT  sing N N 398 
TYR N   CA   sing N N 399 
TYR N   H    sing N N 400 
TYR N   H2   sing N N 401 
TYR CA  C    sing N N 402 
TYR CA  CB   sing N N 403 
TYR CA  HA   sing N N 404 
TYR C   O    doub N N 405 
TYR C   OXT  sing N N 406 
TYR CB  CG   sing N N 407 
TYR CB  HB2  sing N N 408 
TYR CB  HB3  sing N N 409 
TYR CG  CD1  doub Y N 410 
TYR CG  CD2  sing Y N 411 
TYR CD1 CE1  sing Y N 412 
TYR CD1 HD1  sing N N 413 
TYR CD2 CE2  doub Y N 414 
TYR CD2 HD2  sing N N 415 
TYR CE1 CZ   doub Y N 416 
TYR CE1 HE1  sing N N 417 
TYR CE2 CZ   sing Y N 418 
TYR CE2 HE2  sing N N 419 
TYR CZ  OH   sing N N 420 
TYR OH  HH   sing N N 421 
TYR OXT HXT  sing N N 422 
VAL N   CA   sing N N 423 
VAL N   H    sing N N 424 
VAL N   H2   sing N N 425 
VAL CA  C    sing N N 426 
VAL CA  CB   sing N N 427 
VAL CA  HA   sing N N 428 
VAL C   O    doub N N 429 
VAL C   OXT  sing N N 430 
VAL CB  CG1  sing N N 431 
VAL CB  CG2  sing N N 432 
VAL CB  HB   sing N N 433 
VAL CG1 HG11 sing N N 434 
VAL CG1 HG12 sing N N 435 
VAL CG1 HG13 sing N N 436 
VAL CG2 HG21 sing N N 437 
VAL CG2 HG22 sing N N 438 
VAL CG2 HG23 sing N N 439 
VAL OXT HXT  sing N N 440 
# 
_em_admin.current_status     REL 
_em_admin.deposition_date    2024-07-29 
_em_admin.deposition_site    PDBJ 
_em_admin.entry_id           9IY4 
_em_admin.last_update        2025-08-13 
_em_admin.map_release_date   2025-08-13 
_em_admin.title              'Iterative acetyltransferase on lasso peptides from Actinomycetes in complex with AcCoA' 
# 
_em_ctf_correction.details                  ? 
_em_ctf_correction.em_image_processing_id   1 
_em_ctf_correction.id                       1 
_em_ctf_correction.type                     'PHASE FLIPPING AND AMPLITUDE CORRECTION' 
# 
loop_
_em_entity_assembly_naturalsource.cell 
_em_entity_assembly_naturalsource.cellular_location 
_em_entity_assembly_naturalsource.entity_assembly_id 
_em_entity_assembly_naturalsource.id 
_em_entity_assembly_naturalsource.ncbi_tax_id 
_em_entity_assembly_naturalsource.organism 
_em_entity_assembly_naturalsource.organelle 
_em_entity_assembly_naturalsource.organ 
_em_entity_assembly_naturalsource.strain 
_em_entity_assembly_naturalsource.tissue 
_em_entity_assembly_naturalsource.details 
? ? 1 2 446462 'Actinosynnema mirum DSM 43827' ? ? ? ? ? 
? ? 2 3 1760   Actinomycetes                   ? ? ? ? ? 
# 
_em_image_processing.details              ? 
_em_image_processing.id                   1 
_em_image_processing.image_recording_id   1 
# 
_em_image_recording.average_exposure_time               ? 
_em_image_recording.avg_electron_dose_per_subtomogram   ? 
_em_image_recording.avg_electron_dose_per_image         60 
_em_image_recording.details                             ? 
_em_image_recording.detector_mode                       ? 
_em_image_recording.film_or_detector_model              'GATAN K3 (6k x 4k)' 
_em_image_recording.id                                  1 
_em_image_recording.imaging_id                          1 
_em_image_recording.num_diffraction_images              ? 
_em_image_recording.num_grids_imaged                    ? 
_em_image_recording.num_real_images                     ? 
# 
loop_
_em_software.category 
_em_software.details 
_em_software.id 
_em_software.image_processing_id 
_em_software.fitting_id 
_em_software.imaging_id 
_em_software.name 
_em_software.version 
'PARTICLE SELECTION'       ? 1  1 ? ? ?         ?   
'IMAGE ACQUISITION'        ? 2  ? ? 1 ?         ?   
MASKING                    ? 3  ? ? ? ?         ?   
'CTF CORRECTION'           ? 4  1 ? ? CTFFIND   4   
'LAYERLINE INDEXING'       ? 5  ? ? ? ?         ?   
'DIFFRACTION INDEXING'     ? 6  ? ? ? ?         ?   
'MODEL FITTING'            ? 7  ? ? ? ?         ?   
'MODEL REFINEMENT'         ? 8  ? ? ? PHENIX    ?   
OTHER                      ? 9  ? ? ? ?         ?   
'INITIAL EULER ASSIGNMENT' ? 10 1 ? ? cryoSPARC 4.2 
'FINAL EULER ASSIGNMENT'   ? 11 1 ? ? cryoSPARC 4.2 
CLASSIFICATION             ? 12 1 ? ? cryoSPARC 4.2 
RECONSTRUCTION             ? 13 1 ? ? cryoSPARC 4.2 
# 
_em_specimen.concentration           ? 
_em_specimen.details                 ? 
_em_specimen.embedding_applied       NO 
_em_specimen.experiment_id           1 
_em_specimen.id                      1 
_em_specimen.shadowing_applied       NO 
_em_specimen.staining_applied        NO 
_em_specimen.vitrification_applied   YES 
# 
loop_
_pdbx_audit_support.funding_organization 
_pdbx_audit_support.country 
_pdbx_audit_support.grant_number 
_pdbx_audit_support.ordinal 
'National Natural Science Foundation of China (NSFC)' China 22077056   1 
'National Natural Science Foundation of China (NSFC)' China 22377046   2 
'National Natural Science Foundation of China (NSFC)' China 32171300   3 
'National Natural Science Foundation of China (NSFC)' China 2210070084 4 
'National Natural Science Foundation of China (NSFC)' China 21907046   5 
'Other government'                                    ?     22ZD6FA006 6 
'Other government'                                    ?     23ZDFA015  7 
# 
_atom_sites.entry_id                    9IY4 
_atom_sites.Cartn_transf_matrix[1][1]   ? 
_atom_sites.Cartn_transf_matrix[1][2]   ? 
_atom_sites.Cartn_transf_matrix[1][3]   ? 
_atom_sites.Cartn_transf_matrix[2][1]   ? 
_atom_sites.Cartn_transf_matrix[2][2]   ? 
_atom_sites.Cartn_transf_matrix[2][3]   ? 
_atom_sites.Cartn_transf_matrix[3][1]   ? 
_atom_sites.Cartn_transf_matrix[3][2]   ? 
_atom_sites.Cartn_transf_matrix[3][3]   ? 
_atom_sites.Cartn_transf_vector[1]      ? 
_atom_sites.Cartn_transf_vector[2]      ? 
_atom_sites.Cartn_transf_vector[3]      ? 
_atom_sites.Cartn_transform_axes        ? 
_atom_sites.fract_transf_matrix[1][1]   1.000000 
_atom_sites.fract_transf_matrix[1][2]   0.000000 
_atom_sites.fract_transf_matrix[1][3]   0.000000 
_atom_sites.fract_transf_matrix[2][1]   0.000000 
_atom_sites.fract_transf_matrix[2][2]   1.000000 
_atom_sites.fract_transf_matrix[2][3]   0.000000 
_atom_sites.fract_transf_matrix[3][1]   0.000000 
_atom_sites.fract_transf_matrix[3][2]   0.000000 
_atom_sites.fract_transf_matrix[3][3]   1.000000 
_atom_sites.fract_transf_vector[1]      0.00000 
_atom_sites.fract_transf_vector[2]      0.00000 
_atom_sites.fract_transf_vector[3]      0.00000 
_atom_sites.solution_primary            ? 
_atom_sites.solution_secondary          ? 
_atom_sites.solution_hydrogens          ? 
_atom_sites.special_details             ? 
# 
loop_
_atom_type.symbol 
C 
N 
O 
P 
S 
# 
loop_
_atom_site.group_PDB 
_atom_site.id 
_atom_site.type_symbol 
_atom_site.label_atom_id 
_atom_site.label_alt_id 
_atom_site.label_comp_id 
_atom_site.label_asym_id 
_atom_site.label_entity_id 
_atom_site.label_seq_id 
_atom_site.pdbx_PDB_ins_code 
_atom_site.Cartn_x 
_atom_site.Cartn_y 
_atom_site.Cartn_z 
_atom_site.occupancy 
_atom_site.B_iso_or_equiv 
_atom_site.pdbx_formal_charge 
_atom_site.auth_seq_id 
_atom_site.auth_comp_id 
_atom_site.auth_asym_id 
_atom_site.auth_atom_id 
_atom_site.pdbx_PDB_model_num 
ATOM   1    N N   . ASP A 1 5   ? 17.986  9.467   11.915  1.00 88.79 ? 5   ASP A N   1 
ATOM   2    C CA  . ASP A 1 5   ? 18.766  9.173   10.720  1.00 89.41 ? 5   ASP A CA  1 
ATOM   3    C C   . ASP A 1 5   ? 18.584  7.721   10.299  1.00 88.16 ? 5   ASP A C   1 
ATOM   4    O O   . ASP A 1 5   ? 18.792  7.372   9.139   1.00 86.78 ? 5   ASP A O   1 
ATOM   5    C CB  . ASP A 1 5   ? 20.249  9.468   10.957  1.00 89.67 ? 5   ASP A CB  1 
ATOM   6    C CG  . ASP A 1 5   ? 20.793  8.763   12.184  1.00 90.43 ? 5   ASP A CG  1 
ATOM   7    O OD1 . ASP A 1 5   ? 20.028  8.575   13.154  1.00 89.92 ? 5   ASP A OD1 1 
ATOM   8    O OD2 . ASP A 1 5   ? 21.988  8.396   12.180  1.00 89.18 ? 5   ASP A OD2 1 
ATOM   9    N N   . ASP A 1 6   ? 18.194  6.877   11.256  1.00 78.42 ? 6   ASP A N   1 
ATOM   10   C CA  . ASP A 1 6   ? 17.994  5.464   10.955  1.00 78.01 ? 6   ASP A CA  1 
ATOM   11   C C   . ASP A 1 6   ? 16.831  5.250   9.998   1.00 77.92 ? 6   ASP A C   1 
ATOM   12   O O   . ASP A 1 6   ? 16.822  4.269   9.247   1.00 79.19 ? 6   ASP A O   1 
ATOM   13   C CB  . ASP A 1 6   ? 17.765  4.677   12.245  1.00 78.51 ? 6   ASP A CB  1 
ATOM   14   C CG  . ASP A 1 6   ? 19.029  4.517   13.064  1.00 80.36 ? 6   ASP A CG  1 
ATOM   15   O OD1 . ASP A 1 6   ? 20.130  4.668   12.495  1.00 79.81 ? 6   ASP A OD1 1 
ATOM   16   O OD2 . ASP A 1 6   ? 18.921  4.236   14.276  1.00 79.59 ? 6   ASP A OD2 1 
ATOM   17   N N   . LEU A 1 7   ? 15.849  6.148   10.005  1.00 62.28 ? 7   LEU A N   1 
ATOM   18   C CA  . LEU A 1 7   ? 14.662  6.005   9.166   1.00 58.60 ? 7   LEU A CA  1 
ATOM   19   C C   . LEU A 1 7   ? 14.985  6.534   7.778   1.00 57.27 ? 7   LEU A C   1 
ATOM   20   O O   . LEU A 1 7   ? 14.988  7.745   7.545   1.00 59.72 ? 7   LEU A O   1 
ATOM   21   C CB  . LEU A 1 7   ? 13.479  6.739   9.783   1.00 57.65 ? 7   LEU A CB  1 
ATOM   22   C CG  . LEU A 1 7   ? 12.876  6.077   11.023  1.00 60.44 ? 7   LEU A CG  1 
ATOM   23   C CD1 . LEU A 1 7   ? 11.621  6.806   11.464  1.00 59.87 ? 7   LEU A CD1 1 
ATOM   24   C CD2 . LEU A 1 7   ? 12.581  4.611   10.757  1.00 57.02 ? 7   LEU A CD2 1 
ATOM   25   N N   . ILE A 1 8   ? 15.258  5.624   6.851   1.00 43.88 ? 8   ILE A N   1 
ATOM   26   C CA  . ILE A 1 8   ? 15.609  5.991   5.486   1.00 41.52 ? 8   ILE A CA  1 
ATOM   27   C C   . ILE A 1 8   ? 14.345  6.337   4.716   1.00 42.05 ? 8   ILE A C   1 
ATOM   28   O O   . ILE A 1 8   ? 13.330  5.639   4.813   1.00 49.52 ? 8   ILE A O   1 
ATOM   29   C CB  . ILE A 1 8   ? 16.378  4.845   4.807   1.00 43.26 ? 8   ILE A CB  1 
ATOM   30   C CG1 . ILE A 1 8   ? 17.706  4.601   5.516   1.00 46.01 ? 8   ILE A CG1 1 
ATOM   31   C CG2 . ILE A 1 8   ? 16.619  5.152   3.348   1.00 42.61 ? 8   ILE A CG2 1 
ATOM   32   C CD1 . ILE A 1 8   ? 18.379  3.328   5.095   1.00 43.49 ? 8   ILE A CD1 1 
ATOM   33   N N   . VAL A 1 9   ? 14.396  7.426   3.958   1.00 35.14 ? 9   VAL A N   1 
ATOM   34   C CA  . VAL A 1 9   ? 13.302  7.837   3.090   1.00 37.59 ? 9   VAL A CA  1 
ATOM   35   C C   . VAL A 1 9   ? 13.826  7.917   1.664   1.00 43.77 ? 9   VAL A C   1 
ATOM   36   O O   . VAL A 1 9   ? 14.810  8.617   1.397   1.00 50.21 ? 9   VAL A O   1 
ATOM   37   C CB  . VAL A 1 9   ? 12.698  9.181   3.530   1.00 35.79 ? 9   VAL A CB  1 
ATOM   38   C CG1 . VAL A 1 9   ? 11.562  9.564   2.620   1.00 38.28 ? 9   VAL A CG1 1 
ATOM   39   C CG2 . VAL A 1 9   ? 12.204  9.083   4.955   1.00 41.78 ? 9   VAL A CG2 1 
ATOM   40   N N   . TRP A 1 10  ? 13.171  7.197   0.755   1.00 34.62 ? 10  TRP A N   1 
ATOM   41   C CA  . TRP A 1 10  ? 13.554  7.181   -0.653  1.00 25.95 ? 10  TRP A CA  1 
ATOM   42   C C   . TRP A 1 10  ? 12.785  8.226   -1.452  1.00 34.23 ? 10  TRP A C   1 
ATOM   43   O O   . TRP A 1 10  ? 13.384  9.082   -2.108  1.00 39.64 ? 10  TRP A O   1 
ATOM   44   C CB  . TRP A 1 10  ? 13.332  5.780   -1.231  1.00 27.07 ? 10  TRP A CB  1 
ATOM   45   C CG  . TRP A 1 10  ? 14.349  4.792   -0.790  1.00 31.46 ? 10  TRP A CG  1 
ATOM   46   C CD1 . TRP A 1 10  ? 15.632  5.054   -0.417  1.00 33.48 ? 10  TRP A CD1 1 
ATOM   47   C CD2 . TRP A 1 10  ? 14.167  3.384   -0.636  1.00 32.51 ? 10  TRP A CD2 1 
ATOM   48   N NE1 . TRP A 1 10  ? 16.267  3.894   -0.063  1.00 29.74 ? 10  TRP A NE1 1 
ATOM   49   C CE2 . TRP A 1 10  ? 15.388  2.853   -0.185  1.00 30.42 ? 10  TRP A CE2 1 
ATOM   50   C CE3 . TRP A 1 10  ? 13.091  2.518   -0.842  1.00 32.61 ? 10  TRP A CE3 1 
ATOM   51   C CZ2 . TRP A 1 10  ? 15.563  1.499   0.067   1.00 29.31 ? 10  TRP A CZ2 1 
ATOM   52   C CZ3 . TRP A 1 10  ? 13.268  1.175   -0.594  1.00 34.41 ? 10  TRP A CZ3 1 
ATOM   53   C CH2 . TRP A 1 10  ? 14.493  0.677   -0.145  1.00 31.28 ? 10  TRP A CH2 1 
ATOM   54   N N   . LEU A 1 11  ? 11.462  8.170   -1.395  1.00 36.66 ? 11  LEU A N   1 
ATOM   55   C CA  . LEU A 1 11  ? 10.589  9.068   -2.136  1.00 28.02 ? 11  LEU A CA  1 
ATOM   56   C C   . LEU A 1 11  ? 9.958   10.040  -1.156  1.00 31.93 ? 11  LEU A C   1 
ATOM   57   O O   . LEU A 1 11  ? 9.420   9.620   -0.130  1.00 46.89 ? 11  LEU A O   1 
ATOM   58   C CB  . LEU A 1 11  ? 9.508   8.279   -2.877  1.00 28.27 ? 11  LEU A CB  1 
ATOM   59   C CG  . LEU A 1 11  ? 9.798   7.826   -4.303  1.00 27.35 ? 11  LEU A CG  1 
ATOM   60   C CD1 . LEU A 1 11  ? 11.029  6.956   -4.344  1.00 35.07 ? 11  LEU A CD1 1 
ATOM   61   C CD2 . LEU A 1 11  ? 8.622   7.064   -4.844  1.00 32.37 ? 11  LEU A CD2 1 
ATOM   62   N N   . ARG A 1 12  ? 10.031  11.332  -1.459  1.00 37.94 ? 12  ARG A N   1 
ATOM   63   C CA  . ARG A 1 12  ? 9.488   12.366  -0.586  1.00 38.70 ? 12  ARG A CA  1 
ATOM   64   C C   . ARG A 1 12  ? 8.469   13.185  -1.358  1.00 39.97 ? 12  ARG A C   1 
ATOM   65   O O   . ARG A 1 12  ? 8.829   13.901  -2.296  1.00 44.69 ? 12  ARG A O   1 
ATOM   66   C CB  . ARG A 1 12  ? 10.592  13.277  -0.043  1.00 43.60 ? 12  ARG A CB  1 
ATOM   67   C CG  . ARG A 1 12  ? 11.696  12.560  0.713   1.00 45.26 ? 12  ARG A CG  1 
ATOM   68   C CD  . ARG A 1 12  ? 12.699  13.545  1.285   1.00 42.27 ? 12  ARG A CD  1 
ATOM   69   N NE  . ARG A 1 12  ? 12.188  14.207  2.478   1.00 45.50 ? 12  ARG A NE  1 
ATOM   70   C CZ  . ARG A 1 12  ? 12.361  13.758  3.713   1.00 44.70 ? 12  ARG A CZ  1 
ATOM   71   N NH1 . ARG A 1 12  ? 13.085  12.680  3.961   1.00 43.64 ? 12  ARG A NH1 1 
ATOM   72   N NH2 . ARG A 1 12  ? 11.803  14.413  4.727   1.00 43.50 ? 12  ARG A NH2 1 
ATOM   73   N N   . GLY A 1 13  ? 7.210   13.094  -0.954  1.00 45.18 ? 13  GLY A N   1 
ATOM   74   C CA  . GLY A 1 13  ? 6.160   13.922  -1.492  1.00 45.94 ? 13  GLY A CA  1 
ATOM   75   C C   . GLY A 1 13  ? 5.919   15.141  -0.630  1.00 53.61 ? 13  GLY A C   1 
ATOM   76   O O   . GLY A 1 13  ? 6.736   15.507  0.222   1.00 57.71 ? 13  GLY A O   1 
ATOM   77   N N   . ASP A 1 14  ? 4.775   15.785  -0.854  1.00 57.47 ? 14  ASP A N   1 
ATOM   78   C CA  . ASP A 1 14  ? 4.436   16.947  -0.042  1.00 57.38 ? 14  ASP A CA  1 
ATOM   79   C C   . ASP A 1 14  ? 4.013   16.543  1.366   1.00 56.23 ? 14  ASP A C   1 
ATOM   80   O O   . ASP A 1 14  ? 4.460   17.144  2.349   1.00 58.44 ? 14  ASP A O   1 
ATOM   81   C CB  . ASP A 1 14  ? 3.340   17.764  -0.727  1.00 56.65 ? 14  ASP A CB  1 
ATOM   82   C CG  . ASP A 1 14  ? 2.103   16.943  -1.036  1.00 61.65 ? 14  ASP A CG  1 
ATOM   83   O OD1 . ASP A 1 14  ? 2.140   15.711  -0.836  1.00 61.95 ? 14  ASP A OD1 1 
ATOM   84   O OD2 . ASP A 1 14  ? 1.093   17.531  -1.476  1.00 61.69 ? 14  ASP A OD2 1 
ATOM   85   N N   . ARG A 1 15  ? 3.171   15.518  1.481   1.00 52.71 ? 15  ARG A N   1 
ATOM   86   C CA  . ARG A 1 15  ? 2.623   15.089  2.758   1.00 52.29 ? 15  ARG A CA  1 
ATOM   87   C C   . ARG A 1 15  ? 3.149   13.746  3.234   1.00 53.28 ? 15  ARG A C   1 
ATOM   88   O O   . ARG A 1 15  ? 3.078   13.468  4.434   1.00 55.56 ? 15  ARG A O   1 
ATOM   89   C CB  . ARG A 1 15  ? 1.093   14.999  2.673   1.00 57.27 ? 15  ARG A CB  1 
ATOM   90   C CG  . ARG A 1 15  ? 0.388   16.299  2.353   1.00 54.32 ? 15  ARG A CG  1 
ATOM   91   C CD  . ARG A 1 15  ? 0.357   17.192  3.567   1.00 53.27 ? 15  ARG A CD  1 
ATOM   92   N NE  . ARG A 1 15  ? -0.320  16.521  4.669   1.00 57.83 ? 15  ARG A NE  1 
ATOM   93   C CZ  . ARG A 1 15  ? -1.636  16.445  4.807   1.00 56.18 ? 15  ARG A CZ  1 
ATOM   94   N NH1 . ARG A 1 15  ? -2.456  16.990  3.924   1.00 55.55 ? 15  ARG A NH1 1 
ATOM   95   N NH2 . ARG A 1 15  ? -2.141  15.801  5.854   1.00 54.08 ? 15  ARG A NH2 1 
ATOM   96   N N   . ALA A 1 16  ? 3.662   12.911  2.336   1.00 48.07 ? 16  ALA A N   1 
ATOM   97   C CA  . ALA A 1 16  ? 4.016   11.543  2.671   1.00 40.52 ? 16  ALA A CA  1 
ATOM   98   C C   . ALA A 1 16  ? 5.332   11.175  2.009   1.00 41.04 ? 16  ALA A C   1 
ATOM   99   O O   . ALA A 1 16  ? 5.820   11.869  1.116   1.00 50.23 ? 16  ALA A O   1 
ATOM   100  C CB  . ALA A 1 16  ? 2.925   10.559  2.241   1.00 42.53 ? 16  ALA A CB  1 
ATOM   101  N N   . GLY A 1 17  ? 5.907   10.069  2.465   1.00 26.82 ? 17  GLY A N   1 
ATOM   102  C CA  . GLY A 1 17  ? 7.103   9.541   1.847   1.00 30.57 ? 17  GLY A CA  1 
ATOM   103  C C   . GLY A 1 17  ? 7.147   8.038   1.989   1.00 30.82 ? 17  GLY A C   1 
ATOM   104  O O   . GLY A 1 17  ? 6.418   7.448   2.786   1.00 39.65 ? 17  GLY A O   1 
ATOM   105  N N   . LEU A 1 18  ? 8.023   7.418   1.206   1.00 25.83 ? 18  LEU A N   1 
ATOM   106  C CA  . LEU A 1 18  ? 8.215   5.976   1.245   1.00 27.91 ? 18  LEU A CA  1 
ATOM   107  C C   . LEU A 1 18  ? 9.663   5.652   1.572   1.00 27.36 ? 18  LEU A C   1 
ATOM   108  O O   . LEU A 1 18  ? 10.584  6.304   1.076   1.00 29.55 ? 18  LEU A O   1 
ATOM   109  C CB  . LEU A 1 18  ? 7.837   5.313   -0.083  1.00 27.55 ? 18  LEU A CB  1 
ATOM   110  C CG  . LEU A 1 18  ? 6.438   5.489   -0.661  1.00 19.06 ? 18  LEU A CG  1 
ATOM   111  C CD1 . LEU A 1 18  ? 6.382   4.854   -2.026  1.00 30.53 ? 18  LEU A CD1 1 
ATOM   112  C CD2 . LEU A 1 18  ? 5.400   4.884   0.234   1.00 31.06 ? 18  LEU A CD2 1 
ATOM   113  N N   . GLY A 1 19  ? 9.857   4.638   2.406   1.00 26.86 ? 19  GLY A N   1 
ATOM   114  C CA  . GLY A 1 19  ? 11.173  4.136   2.702   1.00 28.67 ? 19  GLY A CA  1 
ATOM   115  C C   . GLY A 1 19  ? 11.184  2.626   2.771   1.00 27.90 ? 19  GLY A C   1 
ATOM   116  O O   . GLY A 1 19  ? 10.170  1.967   2.531   1.00 39.77 ? 19  GLY A O   1 
ATOM   117  N N   . PRO A 1 20  ? 12.331  2.047   3.106   1.00 22.78 ? 20  PRO A N   1 
ATOM   118  C CA  . PRO A 1 20  ? 12.437  0.586   3.153   1.00 25.62 ? 20  PRO A CA  1 
ATOM   119  C C   . PRO A 1 20  ? 11.678  -0.027  4.322   1.00 30.33 ? 20  PRO A C   1 
ATOM   120  O O   . PRO A 1 20  ? 11.216  0.651   5.239   1.00 38.23 ? 20  PRO A O   1 
ATOM   121  C CB  . PRO A 1 20  ? 13.943  0.349   3.283   1.00 25.29 ? 20  PRO A CB  1 
ATOM   122  C CG  . PRO A 1 20  ? 14.464  1.588   3.883   1.00 29.92 ? 20  PRO A CG  1 
ATOM   123  C CD  . PRO A 1 20  ? 13.628  2.699   3.340   1.00 28.39 ? 20  PRO A CD  1 
ATOM   124  N N   . PHE A 1 21  ? 11.553  -1.352  4.257   1.00 34.75 ? 21  PHE A N   1 
ATOM   125  C CA  . PHE A 1 21  ? 10.771  -2.139  5.211   1.00 35.73 ? 21  PHE A CA  1 
ATOM   126  C C   . PHE A 1 21  ? 11.674  -2.567  6.371   1.00 35.59 ? 21  PHE A C   1 
ATOM   127  O O   . PHE A 1 21  ? 12.105  -3.716  6.484   1.00 40.82 ? 21  PHE A O   1 
ATOM   128  C CB  . PHE A 1 21  ? 10.162  -3.338  4.496   1.00 36.44 ? 21  PHE A CB  1 
ATOM   129  C CG  . PHE A 1 21  ? 8.915   -3.875  5.131   1.00 36.38 ? 21  PHE A CG  1 
ATOM   130  C CD1 . PHE A 1 21  ? 7.759   -3.123  5.147   1.00 38.54 ? 21  PHE A CD1 1 
ATOM   131  C CD2 . PHE A 1 21  ? 8.882   -5.150  5.655   1.00 35.86 ? 21  PHE A CD2 1 
ATOM   132  C CE1 . PHE A 1 21  ? 6.606   -3.621  5.702   1.00 35.06 ? 21  PHE A CE1 1 
ATOM   133  C CE2 . PHE A 1 21  ? 7.732   -5.649  6.214   1.00 34.75 ? 21  PHE A CE2 1 
ATOM   134  C CZ  . PHE A 1 21  ? 6.594   -4.885  6.239   1.00 37.81 ? 21  PHE A CZ  1 
ATOM   135  N N   . SER A 1 22  ? 11.954  -1.607  7.247   1.00 36.95 ? 22  SER A N   1 
ATOM   136  C CA  . SER A 1 22  ? 12.968  -1.784  8.281   1.00 38.30 ? 22  SER A CA  1 
ATOM   137  C C   . SER A 1 22  ? 12.587  -2.871  9.280   1.00 41.19 ? 22  SER A C   1 
ATOM   138  O O   . SER A 1 22  ? 11.410  -3.074  9.589   1.00 47.21 ? 22  SER A O   1 
ATOM   139  C CB  . SER A 1 22  ? 13.202  -0.470  9.019   1.00 42.29 ? 22  SER A CB  1 
ATOM   140  O OG  . SER A 1 22  ? 14.077  -0.657  10.115  1.00 45.95 ? 22  SER A OG  1 
ATOM   141  N N   . ALA A 1 23  ? 13.605  -3.573  9.786   1.00 44.82 ? 23  ALA A N   1 
ATOM   142  C CA  . ALA A 1 23  ? 13.423  -4.646  10.758  1.00 41.30 ? 23  ALA A CA  1 
ATOM   143  C C   . ALA A 1 23  ? 13.196  -4.144  12.173  1.00 40.24 ? 23  ALA A C   1 
ATOM   144  O O   . ALA A 1 23  ? 12.752  -4.924  13.020  1.00 46.74 ? 23  ALA A O   1 
ATOM   145  C CB  . ALA A 1 23  ? 14.633  -5.577  10.749  1.00 44.05 ? 23  ALA A CB  1 
ATOM   146  N N   . ASP A 1 24  ? 13.500  -2.882  12.455  1.00 47.06 ? 24  ASP A N   1 
ATOM   147  C CA  . ASP A 1 24  ? 13.263  -2.324  13.777  1.00 47.18 ? 24  ASP A CA  1 
ATOM   148  C C   . ASP A 1 24  ? 11.791  -2.064  14.046  1.00 46.15 ? 24  ASP A C   1 
ATOM   149  O O   . ASP A 1 24  ? 11.428  -1.774  15.189  1.00 49.09 ? 24  ASP A O   1 
ATOM   150  C CB  . ASP A 1 24  ? 14.052  -1.021  13.942  1.00 50.11 ? 24  ASP A CB  1 
ATOM   151  C CG  . ASP A 1 24  ? 15.550  -1.250  14.029  1.00 55.23 ? 24  ASP A CG  1 
ATOM   152  O OD1 . ASP A 1 24  ? 15.963  -2.353  14.444  1.00 55.07 ? 24  ASP A OD1 1 
ATOM   153  O OD2 . ASP A 1 24  ? 16.314  -0.327  13.677  1.00 54.21 ? 24  ASP A OD2 1 
ATOM   154  N N   . LEU A 1 25  ? 10.942  -2.174  13.027  1.00 41.51 ? 25  LEU A N   1 
ATOM   155  C CA  . LEU A 1 25  ? 9.534   -1.824  13.120  1.00 38.89 ? 25  LEU A CA  1 
ATOM   156  C C   . LEU A 1 25  ? 8.619   -3.033  12.971  1.00 44.04 ? 25  LEU A C   1 
ATOM   157  O O   . LEU A 1 25  ? 7.446   -2.870  12.632  1.00 47.81 ? 25  LEU A O   1 
ATOM   158  C CB  . LEU A 1 25  ? 9.189   -0.776  12.064  1.00 42.01 ? 25  LEU A CB  1 
ATOM   159  C CG  . LEU A 1 25  ? 9.902   0.568   12.170  1.00 42.02 ? 25  LEU A CG  1 
ATOM   160  C CD1 . LEU A 1 25  ? 9.587   1.416   10.966  1.00 44.77 ? 25  LEU A CD1 1 
ATOM   161  C CD2 . LEU A 1 25  ? 9.471   1.277   13.433  1.00 44.18 ? 25  LEU A CD2 1 
ATOM   162  N N   . VAL A 1 26  ? 9.134   -4.243  13.195  1.00 42.35 ? 26  VAL A N   1 
ATOM   163  C CA  . VAL A 1 26  ? 8.328   -5.442  12.978  1.00 39.88 ? 26  VAL A CA  1 
ATOM   164  C C   . VAL A 1 26  ? 7.179   -5.528  13.979  1.00 41.87 ? 26  VAL A C   1 
ATOM   165  O O   . VAL A 1 26  ? 6.072   -5.954  13.627  1.00 47.58 ? 26  VAL A O   1 
ATOM   166  C CB  . VAL A 1 26  ? 9.222   -6.700  12.999  1.00 40.86 ? 26  VAL A CB  1 
ATOM   167  C CG1 . VAL A 1 26  ? 9.760   -6.980  14.390  1.00 44.28 ? 26  VAL A CG1 1 
ATOM   168  C CG2 . VAL A 1 26  ? 8.456   -7.895  12.473  1.00 43.48 ? 26  VAL A CG2 1 
ATOM   169  N N   . ASP A 1 27  ? 7.399   -5.101  15.225  1.00 36.97 ? 27  ASP A N   1 
ATOM   170  C CA  . ASP A 1 27  ? 6.310   -5.105  16.198  1.00 34.71 ? 27  ASP A CA  1 
ATOM   171  C C   . ASP A 1 27  ? 5.252   -4.066  15.847  1.00 38.55 ? 27  ASP A C   1 
ATOM   172  O O   . ASP A 1 27  ? 4.051   -4.312  16.010  1.00 43.99 ? 27  ASP A O   1 
ATOM   173  C CB  . ASP A 1 27  ? 6.854   -4.859  17.601  1.00 42.12 ? 27  ASP A CB  1 
ATOM   174  C CG  . ASP A 1 27  ? 7.687   -6.011  18.111  1.00 47.02 ? 27  ASP A CG  1 
ATOM   175  O OD1 . ASP A 1 27  ? 7.761   -7.044  17.417  1.00 48.44 ? 27  ASP A OD1 1 
ATOM   176  O OD2 . ASP A 1 27  ? 8.256   -5.893  19.215  1.00 50.22 ? 27  ASP A OD2 1 
ATOM   177  N N   . GLN A 1 28  ? 5.679   -2.899  15.363  1.00 33.58 ? 28  GLN A N   1 
ATOM   178  C CA  . GLN A 1 28  ? 4.727   -1.890  14.916  1.00 34.72 ? 28  GLN A CA  1 
ATOM   179  C C   . GLN A 1 28  ? 3.931   -2.380  13.712  1.00 35.20 ? 28  GLN A C   1 
ATOM   180  O O   . GLN A 1 28  ? 2.724   -2.126  13.607  1.00 40.80 ? 28  GLN A O   1 
ATOM   181  C CB  . GLN A 1 28  ? 5.463   -0.589  14.592  1.00 34.74 ? 28  GLN A CB  1 
ATOM   182  C CG  . GLN A 1 28  ? 4.595   0.496   13.980  1.00 35.64 ? 28  GLN A CG  1 
ATOM   183  C CD  . GLN A 1 28  ? 3.583   1.072   14.951  1.00 35.72 ? 28  GLN A CD  1 
ATOM   184  O OE1 . GLN A 1 28  ? 2.573   0.447   15.262  1.00 38.91 ? 28  GLN A OE1 1 
ATOM   185  N NE2 . GLN A 1 28  ? 3.847   2.280   15.427  1.00 39.22 ? 28  GLN A NE2 1 
ATOM   186  N N   . TYR A 1 29  ? 4.594   -3.082  12.789  1.00 28.97 ? 29  TYR A N   1 
ATOM   187  C CA  . TYR A 1 29  ? 3.891   -3.685  11.663  1.00 22.81 ? 29  TYR A CA  1 
ATOM   188  C C   . TYR A 1 29  ? 2.852   -4.683  12.145  1.00 28.77 ? 29  TYR A C   1 
ATOM   189  O O   . TYR A 1 29  ? 1.723   -4.704  11.641  1.00 39.26 ? 29  TYR A O   1 
ATOM   190  C CB  . TYR A 1 29  ? 4.879   -4.378  10.725  1.00 33.48 ? 29  TYR A CB  1 
ATOM   191  C CG  . TYR A 1 29  ? 5.936   -3.486  10.114  1.00 35.16 ? 29  TYR A CG  1 
ATOM   192  C CD1 . TYR A 1 29  ? 5.718   -2.130  9.936   1.00 32.97 ? 29  TYR A CD1 1 
ATOM   193  C CD2 . TYR A 1 29  ? 7.164   -4.004  9.731   1.00 36.07 ? 29  TYR A CD2 1 
ATOM   194  C CE1 . TYR A 1 29  ? 6.685   -1.323  9.385   1.00 32.06 ? 29  TYR A CE1 1 
ATOM   195  C CE2 . TYR A 1 29  ? 8.133   -3.205  9.183   1.00 32.04 ? 29  TYR A CE2 1 
ATOM   196  C CZ  . TYR A 1 29  ? 7.890   -1.868  9.012   1.00 30.99 ? 29  TYR A CZ  1 
ATOM   197  O OH  . TYR A 1 29  ? 8.860   -1.067  8.467   1.00 38.48 ? 29  TYR A OH  1 
ATOM   198  N N   . TRP A 1 30  ? 3.215   -5.517  13.122  1.00 36.87 ? 30  TRP A N   1 
ATOM   199  C CA  . TRP A 1 30  ? 2.266   -6.486  13.663  1.00 34.01 ? 30  TRP A CA  1 
ATOM   200  C C   . TRP A 1 30  ? 1.061   -5.793  14.289  1.00 28.82 ? 30  TRP A C   1 
ATOM   201  O O   . TRP A 1 30  ? -0.087  -6.181  14.048  1.00 34.53 ? 30  TRP A O   1 
ATOM   202  C CB  . TRP A 1 30  ? 2.960   -7.393  14.678  1.00 33.84 ? 30  TRP A CB  1 
ATOM   203  C CG  . TRP A 1 30  ? 2.031   -8.380  15.301  1.00 36.56 ? 30  TRP A CG  1 
ATOM   204  C CD1 . TRP A 1 30  ? 1.558   -9.523  14.739  1.00 36.53 ? 30  TRP A CD1 1 
ATOM   205  C CD2 . TRP A 1 30  ? 1.453   -8.307  16.605  1.00 31.63 ? 30  TRP A CD2 1 
ATOM   206  N NE1 . TRP A 1 30  ? 0.721   -10.169 15.609  1.00 30.50 ? 30  TRP A NE1 1 
ATOM   207  C CE2 . TRP A 1 30  ? 0.636   -9.439  16.763  1.00 29.79 ? 30  TRP A CE2 1 
ATOM   208  C CE3 . TRP A 1 30  ? 1.546   -7.393  17.656  1.00 37.39 ? 30  TRP A CE3 1 
ATOM   209  C CZ2 . TRP A 1 30  ? -0.079  -9.682  17.924  1.00 32.77 ? 30  TRP A CZ2 1 
ATOM   210  C CZ3 . TRP A 1 30  ? 0.834   -7.638  18.807  1.00 34.44 ? 30  TRP A CZ3 1 
ATOM   211  C CH2 . TRP A 1 30  ? 0.033   -8.772  18.933  1.00 31.00 ? 30  TRP A CH2 1 
ATOM   212  N N   . ARG A 1 31  ? 1.303   -4.754  15.090  1.00 31.58 ? 31  ARG A N   1 
ATOM   213  C CA  . ARG A 1 31  ? 0.200   -4.048  15.738  1.00 27.68 ? 31  ARG A CA  1 
ATOM   214  C C   . ARG A 1 31  ? -0.708  -3.358  14.726  1.00 31.39 ? 31  ARG A C   1 
ATOM   215  O O   . ARG A 1 31  ? -1.929  -3.323  14.911  1.00 40.75 ? 31  ARG A O   1 
ATOM   216  C CB  . ARG A 1 31  ? 0.738   -3.040  16.749  1.00 34.24 ? 31  ARG A CB  1 
ATOM   217  C CG  . ARG A 1 31  ? 1.255   -3.666  18.024  1.00 35.55 ? 31  ARG A CG  1 
ATOM   218  C CD  . ARG A 1 31  ? 1.441   -2.624  19.109  1.00 38.96 ? 31  ARG A CD  1 
ATOM   219  N NE  . ARG A 1 31  ? 2.520   -1.697  18.790  1.00 42.55 ? 31  ARG A NE  1 
ATOM   220  C CZ  . ARG A 1 31  ? 3.787   -1.871  19.138  1.00 42.07 ? 31  ARG A CZ  1 
ATOM   221  N NH1 . ARG A 1 31  ? 4.178   -2.935  19.818  1.00 39.05 ? 31  ARG A NH1 1 
ATOM   222  N NH2 . ARG A 1 31  ? 4.685   -0.952  18.794  1.00 39.14 ? 31  ARG A NH2 1 
ATOM   223  N N   . TRP A 1 32  ? -0.139  -2.777  13.667  1.00 34.52 ? 32  TRP A N   1 
ATOM   224  C CA  . TRP A 1 32  ? -0.973  -2.203  12.611  1.00 36.38 ? 32  TRP A CA  1 
ATOM   225  C C   . TRP A 1 32  ? -1.803  -3.272  11.914  1.00 35.34 ? 32  TRP A C   1 
ATOM   226  O O   . TRP A 1 32  ? -3.006  -3.097  11.697  1.00 41.87 ? 32  TRP A O   1 
ATOM   227  C CB  . TRP A 1 32  ? -0.118  -1.465  11.584  1.00 33.49 ? 32  TRP A CB  1 
ATOM   228  C CG  . TRP A 1 32  ? 0.361   -0.141  12.019  1.00 35.08 ? 32  TRP A CG  1 
ATOM   229  C CD1 . TRP A 1 32  ? -0.204  0.666   12.954  1.00 32.03 ? 32  TRP A CD1 1 
ATOM   230  C CD2 . TRP A 1 32  ? 1.517   0.545   11.540  1.00 36.39 ? 32  TRP A CD2 1 
ATOM   231  N NE1 . TRP A 1 32  ? 0.522   1.820   13.083  1.00 33.84 ? 32  TRP A NE1 1 
ATOM   232  C CE2 . TRP A 1 32  ? 1.590   1.767   12.227  1.00 36.38 ? 32  TRP A CE2 1 
ATOM   233  C CE3 . TRP A 1 32  ? 2.500   0.241   10.597  1.00 35.60 ? 32  TRP A CE3 1 
ATOM   234  C CZ2 . TRP A 1 32  ? 2.603   2.686   12.000  1.00 36.16 ? 32  TRP A CZ2 1 
ATOM   235  C CZ3 . TRP A 1 32  ? 3.504   1.150   10.376  1.00 35.01 ? 32  TRP A CZ3 1 
ATOM   236  C CH2 . TRP A 1 32  ? 3.548   2.360   11.071  1.00 36.16 ? 32  TRP A CH2 1 
ATOM   237  N N   . GLU A 1 33  ? -1.172  -4.385  11.553  1.00 34.24 ? 33  GLU A N   1 
ATOM   238  C CA  . GLU A 1 33  ? -1.847  -5.397  10.756  1.00 28.79 ? 33  GLU A CA  1 
ATOM   239  C C   . GLU A 1 33  ? -2.907  -6.145  11.554  1.00 39.41 ? 33  GLU A C   1 
ATOM   240  O O   . GLU A 1 33  ? -3.849  -6.683  10.965  1.00 49.22 ? 33  GLU A O   1 
ATOM   241  C CB  . GLU A 1 33  ? -0.812  -6.359  10.182  1.00 37.69 ? 33  GLU A CB  1 
ATOM   242  C CG  . GLU A 1 33  ? 0.065   -5.729  9.110   1.00 46.88 ? 33  GLU A CG  1 
ATOM   243  C CD  . GLU A 1 33  ? 1.345   -6.510  8.830   1.00 49.56 ? 33  GLU A CD  1 
ATOM   244  O OE1 . GLU A 1 33  ? 1.605   -7.528  9.505   1.00 43.61 ? 33  GLU A OE1 1 
ATOM   245  O OE2 . GLU A 1 33  ? 2.096   -6.100  7.921   1.00 48.02 ? 33  GLU A OE2 1 
ATOM   246  N N   . GLN A 1 34  ? -2.783  -6.201  12.882  1.00 38.32 ? 34  GLN A N   1 
ATOM   247  C CA  . GLN A 1 34  ? -3.769  -6.926  13.673  1.00 32.12 ? 34  GLN A CA  1 
ATOM   248  C C   . GLN A 1 34  ? -4.885  -6.037  14.200  1.00 31.25 ? 34  GLN A C   1 
ATOM   249  O O   . GLN A 1 34  ? -5.719  -6.515  14.972  1.00 37.31 ? 34  GLN A O   1 
ATOM   250  C CB  . GLN A 1 34  ? -3.108  -7.648  14.847  1.00 33.36 ? 34  GLN A CB  1 
ATOM   251  C CG  . GLN A 1 34  ? -1.974  -8.578  14.466  1.00 41.07 ? 34  GLN A CG  1 
ATOM   252  C CD  . GLN A 1 34  ? -2.210  -9.336  13.183  1.00 41.88 ? 34  GLN A CD  1 
ATOM   253  O OE1 . GLN A 1 34  ? -3.247  -9.966  12.995  1.00 43.79 ? 34  GLN A OE1 1 
ATOM   254  N NE2 . GLN A 1 34  ? -1.237  -9.272  12.282  1.00 37.41 ? 34  GLN A NE2 1 
ATOM   255  N N   . ASP A 1 35  ? -4.915  -4.767  13.827  1.00 37.09 ? 35  ASP A N   1 
ATOM   256  C CA  . ASP A 1 35  ? -6.013  -3.901  14.223  1.00 33.73 ? 35  ASP A CA  1 
ATOM   257  C C   . ASP A 1 35  ? -7.312  -4.402  13.599  1.00 36.95 ? 35  ASP A C   1 
ATOM   258  O O   . ASP A 1 35  ? -7.322  -4.764  12.415  1.00 42.61 ? 35  ASP A O   1 
ATOM   259  C CB  . ASP A 1 35  ? -5.742  -2.462  13.792  1.00 38.68 ? 35  ASP A CB  1 
ATOM   260  C CG  . ASP A 1 35  ? -6.753  -1.485  14.352  1.00 44.33 ? 35  ASP A CG  1 
ATOM   261  O OD1 . ASP A 1 35  ? -7.845  -1.348  13.764  1.00 45.33 ? 35  ASP A OD1 1 
ATOM   262  O OD2 . ASP A 1 35  ? -6.459  -0.848  15.382  1.00 45.69 ? 35  ASP A OD2 1 
ATOM   263  N N   . PRO A 1 36  ? -8.411  -4.458  14.353  1.00 36.57 ? 36  PRO A N   1 
ATOM   264  C CA  . PRO A 1 36  ? -9.673  -4.958  13.784  1.00 35.45 ? 36  PRO A CA  1 
ATOM   265  C C   . PRO A 1 36  ? -10.135 -4.229  12.532  1.00 38.93 ? 36  PRO A C   1 
ATOM   266  O O   . PRO A 1 36  ? -10.717 -4.865  11.647  1.00 45.69 ? 36  PRO A O   1 
ATOM   267  C CB  . PRO A 1 36  ? -10.658 -4.771  14.942  1.00 33.16 ? 36  PRO A CB  1 
ATOM   268  C CG  . PRO A 1 36  ? -9.813  -4.939  16.144  1.00 36.51 ? 36  PRO A CG  1 
ATOM   269  C CD  . PRO A 1 36  ? -8.515  -4.262  15.808  1.00 36.59 ? 36  PRO A CD  1 
ATOM   270  N N   . SER A 1 37  ? -9.897  -2.920  12.423  1.00 36.54 ? 37  SER A N   1 
ATOM   271  C CA  . SER A 1 37  ? -10.316 -2.199  11.225  1.00 33.99 ? 37  SER A CA  1 
ATOM   272  C C   . SER A 1 37  ? -9.553  -2.675  9.996   1.00 38.75 ? 37  SER A C   1 
ATOM   273  O O   . SER A 1 37  ? -10.136 -2.833  8.920   1.00 42.84 ? 37  SER A O   1 
ATOM   274  C CB  . SER A 1 37  ? -10.135 -0.698  11.424  1.00 37.33 ? 37  SER A CB  1 
ATOM   275  O OG  . SER A 1 37  ? -10.976 -0.218  12.454  1.00 45.08 ? 37  SER A OG  1 
ATOM   276  N N   . VAL A 1 38  ? -8.250  -2.921  10.140  1.00 40.29 ? 38  VAL A N   1 
ATOM   277  C CA  . VAL A 1 38  ? -7.464  -3.438  9.026   1.00 37.30 ? 38  VAL A CA  1 
ATOM   278  C C   . VAL A 1 38  ? -7.891  -4.859  8.683   1.00 39.45 ? 38  VAL A C   1 
ATOM   279  O O   . VAL A 1 38  ? -7.931  -5.240  7.511   1.00 44.65 ? 38  VAL A O   1 
ATOM   280  C CB  . VAL A 1 38  ? -5.964  -3.356  9.350   1.00 34.79 ? 38  VAL A CB  1 
ATOM   281  C CG1 . VAL A 1 38  ? -5.148  -4.025  8.270   1.00 37.93 ? 38  VAL A CG1 1 
ATOM   282  C CG2 . VAL A 1 38  ? -5.551  -1.915  9.494   1.00 37.86 ? 38  VAL A CG2 1 
ATOM   283  N N   . LEU A 1 39  ? -8.206  -5.667  9.695   1.00 39.91 ? 39  LEU A N   1 
ATOM   284  C CA  . LEU A 1 39  ? -8.694  -7.016  9.428   1.00 34.27 ? 39  LEU A CA  1 
ATOM   285  C C   . LEU A 1 39  ? -10.008 -6.983  8.657   1.00 34.32 ? 39  LEU A C   1 
ATOM   286  O O   . LEU A 1 39  ? -10.223 -7.794  7.750   1.00 42.01 ? 39  LEU A O   1 
ATOM   287  C CB  . LEU A 1 39  ? -8.856  -7.782  10.739  1.00 32.22 ? 39  LEU A CB  1 
ATOM   288  C CG  . LEU A 1 39  ? -7.579  -8.083  11.522  1.00 33.63 ? 39  LEU A CG  1 
ATOM   289  C CD1 . LEU A 1 39  ? -7.934  -8.670  12.864  1.00 39.83 ? 39  LEU A CD1 1 
ATOM   290  C CD2 . LEU A 1 39  ? -6.675  -9.019  10.764  1.00 34.97 ? 39  LEU A CD2 1 
ATOM   291  N N   . ILE A 1 40  ? -10.904 -6.061  9.009   1.00 26.87 ? 40  ILE A N   1 
ATOM   292  C CA  . ILE A 1 40  ? -12.154 -5.922  8.266   1.00 28.07 ? 40  ILE A CA  1 
ATOM   293  C C   . ILE A 1 40  ? -11.885 -5.456  6.839   1.00 37.68 ? 40  ILE A C   1 
ATOM   294  O O   . ILE A 1 40  ? -12.438 -6.004  5.879   1.00 44.47 ? 40  ILE A O   1 
ATOM   295  C CB  . ILE A 1 40  ? -13.116 -4.970  9.000   1.00 32.48 ? 40  ILE A CB  1 
ATOM   296  C CG1 . ILE A 1 40  ? -13.590 -5.593  10.312  1.00 34.89 ? 40  ILE A CG1 1 
ATOM   297  C CG2 . ILE A 1 40  ? -14.297 -4.615  8.123   1.00 34.19 ? 40  ILE A CG2 1 
ATOM   298  C CD1 . ILE A 1 40  ? -14.266 -4.621  11.236  1.00 32.73 ? 40  ILE A CD1 1 
ATOM   299  N N   . GLY A 1 41  ? -11.042 -4.435  6.677   1.00 37.82 ? 41  GLY A N   1 
ATOM   300  C CA  . GLY A 1 41  ? -10.791 -3.900  5.347   1.00 33.77 ? 41  GLY A CA  1 
ATOM   301  C C   . GLY A 1 41  ? -10.115 -4.892  4.421   1.00 35.97 ? 41  GLY A C   1 
ATOM   302  O O   . GLY A 1 41  ? -10.524 -5.067  3.273   1.00 42.03 ? 41  GLY A O   1 
ATOM   303  N N   . TYR A 1 42  ? -9.066  -5.555  4.910   1.00 41.31 ? 42  TYR A N   1 
ATOM   304  C CA  . TYR A 1 42  ? -8.390  -6.579  4.122   1.00 36.14 ? 42  TYR A CA  1 
ATOM   305  C C   . TYR A 1 42  ? -9.276  -7.795  3.911   1.00 37.42 ? 42  TYR A C   1 
ATOM   306  O O   . TYR A 1 42  ? -9.170  -8.469  2.882   1.00 42.10 ? 42  TYR A O   1 
ATOM   307  C CB  . TYR A 1 42  ? -7.101  -7.022  4.813   1.00 37.16 ? 42  TYR A CB  1 
ATOM   308  C CG  . TYR A 1 42  ? -5.887  -6.170  4.546   1.00 39.17 ? 42  TYR A CG  1 
ATOM   309  C CD1 . TYR A 1 42  ? -5.986  -4.970  3.868   1.00 40.11 ? 42  TYR A CD1 1 
ATOM   310  C CD2 . TYR A 1 42  ? -4.633  -6.574  4.979   1.00 41.63 ? 42  TYR A CD2 1 
ATOM   311  C CE1 . TYR A 1 42  ? -4.870  -4.195  3.627   1.00 38.98 ? 42  TYR A CE1 1 
ATOM   312  C CE2 . TYR A 1 42  ? -3.513  -5.805  4.741   1.00 39.62 ? 42  TYR A CE2 1 
ATOM   313  C CZ  . TYR A 1 42  ? -3.639  -4.617  4.066   1.00 35.43 ? 42  TYR A CZ  1 
ATOM   314  O OH  . TYR A 1 42  ? -2.526  -3.851  3.829   1.00 40.43 ? 42  TYR A OH  1 
ATOM   315  N N   . GLY A 1 43  ? -10.140 -8.094  4.872   1.00 37.64 ? 43  GLY A N   1 
ATOM   316  C CA  . GLY A 1 43  ? -10.892 -9.323  4.858   1.00 30.86 ? 43  GLY A CA  1 
ATOM   317  C C   . GLY A 1 43  ? -10.224 -10.491 5.543   1.00 33.51 ? 43  GLY A C   1 
ATOM   318  O O   . GLY A 1 43  ? -10.659 -11.628 5.339   1.00 38.35 ? 43  GLY A O   1 
ATOM   319  N N   . ARG A 1 44  ? -9.173  -10.259 6.328   1.00 37.08 ? 44  ARG A N   1 
ATOM   320  C CA  . ARG A 1 44  ? -8.584  -11.334 7.115   1.00 33.74 ? 44  ARG A CA  1 
ATOM   321  C C   . ARG A 1 44  ? -9.459  -11.641 8.320   1.00 36.26 ? 44  ARG A C   1 
ATOM   322  O O   . ARG A 1 44  ? -10.067 -10.746 8.910   1.00 42.92 ? 44  ARG A O   1 
ATOM   323  C CB  . ARG A 1 44  ? -7.163  -10.996 7.570   1.00 36.23 ? 44  ARG A CB  1 
ATOM   324  C CG  . ARG A 1 44  ? -6.122  -11.077 6.467   1.00 40.44 ? 44  ARG A CG  1 
ATOM   325  C CD  . ARG A 1 44  ? -4.704  -10.856 6.983   1.00 38.64 ? 44  ARG A CD  1 
ATOM   326  N NE  . ARG A 1 44  ? -4.401  -9.478  7.343   1.00 42.09 ? 44  ARG A NE  1 
ATOM   327  C CZ  . ARG A 1 44  ? -3.798  -9.118  8.466   1.00 44.63 ? 44  ARG A CZ  1 
ATOM   328  N NH1 . ARG A 1 44  ? -3.481  -10.004 9.395   1.00 45.69 ? 44  ARG A NH1 1 
ATOM   329  N NH2 . ARG A 1 44  ? -3.505  -7.837  8.664   1.00 42.96 ? 44  ARG A NH2 1 
ATOM   330  N N   . GLN A 1 45  ? -9.527  -12.921 8.674   1.00 34.05 ? 45  GLN A N   1 
ATOM   331  C CA  . GLN A 1 45  ? -10.477 -13.394 9.666   1.00 33.55 ? 45  GLN A CA  1 
ATOM   332  C C   . GLN A 1 45  ? -9.860  -13.703 11.021  1.00 37.14 ? 45  GLN A C   1 
ATOM   333  O O   . GLN A 1 45  ? -10.581 -13.705 12.023  1.00 40.31 ? 45  GLN A O   1 
ATOM   334  C CB  . GLN A 1 45  ? -11.189 -14.646 9.149   1.00 36.68 ? 45  GLN A CB  1 
ATOM   335  C CG  . GLN A 1 45  ? -12.373 -14.342 8.263   1.00 39.07 ? 45  GLN A CG  1 
ATOM   336  C CD  . GLN A 1 45  ? -12.397 -15.193 7.025   1.00 37.36 ? 45  GLN A CD  1 
ATOM   337  O OE1 . GLN A 1 45  ? -11.695 -16.193 6.938   1.00 43.18 ? 45  GLN A OE1 1 
ATOM   338  N NE2 . GLN A 1 45  ? -13.211 -14.805 6.057   1.00 37.61 ? 45  GLN A NE2 1 
ATOM   339  N N   . THR A 1 46  ? -8.560  -13.970 11.083  1.00 34.71 ? 46  THR A N   1 
ATOM   340  C CA  . THR A 1 46  ? -7.928  -14.308 12.344  1.00 33.08 ? 46  THR A CA  1 
ATOM   341  C C   . THR A 1 46  ? -6.710  -13.427 12.574  1.00 31.72 ? 46  THR A C   1 
ATOM   342  O O   . THR A 1 46  ? -5.971  -13.129 11.630  1.00 42.00 ? 46  THR A O   1 
ATOM   343  C CB  . THR A 1 46  ? -7.497  -15.780 12.375  1.00 30.71 ? 46  THR A CB  1 
ATOM   344  O OG1 . THR A 1 46  ? -6.546  -16.018 11.334  1.00 38.36 ? 46  THR A OG1 1 
ATOM   345  C CG2 . THR A 1 46  ? -8.685  -16.694 12.177  1.00 32.67 ? 46  THR A CG2 1 
ATOM   346  N N   . PRO A 1 47  ? -6.476  -12.996 13.807  1.00 26.84 ? 47  PRO A N   1 
ATOM   347  C CA  . PRO A 1 47  ? -5.238  -12.281 14.110  1.00 30.39 ? 47  PRO A CA  1 
ATOM   348  C C   . PRO A 1 47  ? -4.034  -13.195 13.983  1.00 38.88 ? 47  PRO A C   1 
ATOM   349  O O   . PRO A 1 47  ? -4.108  -14.398 14.238  1.00 44.58 ? 47  PRO A O   1 
ATOM   350  C CB  . PRO A 1 47  ? -5.437  -11.823 15.558  1.00 26.21 ? 47  PRO A CB  1 
ATOM   351  C CG  . PRO A 1 47  ? -6.892  -11.987 15.822  1.00 31.49 ? 47  PRO A CG  1 
ATOM   352  C CD  . PRO A 1 47  ? -7.311  -13.148 15.003  1.00 30.43 ? 47  PRO A CD  1 
ATOM   353  N N   . ASP A 1 48  ? -2.915  -12.608 13.583  1.00 40.13 ? 48  ASP A N   1 
ATOM   354  C CA  . ASP A 1 48  ? -1.660  -13.337 13.541  1.00 33.15 ? 48  ASP A CA  1 
ATOM   355  C C   . ASP A 1 48  ? -0.883  -13.094 14.826  1.00 35.45 ? 48  ASP A C   1 
ATOM   356  O O   . ASP A 1 48  ? -1.063  -12.087 15.510  1.00 41.22 ? 48  ASP A O   1 
ATOM   357  C CB  . ASP A 1 48  ? -0.827  -12.917 12.335  1.00 38.79 ? 48  ASP A CB  1 
ATOM   358  C CG  . ASP A 1 48  ? -0.064  -14.064 11.733  1.00 46.68 ? 48  ASP A CG  1 
ATOM   359  O OD1 . ASP A 1 48  ? -0.267  -15.209 12.181  1.00 45.80 ? 48  ASP A OD1 1 
ATOM   360  O OD2 . ASP A 1 48  ? 0.736   -13.827 10.804  1.00 48.14 ? 48  ASP A OD2 1 
ATOM   361  N N   . SER A 1 49  ? -0.005  -14.032 15.150  1.00 39.69 ? 49  SER A N   1 
ATOM   362  C CA  . SER A 1 49  ? 0.756   -13.945 16.384  1.00 40.14 ? 49  SER A CA  1 
ATOM   363  C C   . SER A 1 49  ? 2.080   -13.231 16.151  1.00 42.47 ? 49  SER A C   1 
ATOM   364  O O   . SER A 1 49  ? 2.676   -13.316 15.075  1.00 43.89 ? 49  SER A O   1 
ATOM   365  C CB  . SER A 1 49  ? 1.000   -15.334 16.967  1.00 41.50 ? 49  SER A CB  1 
ATOM   366  O OG  . SER A 1 49  ? 1.827   -16.098 16.118  1.00 47.08 ? 49  SER A OG  1 
ATOM   367  N N   . LEU A 1 50  ? 2.542   -12.535 17.189  1.00 39.27 ? 50  LEU A N   1 
ATOM   368  C CA  . LEU A 1 50  ? 3.743   -11.717 17.074  1.00 32.43 ? 50  LEU A CA  1 
ATOM   369  C C   . LEU A 1 50  ? 4.958   -12.567 16.745  1.00 37.53 ? 50  LEU A C   1 
ATOM   370  O O   . LEU A 1 50  ? 5.813   -12.160 15.951  1.00 45.17 ? 50  LEU A O   1 
ATOM   371  C CB  . LEU A 1 50  ? 3.962   -10.947 18.374  1.00 36.34 ? 50  LEU A CB  1 
ATOM   372  C CG  . LEU A 1 50  ? 5.119   -9.958  18.453  1.00 39.79 ? 50  LEU A CG  1 
ATOM   373  C CD1 . LEU A 1 50  ? 5.026   -8.927  17.353  1.00 41.14 ? 50  LEU A CD1 1 
ATOM   374  C CD2 . LEU A 1 50  ? 5.121   -9.289  19.810  1.00 39.93 ? 50  LEU A CD2 1 
ATOM   375  N N   . GLU A 1 51  ? 5.047   -13.754 17.342  1.00 46.22 ? 51  GLU A N   1 
ATOM   376  C CA  . GLU A 1 51  ? 6.154   -14.655 17.048  1.00 47.09 ? 51  GLU A CA  1 
ATOM   377  C C   . GLU A 1 51  ? 6.149   -15.054 15.582  1.00 45.55 ? 51  GLU A C   1 
ATOM   378  O O   . GLU A 1 51  ? 7.206   -15.134 14.944  1.00 49.69 ? 51  GLU A O   1 
ATOM   379  C CB  . GLU A 1 51  ? 6.064   -15.893 17.940  1.00 44.62 ? 51  GLU A CB  1 
ATOM   380  C CG  . GLU A 1 51  ? 6.293   -15.607 19.409  1.00 47.04 ? 51  GLU A CG  1 
ATOM   381  C CD  . GLU A 1 51  ? 5.048   -15.093 20.102  1.00 50.81 ? 51  GLU A CD  1 
ATOM   382  O OE1 . GLU A 1 51  ? 3.954   -15.191 19.512  1.00 49.61 ? 51  GLU A OE1 1 
ATOM   383  O OE2 . GLU A 1 51  ? 5.164   -14.578 21.232  1.00 52.54 ? 51  GLU A OE2 1 
ATOM   384  N N   . ASN A 1 52  ? 4.964   -15.299 15.028  1.00 39.21 ? 52  ASN A N   1 
ATOM   385  C CA  . ASN A 1 52  ? 4.869   -15.717 13.637  1.00 40.49 ? 52  ASN A CA  1 
ATOM   386  C C   . ASN A 1 52  ? 5.258   -14.581 12.693  1.00 46.89 ? 52  ASN A C   1 
ATOM   387  O O   . ASN A 1 52  ? 5.894   -14.818 11.664  1.00 49.77 ? 52  ASN A O   1 
ATOM   388  C CB  . ASN A 1 52  ? 3.456   -16.221 13.357  1.00 37.56 ? 52  ASN A CB  1 
ATOM   389  C CG  . ASN A 1 52  ? 3.334   -16.897 12.023  1.00 46.53 ? 52  ASN A CG  1 
ATOM   390  O OD1 . ASN A 1 52  ? 4.249   -17.587 11.580  1.00 48.94 ? 52  ASN A OD1 1 
ATOM   391  N ND2 . ASN A 1 52  ? 2.195   -16.713 11.370  1.00 49.39 ? 52  ASN A ND2 1 
ATOM   392  N N   . ARG A 1 53  ? 4.911   -13.337 13.042  1.00 47.22 ? 53  ARG A N   1 
ATOM   393  C CA  . ARG A 1 53  ? 5.336   -12.185 12.244  1.00 41.46 ? 53  ARG A CA  1 
ATOM   394  C C   . ARG A 1 53  ? 6.845   -11.986 12.324  1.00 42.77 ? 53  ARG A C   1 
ATOM   395  O O   . ARG A 1 53  ? 7.497   -11.679 11.316  1.00 50.78 ? 53  ARG A O   1 
ATOM   396  C CB  . ARG A 1 53  ? 4.615   -10.927 12.727  1.00 41.68 ? 53  ARG A CB  1 
ATOM   397  C CG  . ARG A 1 53  ? 4.787   -9.685  11.863  1.00 37.68 ? 53  ARG A CG  1 
ATOM   398  C CD  . ARG A 1 53  ? 4.159   -9.887  10.500  1.00 41.86 ? 53  ARG A CD  1 
ATOM   399  N NE  . ARG A 1 53  ? 4.168   -8.680  9.680   1.00 42.82 ? 53  ARG A NE  1 
ATOM   400  C CZ  . ARG A 1 53  ? 5.208   -8.244  8.982   1.00 46.58 ? 53  ARG A CZ  1 
ATOM   401  N NH1 . ARG A 1 53  ? 6.367   -8.879  8.996   1.00 47.09 ? 53  ARG A NH1 1 
ATOM   402  N NH2 . ARG A 1 53  ? 5.078   -7.143  8.250   1.00 43.95 ? 53  ARG A NH2 1 
ATOM   403  N N   . ARG A 1 54  ? 7.414   -12.155 13.519  1.00 41.18 ? 54  ARG A N   1 
ATOM   404  C CA  . ARG A 1 54  ? 8.857   -12.040 13.687  1.00 37.59 ? 54  ARG A CA  1 
ATOM   405  C C   . ARG A 1 54  ? 9.587   -13.092 12.868  1.00 41.49 ? 54  ARG A C   1 
ATOM   406  O O   . ARG A 1 54  ? 10.625  -12.807 12.260  1.00 47.17 ? 54  ARG A O   1 
ATOM   407  C CB  . ARG A 1 54  ? 9.211   -12.171 15.164  1.00 38.36 ? 54  ARG A CB  1 
ATOM   408  C CG  . ARG A 1 54  ? 8.812   -10.979 15.997  1.00 41.90 ? 54  ARG A CG  1 
ATOM   409  C CD  . ARG A 1 54  ? 8.968   -11.268 17.469  1.00 40.47 ? 54  ARG A CD  1 
ATOM   410  N NE  . ARG A 1 54  ? 8.751   -10.078 18.279  1.00 41.48 ? 54  ARG A NE  1 
ATOM   411  C CZ  . ARG A 1 54  ? 8.656   -10.082 19.599  1.00 45.14 ? 54  ARG A CZ  1 
ATOM   412  N NH1 . ARG A 1 54  ? 8.754   -11.202 20.294  1.00 46.37 ? 54  ARG A NH1 1 
ATOM   413  N NH2 . ARG A 1 54  ? 8.450   -8.935  20.239  1.00 44.60 ? 54  ARG A NH2 1 
ATOM   414  N N   . GLU A 1 55  ? 9.068   -14.320 12.849  1.00 42.65 ? 55  GLU A N   1 
ATOM   415  C CA  . GLU A 1 55  ? 9.647   -15.357 12.002  1.00 43.92 ? 55  GLU A CA  1 
ATOM   416  C C   . GLU A 1 55  ? 9.487   -15.022 10.527  1.00 46.34 ? 55  GLU A C   1 
ATOM   417  O O   . GLU A 1 55  ? 10.424  -15.190 9.740   1.00 51.50 ? 55  GLU A O   1 
ATOM   418  C CB  . GLU A 1 55  ? 9.003   -16.706 12.313  1.00 48.49 ? 55  GLU A CB  1 
ATOM   419  C CG  . GLU A 1 55  ? 9.599   -17.877 11.553  1.00 50.97 ? 55  GLU A CG  1 
ATOM   420  C CD  . GLU A 1 55  ? 8.858   -18.165 10.261  1.00 53.35 ? 55  GLU A CD  1 
ATOM   421  O OE1 . GLU A 1 55  ? 7.680   -17.768 10.150  1.00 53.14 ? 55  GLU A OE1 1 
ATOM   422  O OE2 . GLU A 1 55  ? 9.450   -18.786 9.354   1.00 53.01 ? 55  GLU A OE2 1 
ATOM   423  N N   . GLY A 1 56  ? 8.305   -14.551 10.132  1.00 52.51 ? 56  GLY A N   1 
ATOM   424  C CA  . GLY A 1 56  ? 8.039   -14.291 8.731   1.00 54.68 ? 56  GLY A CA  1 
ATOM   425  C C   . GLY A 1 56  ? 8.829   -13.135 8.157   1.00 53.13 ? 56  GLY A C   1 
ATOM   426  O O   . GLY A 1 56  ? 8.989   -13.042 6.938   1.00 56.31 ? 56  GLY A O   1 
ATOM   427  N N   . TYR A 1 57  ? 9.281   -12.211 9.009   1.00 49.41 ? 57  TYR A N   1 
ATOM   428  C CA  . TYR A 1 57  ? 10.018  -11.057 8.499   1.00 46.04 ? 57  TYR A CA  1 
ATOM   429  C C   . TYR A 1 57  ? 11.283  -11.476 7.757   1.00 46.06 ? 57  TYR A C   1 
ATOM   430  O O   . TYR A 1 57  ? 11.640  -10.870 6.743   1.00 52.79 ? 57  TYR A O   1 
ATOM   431  C CB  . TYR A 1 57  ? 10.360  -10.085 9.629   1.00 48.68 ? 57  TYR A CB  1 
ATOM   432  C CG  . TYR A 1 57  ? 11.112  -8.868  9.140   1.00 47.87 ? 57  TYR A CG  1 
ATOM   433  C CD1 . TYR A 1 57  ? 12.489  -8.886  8.980   1.00 45.08 ? 57  TYR A CD1 1 
ATOM   434  C CD2 . TYR A 1 57  ? 10.431  -7.717  8.785   1.00 50.08 ? 57  TYR A CD2 1 
ATOM   435  C CE1 . TYR A 1 57  ? 13.162  -7.791  8.512   1.00 41.58 ? 57  TYR A CE1 1 
ATOM   436  C CE2 . TYR A 1 57  ? 11.098  -6.616  8.316   1.00 49.57 ? 57  TYR A CE2 1 
ATOM   437  C CZ  . TYR A 1 57  ? 12.462  -6.658  8.181   1.00 46.47 ? 57  TYR A CZ  1 
ATOM   438  O OH  . TYR A 1 57  ? 13.126  -5.554  7.712   1.00 48.44 ? 57  TYR A OH  1 
ATOM   439  N N   . GLY A 1 58  ? 11.998  -12.481 8.266   1.00 49.12 ? 58  GLY A N   1 
ATOM   440  C CA  . GLY A 1 58  ? 13.190  -12.947 7.573   1.00 49.78 ? 58  GLY A CA  1 
ATOM   441  C C   . GLY A 1 58  ? 12.895  -13.478 6.183   1.00 52.93 ? 58  GLY A C   1 
ATOM   442  O O   . GLY A 1 58  ? 13.609  -13.170 5.222   1.00 59.07 ? 58  GLY A O   1 
ATOM   443  N N   . HIS A 1 59  ? 11.826  -14.264 6.051   1.00 51.63 ? 59  HIS A N   1 
ATOM   444  C CA  . HIS A 1 59  ? 11.452  -14.778 4.740   1.00 52.28 ? 59  HIS A CA  1 
ATOM   445  C C   . HIS A 1 59  ? 10.980  -13.658 3.826   1.00 54.23 ? 59  HIS A C   1 
ATOM   446  O O   . HIS A 1 59  ? 11.227  -13.694 2.615   1.00 58.01 ? 59  HIS A O   1 
ATOM   447  C CB  . HIS A 1 59  ? 10.375  -15.850 4.883   1.00 55.65 ? 59  HIS A CB  1 
ATOM   448  C CG  . HIS A 1 59  ? 10.860  -17.106 5.533   1.00 60.35 ? 59  HIS A CG  1 
ATOM   449  N ND1 . HIS A 1 59  ? 11.589  -18.059 4.856   1.00 61.32 ? 59  HIS A ND1 1 
ATOM   450  C CD2 . HIS A 1 59  ? 10.733  -17.561 6.802   1.00 59.61 ? 59  HIS A CD2 1 
ATOM   451  C CE1 . HIS A 1 59  ? 11.885  -19.050 5.678   1.00 60.40 ? 59  HIS A CE1 1 
ATOM   452  N NE2 . HIS A 1 59  ? 11.377  -18.773 6.865   1.00 60.32 ? 59  HIS A NE2 1 
ATOM   453  N N   . GLN A 1 60  ? 10.293  -12.659 4.381   1.00 47.84 ? 60  GLN A N   1 
ATOM   454  C CA  . GLN A 1 60  ? 9.889   -11.514 3.572   1.00 49.79 ? 60  GLN A CA  1 
ATOM   455  C C   . GLN A 1 60  ? 11.106  -10.752 3.069   1.00 51.23 ? 60  GLN A C   1 
ATOM   456  O O   . GLN A 1 60  ? 11.128  -10.281 1.928   1.00 55.74 ? 60  GLN A O   1 
ATOM   457  C CB  . GLN A 1 60  ? 8.980   -10.585 4.377   1.00 49.01 ? 60  GLN A CB  1 
ATOM   458  C CG  . GLN A 1 60  ? 7.663   -11.193 4.841   1.00 49.25 ? 60  GLN A CG  1 
ATOM   459  C CD  . GLN A 1 60  ? 6.656   -11.406 3.730   1.00 53.29 ? 60  GLN A CD  1 
ATOM   460  O OE1 . GLN A 1 60  ? 6.994   -11.390 2.546   1.00 55.49 ? 60  GLN A OE1 1 
ATOM   461  N NE2 . GLN A 1 60  ? 5.403   -11.613 4.111   1.00 53.21 ? 60  GLN A NE2 1 
ATOM   462  N N   . ALA A 1 61  ? 12.124  -10.612 3.918   1.00 51.56 ? 61  ALA A N   1 
ATOM   463  C CA  . ALA A 1 61  ? 13.334  -9.902  3.523   1.00 49.02 ? 61  ALA A CA  1 
ATOM   464  C C   . ALA A 1 61  ? 14.095  -10.658 2.444   1.00 51.02 ? 61  ALA A C   1 
ATOM   465  O O   . ALA A 1 61  ? 14.626  -10.046 1.512   1.00 56.21 ? 61  ALA A O   1 
ATOM   466  C CB  . ALA A 1 61  ? 14.225  -9.667  4.740   1.00 51.30 ? 61  ALA A CB  1 
ATOM   467  N N   . ARG A 1 62  ? 14.168  -11.986 2.555   1.00 52.18 ? 62  ARG A N   1 
ATOM   468  C CA  . ARG A 1 62  ? 14.897  -12.754 1.550   1.00 54.06 ? 62  ARG A CA  1 
ATOM   469  C C   . ARG A 1 62  ? 14.217  -12.693 0.188   1.00 53.87 ? 62  ARG A C   1 
ATOM   470  O O   . ARG A 1 62  ? 14.889  -12.556 -0.840  1.00 56.00 ? 62  ARG A O   1 
ATOM   471  C CB  . ARG A 1 62  ? 15.059  -14.200 2.007   1.00 55.19 ? 62  ARG A CB  1 
ATOM   472  C CG  . ARG A 1 62  ? 16.232  -14.411 2.941   1.00 53.10 ? 62  ARG A CG  1 
ATOM   473  C CD  . ARG A 1 62  ? 16.541  -15.889 3.110   1.00 54.55 ? 62  ARG A CD  1 
ATOM   474  N NE  . ARG A 1 62  ? 15.949  -16.448 4.321   1.00 58.32 ? 62  ARG A NE  1 
ATOM   475  C CZ  . ARG A 1 62  ? 16.342  -16.159 5.554   1.00 58.52 ? 62  ARG A CZ  1 
ATOM   476  N NH1 . ARG A 1 62  ? 17.346  -15.330 5.784   1.00 56.18 ? 62  ARG A NH1 1 
ATOM   477  N NH2 . ARG A 1 62  ? 15.715  -16.722 6.583   1.00 57.48 ? 62  ARG A NH2 1 
ATOM   478  N N   . GLY A 1 63  ? 12.894  -12.799 0.151   1.00 55.93 ? 63  GLY A N   1 
ATOM   479  C CA  . GLY A 1 63  ? 12.171  -12.776 -1.106  1.00 56.18 ? 63  GLY A CA  1 
ATOM   480  C C   . GLY A 1 63  ? 11.795  -11.390 -1.585  1.00 56.05 ? 63  GLY A C   1 
ATOM   481  O O   . GLY A 1 63  ? 10.643  -10.973 -1.440  1.00 56.78 ? 63  GLY A O   1 
ATOM   482  N N   . THR A 1 64  ? 12.751  -10.664 -2.160  1.00 53.04 ? 64  THR A N   1 
ATOM   483  C CA  . THR A 1 64  ? 12.524  -9.294  -2.596  1.00 50.84 ? 64  THR A CA  1 
ATOM   484  C C   . THR A 1 64  ? 12.604  -9.117  -4.105  1.00 50.47 ? 64  THR A C   1 
ATOM   485  O O   . THR A 1 64  ? 12.448  -7.993  -4.588  1.00 52.53 ? 64  THR A O   1 
ATOM   486  C CB  . THR A 1 64  ? 13.527  -8.352  -1.922  1.00 52.94 ? 64  THR A CB  1 
ATOM   487  O OG1 . THR A 1 64  ? 13.188  -6.994  -2.222  1.00 54.04 ? 64  THR A OG1 1 
ATOM   488  C CG2 . THR A 1 64  ? 14.933  -8.636  -2.418  1.00 52.81 ? 64  THR A CG2 1 
ATOM   489  N N   . ASP A 1 65  ? 12.845  -10.190 -4.861  1.00 48.35 ? 65  ASP A N   1 
ATOM   490  C CA  . ASP A 1 65  ? 13.041  -10.055 -6.301  1.00 45.24 ? 65  ASP A CA  1 
ATOM   491  C C   . ASP A 1 65  ? 11.776  -9.599  -7.018  1.00 47.58 ? 65  ASP A C   1 
ATOM   492  O O   . ASP A 1 65  ? 11.858  -8.836  -7.987  1.00 47.70 ? 65  ASP A O   1 
ATOM   493  C CB  . ASP A 1 65  ? 13.528  -11.374 -6.891  1.00 48.10 ? 65  ASP A CB  1 
ATOM   494  C CG  . ASP A 1 65  ? 13.868  -11.260 -8.361  1.00 53.40 ? 65  ASP A CG  1 
ATOM   495  O OD1 . ASP A 1 65  ? 14.819  -10.521 -8.692  1.00 52.42 ? 65  ASP A OD1 1 
ATOM   496  O OD2 . ASP A 1 65  ? 13.187  -11.905 -9.186  1.00 54.37 ? 65  ASP A OD2 1 
ATOM   497  N N   . ASP A 1 66  ? 10.606  -10.058 -6.576  1.00 43.04 ? 66  ASP A N   1 
ATOM   498  C CA  . ASP A 1 66  ? 9.353   -9.727  -7.244  1.00 39.16 ? 66  ASP A CA  1 
ATOM   499  C C   . ASP A 1 66  ? 8.349   -9.123  -6.273  1.00 36.16 ? 66  ASP A C   1 
ATOM   500  O O   . ASP A 1 66  ? 7.143   -9.316  -6.418  1.00 41.88 ? 66  ASP A O   1 
ATOM   501  C CB  . ASP A 1 66  ? 8.756   -10.951 -7.939  1.00 40.83 ? 66  ASP A CB  1 
ATOM   502  C CG  . ASP A 1 66  ? 8.387   -12.063 -6.975  1.00 45.02 ? 66  ASP A CG  1 
ATOM   503  O OD1 . ASP A 1 66  ? 8.624   -11.925 -5.758  1.00 48.51 ? 66  ASP A OD1 1 
ATOM   504  O OD2 . ASP A 1 66  ? 7.846   -13.086 -7.443  1.00 47.20 ? 66  ASP A OD2 1 
ATOM   505  N N   . GLN A 1 67  ? 8.832   -8.389  -5.279  1.00 34.71 ? 67  GLN A N   1 
ATOM   506  C CA  . GLN A 1 67  ? 7.971   -7.852  -4.241  1.00 32.88 ? 67  GLN A CA  1 
ATOM   507  C C   . GLN A 1 67  ? 8.477   -6.483  -3.827  1.00 33.53 ? 67  GLN A C   1 
ATOM   508  O O   . GLN A 1 67  ? 9.666   -6.321  -3.537  1.00 37.91 ? 67  GLN A O   1 
ATOM   509  C CB  . GLN A 1 67  ? 7.942   -8.791  -3.033  1.00 33.77 ? 67  GLN A CB  1 
ATOM   510  C CG  . GLN A 1 67  ? 7.153   -8.275  -1.862  1.00 34.17 ? 67  GLN A CG  1 
ATOM   511  C CD  . GLN A 1 67  ? 5.676   -8.496  -2.032  1.00 39.10 ? 67  GLN A CD  1 
ATOM   512  O OE1 . GLN A 1 67  ? 5.225   -9.629  -2.181  1.00 43.10 ? 67  GLN A OE1 1 
ATOM   513  N NE2 . GLN A 1 67  ? 4.909   -7.419  -2.012  1.00 40.62 ? 67  GLN A NE2 1 
ATOM   514  N N   . LEU A 1 68  ? 7.584   -5.501  -3.810  1.00 33.28 ? 68  LEU A N   1 
ATOM   515  C CA  . LEU A 1 68  ? 7.863   -4.209  -3.203  1.00 28.61 ? 68  LEU A CA  1 
ATOM   516  C C   . LEU A 1 68  ? 7.186   -4.147  -1.842  1.00 29.45 ? 68  LEU A C   1 
ATOM   517  O O   . LEU A 1 68  ? 6.017   -4.511  -1.708  1.00 39.74 ? 68  LEU A O   1 
ATOM   518  C CB  . LEU A 1 68  ? 7.385   -3.051  -4.077  1.00 27.68 ? 68  LEU A CB  1 
ATOM   519  C CG  . LEU A 1 68  ? 7.937   -2.924  -5.487  1.00 22.55 ? 68  LEU A CG  1 
ATOM   520  C CD1 . LEU A 1 68  ? 7.256   -1.781  -6.192  1.00 30.86 ? 68  LEU A CD1 1 
ATOM   521  C CD2 . LEU A 1 68  ? 9.421   -2.689  -5.422  1.00 30.96 ? 68  LEU A CD2 1 
ATOM   522  N N   . ARG A 1 69  ? 7.932   -3.708  -0.840  1.00 30.60 ? 69  ARG A N   1 
ATOM   523  C CA  . ARG A 1 69  ? 7.399   -3.488  0.495   1.00 27.28 ? 69  ARG A CA  1 
ATOM   524  C C   . ARG A 1 69  ? 7.927   -2.144  0.959   1.00 32.21 ? 69  ARG A C   1 
ATOM   525  O O   . ARG A 1 69  ? 9.144   -1.948  1.009   1.00 44.87 ? 69  ARG A O   1 
ATOM   526  C CB  . ARG A 1 69  ? 7.836   -4.596  1.455   1.00 35.97 ? 69  ARG A CB  1 
ATOM   527  C CG  . ARG A 1 69  ? 7.326   -5.964  1.092   1.00 37.17 ? 69  ARG A CG  1 
ATOM   528  C CD  . ARG A 1 69  ? 7.575   -6.978  2.182   1.00 34.13 ? 69  ARG A CD  1 
ATOM   529  N NE  . ARG A 1 69  ? 7.120   -8.298  1.769   1.00 36.69 ? 69  ARG A NE  1 
ATOM   530  C CZ  . ARG A 1 69  ? 5.848   -8.663  1.700   1.00 40.11 ? 69  ARG A CZ  1 
ATOM   531  N NH1 . ARG A 1 69  ? 4.874   -7.849  2.067   1.00 39.50 ? 69  ARG A NH1 1 
ATOM   532  N NH2 . ARG A 1 69  ? 5.546   -9.875  1.248   1.00 42.98 ? 69  ARG A NH2 1 
ATOM   533  N N   . PHE A 1 70  ? 7.035   -1.219  1.278   1.00 22.24 ? 70  PHE A N   1 
ATOM   534  C CA  . PHE A 1 70  ? 7.454   0.078   1.776   1.00 20.44 ? 70  PHE A CA  1 
ATOM   535  C C   . PHE A 1 70  ? 6.818   0.366   3.122   1.00 22.75 ? 70  PHE A C   1 
ATOM   536  O O   . PHE A 1 70  ? 5.765   -0.175  3.465   1.00 40.25 ? 70  PHE A O   1 
ATOM   537  C CB  . PHE A 1 70  ? 7.108   1.220   0.819   1.00 26.15 ? 70  PHE A CB  1 
ATOM   538  C CG  . PHE A 1 70  ? 7.647   1.049   -0.568  1.00 29.59 ? 70  PHE A CG  1 
ATOM   539  C CD1 . PHE A 1 70  ? 8.956   1.375   -0.856  1.00 24.32 ? 70  PHE A CD1 1 
ATOM   540  C CD2 . PHE A 1 70  ? 6.830   0.622   -1.595  1.00 32.86 ? 70  PHE A CD2 1 
ATOM   541  C CE1 . PHE A 1 70  ? 9.446   1.233   -2.127  1.00 26.93 ? 70  PHE A CE1 1 
ATOM   542  C CE2 . PHE A 1 70  ? 7.316   0.487   -2.869  1.00 25.65 ? 70  PHE A CE2 1 
ATOM   543  C CZ  . PHE A 1 70  ? 8.626   0.793   -3.135  1.00 25.49 ? 70  PHE A CZ  1 
ATOM   544  N N   . THR A 1 71  ? 7.489   1.214   3.888   1.00 30.98 ? 71  THR A N   1 
ATOM   545  C CA  . THR A 1 71  ? 6.898   1.866   5.042   1.00 34.85 ? 71  THR A CA  1 
ATOM   546  C C   . THR A 1 71  ? 6.604   3.307   4.651   1.00 30.98 ? 71  THR A C   1 
ATOM   547  O O   . THR A 1 71  ? 7.500   4.024   4.195   1.00 35.87 ? 71  THR A O   1 
ATOM   548  C CB  . THR A 1 71  ? 7.834   1.817   6.249   1.00 32.31 ? 71  THR A CB  1 
ATOM   549  O OG1 . THR A 1 71  ? 8.135   0.455   6.563   1.00 43.74 ? 71  THR A OG1 1 
ATOM   550  C CG2 . THR A 1 71  ? 7.159   2.440   7.450   1.00 32.94 ? 71  THR A CG2 1 
ATOM   551  N N   . VAL A 1 72  ? 5.354   3.721   4.812   1.00 26.27 ? 72  VAL A N   1 
ATOM   552  C CA  . VAL A 1 72  ? 4.928   5.070   4.465   1.00 22.85 ? 72  VAL A CA  1 
ATOM   553  C C   . VAL A 1 72  ? 5.260   5.997   5.619   1.00 35.17 ? 72  VAL A C   1 
ATOM   554  O O   . VAL A 1 72  ? 5.067   5.640   6.788   1.00 43.58 ? 72  VAL A O   1 
ATOM   555  C CB  . VAL A 1 72  ? 3.427   5.111   4.145   1.00 31.85 ? 72  VAL A CB  1 
ATOM   556  C CG1 . VAL A 1 72  ? 2.997   6.527   3.822   1.00 34.23 ? 72  VAL A CG1 1 
ATOM   557  C CG2 . VAL A 1 72  ? 3.120   4.188   2.999   1.00 37.24 ? 72  VAL A CG2 1 
ATOM   558  N N   . TYR A 1 73  ? 5.778   7.179   5.300   1.00 42.46 ? 73  TYR A N   1 
ATOM   559  C CA  . TYR A 1 73  ? 6.128   8.170   6.305   1.00 40.02 ? 73  TYR A CA  1 
ATOM   560  C C   . TYR A 1 73  ? 5.255   9.406   6.176   1.00 37.87 ? 73  TYR A C   1 
ATOM   561  O O   . TYR A 1 73  ? 4.934   9.844   5.070   1.00 40.02 ? 73  TYR A O   1 
ATOM   562  C CB  . TYR A 1 73  ? 7.603   8.561   6.213   1.00 35.64 ? 73  TYR A CB  1 
ATOM   563  C CG  . TYR A 1 73  ? 8.519   7.430   6.570   1.00 29.05 ? 73  TYR A CG  1 
ATOM   564  C CD1 . TYR A 1 73  ? 8.906   7.225   7.879   1.00 38.19 ? 73  TYR A CD1 1 
ATOM   565  C CD2 . TYR A 1 73  ? 8.992   6.563   5.605   1.00 35.35 ? 73  TYR A CD2 1 
ATOM   566  C CE1 . TYR A 1 73  ? 9.734   6.188   8.218   1.00 40.52 ? 73  TYR A CE1 1 
ATOM   567  C CE2 . TYR A 1 73  ? 9.822   5.523   5.935   1.00 36.63 ? 73  TYR A CE2 1 
ATOM   568  C CZ  . TYR A 1 73  ? 10.192  5.341   7.242   1.00 36.16 ? 73  TYR A CZ  1 
ATOM   569  O OH  . TYR A 1 73  ? 11.024  4.305   7.580   1.00 40.44 ? 73  TYR A OH  1 
ATOM   570  N N   . ASP A 1 74  ? 4.870   9.950   7.324   1.00 44.41 ? 74  ASP A N   1 
ATOM   571  C CA  . ASP A 1 74  ? 4.221   11.248  7.409   1.00 46.14 ? 74  ASP A CA  1 
ATOM   572  C C   . ASP A 1 74  ? 5.318   12.300  7.499   1.00 46.49 ? 74  ASP A C   1 
ATOM   573  O O   . ASP A 1 74  ? 6.099   12.308  8.455   1.00 50.01 ? 74  ASP A O   1 
ATOM   574  C CB  . ASP A 1 74  ? 3.304   11.293  8.631   1.00 45.71 ? 74  ASP A CB  1 
ATOM   575  C CG  . ASP A 1 74  ? 2.594   12.625  8.801   1.00 50.94 ? 74  ASP A CG  1 
ATOM   576  O OD1 . ASP A 1 74  ? 2.904   13.591  8.077   1.00 54.74 ? 74  ASP A OD1 1 
ATOM   577  O OD2 . ASP A 1 74  ? 1.719   12.708  9.685   1.00 48.69 ? 74  ASP A OD2 1 
ATOM   578  N N   . LEU A 1 75  ? 5.390   13.176  6.502   1.00 45.09 ? 75  LEU A N   1 
ATOM   579  C CA  . LEU A 1 75  ? 6.431   14.190  6.445   1.00 45.78 ? 75  LEU A CA  1 
ATOM   580  C C   . LEU A 1 75  ? 5.944   15.565  6.880   1.00 52.25 ? 75  LEU A C   1 
ATOM   581  O O   . LEU A 1 75  ? 6.636   16.558  6.641   1.00 57.13 ? 75  LEU A O   1 
ATOM   582  C CB  . LEU A 1 75  ? 7.016   14.266  5.036   1.00 48.96 ? 75  LEU A CB  1 
ATOM   583  C CG  . LEU A 1 75  ? 7.630   12.976  4.497   1.00 50.15 ? 75  LEU A CG  1 
ATOM   584  C CD1 . LEU A 1 75  ? 8.200   13.200  3.107   1.00 50.40 ? 75  LEU A CD1 1 
ATOM   585  C CD2 . LEU A 1 75  ? 8.690   12.440  5.442   1.00 49.10 ? 75  LEU A CD2 1 
ATOM   586  N N   . THR A 1 76  ? 4.767   15.652  7.500   1.00 53.82 ? 76  THR A N   1 
ATOM   587  C CA  . THR A 1 76  ? 4.262   16.945  7.943   1.00 54.12 ? 76  THR A CA  1 
ATOM   588  C C   . THR A 1 76  ? 4.970   17.463  9.184   1.00 58.86 ? 76  THR A C   1 
ATOM   589  O O   . THR A 1 76  ? 5.016   18.680  9.390   1.00 60.07 ? 76  THR A O   1 
ATOM   590  C CB  . THR A 1 76  ? 2.761   16.864  8.216   1.00 57.42 ? 76  THR A CB  1 
ATOM   591  O OG1 . THR A 1 76  ? 2.515   15.922  9.267   1.00 59.53 ? 76  THR A OG1 1 
ATOM   592  C CG2 . THR A 1 76  ? 2.015   16.434  6.969   1.00 57.12 ? 76  THR A CG2 1 
ATOM   593  N N   . GLY A 1 77  ? 5.525   16.578  10.009  1.00 64.01 ? 77  GLY A N   1 
ATOM   594  C CA  . GLY A 1 77  ? 6.229   16.975  11.209  1.00 62.60 ? 77  GLY A CA  1 
ATOM   595  C C   . GLY A 1 77  ? 7.676   17.337  10.935  1.00 65.26 ? 77  GLY A C   1 
ATOM   596  O O   . GLY A 1 77  ? 8.119   17.450  9.791   1.00 66.33 ? 77  GLY A O   1 
ATOM   597  N N   . GLN A 1 78  ? 8.421   17.534  12.022  1.00 67.86 ? 78  GLN A N   1 
ATOM   598  C CA  . GLN A 1 78  ? 9.835   17.868  11.893  1.00 67.52 ? 78  GLN A CA  1 
ATOM   599  C C   . GLN A 1 78  ? 10.628  16.683  11.355  1.00 67.81 ? 78  GLN A C   1 
ATOM   600  O O   . GLN A 1 78  ? 11.478  16.840  10.471  1.00 67.42 ? 78  GLN A O   1 
ATOM   601  C CB  . GLN A 1 78  ? 10.391  18.330  13.240  1.00 69.27 ? 78  GLN A CB  1 
ATOM   602  C CG  . GLN A 1 78  ? 11.680  19.135  13.139  1.00 69.75 ? 78  GLN A CG  1 
ATOM   603  C CD  . GLN A 1 78  ? 12.924  18.281  13.282  1.00 71.13 ? 78  GLN A CD  1 
ATOM   604  O OE1 . GLN A 1 78  ? 12.986  17.391  14.131  1.00 71.13 ? 78  GLN A OE1 1 
ATOM   605  N NE2 . GLN A 1 78  ? 13.925  18.552  12.453  1.00 70.07 ? 78  GLN A NE2 1 
ATOM   606  N N   . ASP A 1 79  ? 10.366  15.489  11.883  1.00 65.11 ? 79  ASP A N   1 
ATOM   607  C CA  . ASP A 1 79  ? 10.992  14.251  11.450  1.00 66.70 ? 79  ASP A CA  1 
ATOM   608  C C   . ASP A 1 79  ? 9.953   13.301  10.863  1.00 63.52 ? 79  ASP A C   1 
ATOM   609  O O   . ASP A 1 79  ? 8.768   13.384  11.199  1.00 64.85 ? 79  ASP A O   1 
ATOM   610  C CB  . ASP A 1 79  ? 11.715  13.553  12.608  1.00 64.91 ? 79  ASP A CB  1 
ATOM   611  C CG  . ASP A 1 79  ? 13.020  14.226  12.970  1.00 67.24 ? 79  ASP A CG  1 
ATOM   612  O OD1 . ASP A 1 79  ? 13.539  15.003  12.139  1.00 67.30 ? 79  ASP A OD1 1 
ATOM   613  O OD2 . ASP A 1 79  ? 13.532  13.978  14.081  1.00 67.19 ? 79  ASP A OD2 1 
ATOM   614  N N   . PRO A 1 80  ? 10.357  12.409  9.958   1.00 48.18 ? 80  PRO A N   1 
ATOM   615  C CA  . PRO A 1 80  ? 9.417   11.407  9.449   1.00 47.42 ? 80  PRO A CA  1 
ATOM   616  C C   . PRO A 1 80  ? 8.932   10.480  10.554  1.00 48.28 ? 80  PRO A C   1 
ATOM   617  O O   . PRO A 1 80  ? 9.687   10.090  11.445  1.00 49.54 ? 80  PRO A O   1 
ATOM   618  C CB  . PRO A 1 80  ? 10.245  10.650  8.404   1.00 45.25 ? 80  PRO A CB  1 
ATOM   619  C CG  . PRO A 1 80  ? 11.330  11.594  8.035   1.00 48.97 ? 80  PRO A CG  1 
ATOM   620  C CD  . PRO A 1 80  ? 11.671  12.291  9.308   1.00 48.97 ? 80  PRO A CD  1 
ATOM   621  N N   . VAL A 1 81  ? 7.655   10.121  10.479  1.00 44.30 ? 81  VAL A N   1 
ATOM   622  C CA  . VAL A 1 81  ? 7.071   9.150   11.397  1.00 41.75 ? 81  VAL A CA  1 
ATOM   623  C C   . VAL A 1 81  ? 6.319   8.099   10.585  1.00 41.31 ? 81  VAL A C   1 
ATOM   624  O O   . VAL A 1 81  ? 5.453   8.444   9.771   1.00 46.79 ? 81  VAL A O   1 
ATOM   625  C CB  . VAL A 1 81  ? 6.177   9.847   12.439  1.00 39.16 ? 81  VAL A CB  1 
ATOM   626  C CG1 . VAL A 1 81  ? 5.104   10.687  11.773  1.00 41.89 ? 81  VAL A CG1 1 
ATOM   627  C CG2 . VAL A 1 81  ? 5.556   8.833   13.378  1.00 41.37 ? 81  VAL A CG2 1 
ATOM   628  N N   . PRO A 1 82  ? 6.625   6.815   10.758  1.00 37.69 ? 82  PRO A N   1 
ATOM   629  C CA  . PRO A 1 82  ? 5.959   5.788   9.952   1.00 33.97 ? 82  PRO A CA  1 
ATOM   630  C C   . PRO A 1 82  ? 4.493   5.644   10.321  1.00 34.39 ? 82  PRO A C   1 
ATOM   631  O O   . PRO A 1 82  ? 4.132   5.600   11.498  1.00 42.18 ? 82  PRO A O   1 
ATOM   632  C CB  . PRO A 1 82  ? 6.751   4.520   10.281  1.00 36.83 ? 82  PRO A CB  1 
ATOM   633  C CG  . PRO A 1 82  ? 7.282   4.761   11.637  1.00 36.67 ? 82  PRO A CG  1 
ATOM   634  C CD  . PRO A 1 82  ? 7.586   6.231   11.707  1.00 37.76 ? 82  PRO A CD  1 
ATOM   635  N N   . VAL A 1 83  ? 3.648   5.552   9.297   1.00 37.94 ? 83  VAL A N   1 
ATOM   636  C CA  . VAL A 1 83  ? 2.205   5.533   9.494   1.00 37.00 ? 83  VAL A CA  1 
ATOM   637  C C   . VAL A 1 83  ? 1.525   4.312   8.888   1.00 37.19 ? 83  VAL A C   1 
ATOM   638  O O   . VAL A 1 83  ? 0.354   4.058   9.209   1.00 47.42 ? 83  VAL A O   1 
ATOM   639  C CB  . VAL A 1 83  ? 1.555   6.821   8.950   1.00 32.18 ? 83  VAL A CB  1 
ATOM   640  C CG1 . VAL A 1 83  ? 2.039   8.020   9.726   1.00 37.59 ? 83  VAL A CG1 1 
ATOM   641  C CG2 . VAL A 1 83  ? 1.858   6.983   7.486   1.00 37.18 ? 83  VAL A CG2 1 
ATOM   642  N N   . GLY A 1 84  ? 2.190   3.544   8.036   1.00 26.01 ? 84  GLY A N   1 
ATOM   643  C CA  . GLY A 1 84  ? 1.549   2.388   7.444   1.00 22.51 ? 84  GLY A CA  1 
ATOM   644  C C   . GLY A 1 84  ? 2.523   1.606   6.596   1.00 22.59 ? 84  GLY A C   1 
ATOM   645  O O   . GLY A 1 84  ? 3.733   1.829   6.644   1.00 34.78 ? 84  GLY A O   1 
ATOM   646  N N   . THR A 1 85  ? 1.978   0.667   5.829   1.00 22.95 ? 85  THR A N   1 
ATOM   647  C CA  . THR A 1 85  ? 2.762   -0.125  4.895   1.00 18.10 ? 85  THR A CA  1 
ATOM   648  C C   . THR A 1 85  ? 2.043   -0.205  3.560   1.00 26.59 ? 85  THR A C   1 
ATOM   649  O O   . THR A 1 85  ? 0.814   -0.213  3.499   1.00 38.59 ? 85  THR A O   1 
ATOM   650  C CB  . THR A 1 85  ? 3.018   -1.547  5.407   1.00 31.76 ? 85  THR A CB  1 
ATOM   651  O OG1 . THR A 1 85  ? 1.770   -2.227  5.580   1.00 43.28 ? 85  THR A OG1 1 
ATOM   652  C CG2 . THR A 1 85  ? 3.771   -1.530  6.727   1.00 38.71 ? 85  THR A CG2 1 
ATOM   653  N N   . THR A 1 86  ? 2.828   -0.258  2.486   1.00 29.25 ? 86  THR A N   1 
ATOM   654  C CA  . THR A 1 86  ? 2.325   -0.504  1.143   1.00 27.38 ? 86  THR A CA  1 
ATOM   655  C C   . THR A 1 86  ? 3.122   -1.642  0.528   1.00 25.90 ? 86  THR A C   1 
ATOM   656  O O   . THR A 1 86  ? 4.311   -1.805  0.804   1.00 37.16 ? 86  THR A O   1 
ATOM   657  C CB  . THR A 1 86  ? 2.434   0.726   0.236   1.00 19.00 ? 86  THR A CB  1 
ATOM   658  O OG1 . THR A 1 86  ? 3.803   1.120   0.133   1.00 37.73 ? 86  THR A OG1 1 
ATOM   659  C CG2 . THR A 1 86  ? 1.641   1.871   0.793   1.00 25.72 ? 86  THR A CG2 1 
ATOM   660  N N   . ALA A 1 87  ? 2.465   -2.416  -0.326  1.00 22.42 ? 87  ALA A N   1 
ATOM   661  C CA  . ALA A 1 87  ? 3.126   -3.547  -0.950  1.00 16.02 ? 87  ALA A CA  1 
ATOM   662  C C   . ALA A 1 87  ? 2.600   -3.723  -2.360  1.00 18.90 ? 87  ALA A C   1 
ATOM   663  O O   . ALA A 1 87  ? 1.433   -3.452  -2.642  1.00 36.12 ? 87  ALA A O   1 
ATOM   664  C CB  . ALA A 1 87  ? 2.924   -4.831  -0.147  1.00 28.92 ? 87  ALA A CB  1 
ATOM   665  N N   . VAL A 1 88  ? 3.487   -4.152  -3.250  1.00 22.66 ? 88  VAL A N   1 
ATOM   666  C CA  . VAL A 1 88  ? 3.140   -4.522  -4.615  1.00 27.06 ? 88  VAL A CA  1 
ATOM   667  C C   . VAL A 1 88  ? 3.756   -5.885  -4.890  1.00 28.65 ? 88  VAL A C   1 
ATOM   668  O O   . VAL A 1 88  ? 4.977   -6.043  -4.802  1.00 38.15 ? 88  VAL A O   1 
ATOM   669  C CB  . VAL A 1 88  ? 3.633   -3.492  -5.645  1.00 24.82 ? 88  VAL A CB  1 
ATOM   670  C CG1 . VAL A 1 88  ? 3.263   -3.932  -7.041  1.00 29.87 ? 88  VAL A CG1 1 
ATOM   671  C CG2 . VAL A 1 88  ? 3.051   -2.127  -5.362  1.00 26.95 ? 88  VAL A CG2 1 
ATOM   672  N N   . LEU A 1 89  ? 2.920   -6.862  -5.222  1.00 28.17 ? 89  LEU A N   1 
ATOM   673  C CA  . LEU A 1 89  ? 3.393   -8.182  -5.622  1.00 26.24 ? 89  LEU A CA  1 
ATOM   674  C C   . LEU A 1 89  ? 3.555   -8.178  -7.135  1.00 26.56 ? 89  LEU A C   1 
ATOM   675  O O   . LEU A 1 89  ? 2.575   -8.025  -7.868  1.00 37.87 ? 89  LEU A O   1 
ATOM   676  C CB  . LEU A 1 89  ? 2.425   -9.268  -5.167  1.00 28.39 ? 89  LEU A CB  1 
ATOM   677  C CG  . LEU A 1 89  ? 2.770   -10.693 -5.598  1.00 31.96 ? 89  LEU A CG  1 
ATOM   678  C CD1 . LEU A 1 89  ? 4.105   -11.119 -5.018  1.00 30.14 ? 89  LEU A CD1 1 
ATOM   679  C CD2 . LEU A 1 89  ? 1.676   -11.648 -5.180  1.00 32.53 ? 89  LEU A CD2 1 
ATOM   680  N N   . ILE A 1 90  ? 4.785   -8.347  -7.604  1.00 33.83 ? 90  ILE A N   1 
ATOM   681  C CA  . ILE A 1 90  ? 5.135   -8.140  -9.004  1.00 29.67 ? 90  ILE A CA  1 
ATOM   682  C C   . ILE A 1 90  ? 5.125   -9.474  -9.732  1.00 35.62 ? 90  ILE A C   1 
ATOM   683  O O   . ILE A 1 90  ? 5.654   -10.471 -9.229  1.00 41.11 ? 90  ILE A O   1 
ATOM   684  C CB  . ILE A 1 90  ? 6.505   -7.456  -9.139  1.00 26.83 ? 90  ILE A CB  1 
ATOM   685  C CG1 . ILE A 1 90  ? 6.462   -6.062  -8.523  1.00 27.01 ? 90  ILE A CG1 1 
ATOM   686  C CG2 . ILE A 1 90  ? 6.908   -7.367  -10.588 1.00 29.74 ? 90  ILE A CG2 1 
ATOM   687  C CD1 . ILE A 1 90  ? 7.793   -5.383  -8.493  1.00 31.97 ? 90  ILE A CD1 1 
ATOM   688  N N   . ASP A 1 91  ? 4.512   -9.495  -10.906 1.00 31.31 ? 91  ASP A N   1 
ATOM   689  C CA  . ASP A 1 91  ? 4.578   -10.621 -11.830 1.00 30.69 ? 91  ASP A CA  1 
ATOM   690  C C   . ASP A 1 91  ? 5.453   -10.146 -12.983 1.00 37.76 ? 91  ASP A C   1 
ATOM   691  O O   . ASP A 1 91  ? 4.993   -9.409  -13.857 1.00 42.72 ? 91  ASP A O   1 
ATOM   692  C CB  . ASP A 1 91  ? 3.181   -11.028 -12.291 1.00 31.82 ? 91  ASP A CB  1 
ATOM   693  C CG  . ASP A 1 91  ? 3.187   -12.240 -13.212 1.00 41.67 ? 91  ASP A CG  1 
ATOM   694  O OD1 . ASP A 1 91  ? 4.246   -12.594 -13.766 1.00 45.47 ? 91  ASP A OD1 1 
ATOM   695  O OD2 . ASP A 1 91  ? 2.112   -12.846 -13.388 1.00 44.95 ? 91  ASP A OD2 1 
ATOM   696  N N   . HIS A 1 92  ? 6.718   -10.560 -12.980 1.00 33.18 ? 92  HIS A N   1 
ATOM   697  C CA  . HIS A 1 92  ? 7.658   -10.077 -13.982 1.00 28.37 ? 92  HIS A CA  1 
ATOM   698  C C   . HIS A 1 92  ? 7.346   -10.565 -15.387 1.00 31.67 ? 92  HIS A C   1 
ATOM   699  O O   . HIS A 1 92  ? 7.880   -10.002 -16.345 1.00 38.98 ? 92  HIS A O   1 
ATOM   700  C CB  . HIS A 1 92  ? 9.085   -10.480 -13.612 1.00 32.74 ? 92  HIS A CB  1 
ATOM   701  C CG  . HIS A 1 92  ? 9.669   -9.676  -12.496 1.00 33.22 ? 92  HIS A CG  1 
ATOM   702  N ND1 . HIS A 1 92  ? 9.896   -8.322  -12.599 1.00 33.44 ? 92  HIS A ND1 1 
ATOM   703  C CD2 . HIS A 1 92  ? 10.089  -10.033 -11.261 1.00 34.53 ? 92  HIS A CD2 1 
ATOM   704  C CE1 . HIS A 1 92  ? 10.422  -7.877  -11.474 1.00 31.97 ? 92  HIS A CE1 1 
ATOM   705  N NE2 . HIS A 1 92  ? 10.550  -8.896  -10.645 1.00 36.64 ? 92  HIS A NE2 1 
ATOM   706  N N   . HIS A 1 93  ? 6.504   -11.584 -15.537 1.00 33.04 ? 93  HIS A N   1 
ATOM   707  C CA  . HIS A 1 93  ? 6.229   -12.112 -16.868 1.00 26.14 ? 93  HIS A CA  1 
ATOM   708  C C   . HIS A 1 93  ? 5.392   -11.153 -17.702 1.00 29.66 ? 93  HIS A C   1 
ATOM   709  O O   . HIS A 1 93  ? 5.530   -11.124 -18.927 1.00 37.95 ? 93  HIS A O   1 
ATOM   710  C CB  . HIS A 1 93  ? 5.531   -13.463 -16.754 1.00 28.12 ? 93  HIS A CB  1 
ATOM   711  C CG  . HIS A 1 93  ? 6.431   -14.563 -16.291 1.00 32.30 ? 93  HIS A CG  1 
ATOM   712  N ND1 . HIS A 1 93  ? 6.925   -15.525 -17.143 1.00 40.91 ? 93  HIS A ND1 1 
ATOM   713  C CD2 . HIS A 1 93  ? 6.937   -14.846 -15.070 1.00 35.63 ? 93  HIS A CD2 1 
ATOM   714  C CE1 . HIS A 1 93  ? 7.693   -16.358 -16.464 1.00 37.21 ? 93  HIS A CE1 1 
ATOM   715  N NE2 . HIS A 1 93  ? 7.717   -15.968 -15.204 1.00 33.12 ? 93  HIS A NE2 1 
ATOM   716  N N   . VAL A 1 94  ? 4.520   -10.365 -17.069 1.00 31.20 ? 94  VAL A N   1 
ATOM   717  C CA  . VAL A 1 94  ? 3.632   -9.462  -17.789 1.00 27.87 ? 94  VAL A CA  1 
ATOM   718  C C   . VAL A 1 94  ? 3.768   -8.014  -17.343 1.00 31.31 ? 94  VAL A C   1 
ATOM   719  O O   . VAL A 1 94  ? 3.013   -7.167  -17.818 1.00 34.85 ? 94  VAL A O   1 
ATOM   720  C CB  . VAL A 1 94  ? 2.164   -9.917  -17.681 1.00 25.95 ? 94  VAL A CB  1 
ATOM   721  C CG1 . VAL A 1 94  ? 1.970   -11.231 -18.402 1.00 28.77 ? 94  VAL A CG1 1 
ATOM   722  C CG2 . VAL A 1 94  ? 1.757   -10.059 -16.238 1.00 33.58 ? 94  VAL A CG2 1 
ATOM   723  N N   . ARG A 1 95  ? 4.712   -7.699  -16.452 1.00 29.02 ? 95  ARG A N   1 
ATOM   724  C CA  . ARG A 1 95  ? 4.952   -6.327  -15.998 1.00 21.20 ? 95  ARG A CA  1 
ATOM   725  C C   . ARG A 1 95  ? 3.743   -5.749  -15.266 1.00 26.52 ? 95  ARG A C   1 
ATOM   726  O O   . ARG A 1 95  ? 3.365   -4.598  -15.483 1.00 39.07 ? 95  ARG A O   1 
ATOM   727  C CB  . ARG A 1 95  ? 5.355   -5.411  -17.162 1.00 32.05 ? 95  ARG A CB  1 
ATOM   728  C CG  . ARG A 1 95  ? 6.446   -5.934  -18.092 1.00 29.61 ? 95  ARG A CG  1 
ATOM   729  C CD  . ARG A 1 95  ? 7.615   -6.469  -17.311 1.00 27.83 ? 95  ARG A CD  1 
ATOM   730  N NE  . ARG A 1 95  ? 8.177   -5.422  -16.471 1.00 23.77 ? 95  ARG A NE  1 
ATOM   731  C CZ  . ARG A 1 95  ? 9.040   -5.632  -15.492 1.00 26.56 ? 95  ARG A CZ  1 
ATOM   732  N NH1 . ARG A 1 95  ? 9.435   -6.850  -15.171 1.00 27.94 ? 95  ARG A NH1 1 
ATOM   733  N NH2 . ARG A 1 95  ? 9.495   -4.596  -14.798 1.00 24.78 ? 95  ARG A NH2 1 
ATOM   734  N N   . THR A 1 96  ? 3.129   -6.539  -14.389 1.00 26.48 ? 96  THR A N   1 
ATOM   735  C CA  . THR A 1 96  ? 1.997   -6.072  -13.598 1.00 29.33 ? 96  THR A CA  1 
ATOM   736  C C   . THR A 1 96  ? 2.238   -6.344  -12.122 1.00 28.64 ? 96  THR A C   1 
ATOM   737  O O   . THR A 1 96  ? 3.044   -7.197  -11.749 1.00 39.81 ? 96  THR A O   1 
ATOM   738  C CB  . THR A 1 96  ? 0.668   -6.725  -14.014 1.00 29.67 ? 96  THR A CB  1 
ATOM   739  O OG1 . THR A 1 96  ? 0.708   -8.127  -13.729 1.00 35.93 ? 96  THR A OG1 1 
ATOM   740  C CG2 . THR A 1 96  ? 0.386   -6.507  -15.486 1.00 28.43 ? 96  THR A CG2 1 
ATOM   741  N N   . GLY A 1 97  ? 1.520   -5.611  -11.286 1.00 26.33 ? 97  GLY A N   1 
ATOM   742  C CA  . GLY A 1 97  ? 1.634   -5.776  -9.847  1.00 26.64 ? 97  GLY A CA  1 
ATOM   743  C C   . GLY A 1 97  ? 0.298   -5.585  -9.172  1.00 31.20 ? 97  GLY A C   1 
ATOM   744  O O   . GLY A 1 97  ? -0.571  -4.865  -9.666  1.00 38.43 ? 97  GLY A O   1 
ATOM   745  N N   . GLU A 1 98  ? 0.138   -6.242  -8.027  1.00 35.27 ? 98  GLU A N   1 
ATOM   746  C CA  . GLU A 1 98  ? -1.060  -6.153  -7.205  1.00 30.41 ? 98  GLU A CA  1 
ATOM   747  C C   . GLU A 1 98  ? -0.754  -5.323  -5.967  1.00 34.50 ? 98  GLU A C   1 
ATOM   748  O O   . GLU A 1 98  ? 0.221   -5.594  -5.264  1.00 40.77 ? 98  GLU A O   1 
ATOM   749  C CB  . GLU A 1 98  ? -1.550  -7.543  -6.805  1.00 33.22 ? 98  GLU A CB  1 
ATOM   750  C CG  . GLU A 1 98  ? -2.839  -7.542  -6.011  1.00 39.05 ? 98  GLU A CG  1 
ATOM   751  C CD  . GLU A 1 98  ? -3.321  -8.937  -5.675  1.00 48.11 ? 98  GLU A CD  1 
ATOM   752  O OE1 . GLU A 1 98  ? -2.635  -9.911  -6.045  1.00 47.38 ? 98  GLU A OE1 1 
ATOM   753  O OE2 . GLU A 1 98  ? -4.388  -9.060  -5.039  1.00 47.29 ? 98  GLU A OE2 1 
ATOM   754  N N   . PHE A 1 99  ? -1.594  -4.333  -5.696  1.00 29.96 ? 99  PHE A N   1 
ATOM   755  C CA  . PHE A 1 99  ? -1.314  -3.296  -4.711  1.00 30.75 ? 99  PHE A CA  1 
ATOM   756  C C   . PHE A 1 99  ? -2.195  -3.463  -3.476  1.00 32.62 ? 99  PHE A C   1 
ATOM   757  O O   . PHE A 1 99  ? -3.405  -3.675  -3.597  1.00 40.15 ? 99  PHE A O   1 
ATOM   758  C CB  . PHE A 1 99  ? -1.533  -1.923  -5.346  1.00 29.88 ? 99  PHE A CB  1 
ATOM   759  C CG  . PHE A 1 99  ? -1.547  -0.794  -4.372  1.00 25.87 ? 99  PHE A CG  1 
ATOM   760  C CD1 . PHE A 1 99  ? -0.370  -0.303  -3.853  1.00 29.70 ? 99  PHE A CD1 1 
ATOM   761  C CD2 . PHE A 1 99  ? -2.736  -0.213  -3.988  1.00 32.39 ? 99  PHE A CD2 1 
ATOM   762  C CE1 . PHE A 1 99  ? -0.379  0.739   -2.963  1.00 33.02 ? 99  PHE A CE1 1 
ATOM   763  C CE2 . PHE A 1 99  ? -2.751  0.829   -3.099  1.00 32.55 ? 99  PHE A CE2 1 
ATOM   764  C CZ  . PHE A 1 99  ? -1.570  1.307   -2.585  1.00 35.71 ? 99  PHE A CZ  1 
ATOM   765  N N   . VAL A 1 100 ? -1.585  -3.365  -2.290  1.00 28.01 ? 100 VAL A N   1 
ATOM   766  C CA  . VAL A 1 100 ? -2.303  -3.314  -1.021  1.00 27.87 ? 100 VAL A CA  1 
ATOM   767  C C   . VAL A 1 100 ? -1.702  -2.208  -0.161  1.00 28.88 ? 100 VAL A C   1 
ATOM   768  O O   . VAL A 1 100 ? -0.547  -1.817  -0.333  1.00 41.84 ? 100 VAL A O   1 
ATOM   769  C CB  . VAL A 1 100 ? -2.268  -4.658  -0.264  1.00 27.86 ? 100 VAL A CB  1 
ATOM   770  C CG1 . VAL A 1 100 ? -2.952  -5.742  -1.073  1.00 33.22 ? 100 VAL A CG1 1 
ATOM   771  C CG2 . VAL A 1 100 ? -0.838  -5.050  0.059   1.00 30.81 ? 100 VAL A CG2 1 
ATOM   772  N N   . ILE A 1 101 ? -2.496  -1.713  0.785   1.00 30.22 ? 101 ILE A N   1 
ATOM   773  C CA  . ILE A 1 101 ? -2.079  -0.597  1.634   1.00 30.42 ? 101 ILE A CA  1 
ATOM   774  C C   . ILE A 1 101 ? -2.899  -0.622  2.917   1.00 30.28 ? 101 ILE A C   1 
ATOM   775  O O   . ILE A 1 101 ? -4.084  -0.959  2.904   1.00 39.54 ? 101 ILE A O   1 
ATOM   776  C CB  . ILE A 1 101 ? -2.226  0.752   0.888   1.00 28.37 ? 101 ILE A CB  1 
ATOM   777  C CG1 . ILE A 1 101 ? -1.856  1.927   1.790   1.00 29.80 ? 101 ILE A CG1 1 
ATOM   778  C CG2 . ILE A 1 101 ? -3.629  0.927   0.375   1.00 32.91 ? 101 ILE A CG2 1 
ATOM   779  C CD1 . ILE A 1 101 ? -1.707  3.235   1.059   1.00 32.69 ? 101 ILE A CD1 1 
ATOM   780  N N   . GLN A 1 102 ? -2.257  -0.271  4.031   1.00 29.15 ? 102 GLN A N   1 
ATOM   781  C CA  . GLN A 1 102 ? -2.966  0.007   5.272   1.00 26.66 ? 102 GLN A CA  1 
ATOM   782  C C   . GLN A 1 102 ? -2.189  1.038   6.076   1.00 30.64 ? 102 GLN A C   1 
ATOM   783  O O   . GLN A 1 102 ? -0.959  1.064   6.050   1.00 45.69 ? 102 GLN A O   1 
ATOM   784  C CB  . GLN A 1 102 ? -3.178  -1.256  6.111   1.00 32.61 ? 102 GLN A CB  1 
ATOM   785  C CG  . GLN A 1 102 ? -1.917  -1.999  6.504   1.00 33.90 ? 102 GLN A CG  1 
ATOM   786  C CD  . GLN A 1 102 ? -1.318  -1.483  7.793   1.00 41.54 ? 102 GLN A CD  1 
ATOM   787  O OE1 . GLN A 1 102 ? -2.034  -1.018  8.678   1.00 48.03 ? 102 GLN A OE1 1 
ATOM   788  N NE2 . GLN A 1 102 ? 0.000   -1.571  7.912   1.00 40.45 ? 102 GLN A NE2 1 
ATOM   789  N N   . LEU A 1 103 ? -2.921  1.879   6.801   1.00 30.50 ? 103 LEU A N   1 
ATOM   790  C CA  . LEU A 1 103 ? -2.337  2.851   7.711   1.00 33.42 ? 103 LEU A CA  1 
ATOM   791  C C   . LEU A 1 103 ? -2.718  2.531   9.149   1.00 39.09 ? 103 LEU A C   1 
ATOM   792  O O   . LEU A 1 103 ? -3.644  1.763   9.417   1.00 46.19 ? 103 LEU A O   1 
ATOM   793  C CB  . LEU A 1 103 ? -2.774  4.284   7.386   1.00 33.79 ? 103 LEU A CB  1 
ATOM   794  C CG  . LEU A 1 103 ? -2.521  4.837   5.992   1.00 35.39 ? 103 LEU A CG  1 
ATOM   795  C CD1 . LEU A 1 103 ? -3.100  6.227   5.887   1.00 40.60 ? 103 LEU A CD1 1 
ATOM   796  C CD2 . LEU A 1 103 ? -1.039  4.869   5.719   1.00 41.05 ? 103 LEU A CD2 1 
ATOM   797  N N   . GLY A 1 104 ? -1.985  3.137   10.076  1.00 41.74 ? 104 GLY A N   1 
ATOM   798  C CA  . GLY A 1 104 ? -2.306  3.012   11.480  1.00 42.32 ? 104 GLY A CA  1 
ATOM   799  C C   . GLY A 1 104 ? -3.596  3.723   11.839  1.00 40.01 ? 104 GLY A C   1 
ATOM   800  O O   . GLY A 1 104 ? -4.151  4.512   11.075  1.00 44.02 ? 104 GLY A O   1 
ATOM   801  N N   . ALA A 1 105 ? -4.076  3.432   13.048  1.00 45.10 ? 105 ALA A N   1 
ATOM   802  C CA  . ALA A 1 105 ? -5.407  3.875   13.447  1.00 49.50 ? 105 ALA A CA  1 
ATOM   803  C C   . ALA A 1 105 ? -5.519  5.394   13.472  1.00 50.57 ? 105 ALA A C   1 
ATOM   804  O O   . ALA A 1 105 ? -6.530  5.955   13.040  1.00 52.57 ? 105 ALA A O   1 
ATOM   805  C CB  . ALA A 1 105 ? -5.764  3.291   14.812  1.00 45.58 ? 105 ALA A CB  1 
ATOM   806  N N   . GLY A 1 106 ? -4.498  6.076   13.971  1.00 45.81 ? 106 GLY A N   1 
ATOM   807  C CA  . GLY A 1 106 ? -4.582  7.509   14.146  1.00 43.67 ? 106 GLY A CA  1 
ATOM   808  C C   . GLY A 1 106 ? -4.172  8.345   12.956  1.00 43.74 ? 106 GLY A C   1 
ATOM   809  O O   . GLY A 1 106 ? -4.138  9.574   13.067  1.00 48.15 ? 106 GLY A O   1 
ATOM   810  N N   . HIS A 1 107 ? -3.880  7.726   11.814  1.00 45.91 ? 107 HIS A N   1 
ATOM   811  C CA  . HIS A 1 107 ? -3.332  8.437   10.666  1.00 44.21 ? 107 HIS A CA  1 
ATOM   812  C C   . HIS A 1 107 ? -4.289  8.471   9.481   1.00 45.26 ? 107 HIS A C   1 
ATOM   813  O O   . HIS A 1 107 ? -3.923  8.985   8.420   1.00 48.96 ? 107 HIS A O   1 
ATOM   814  C CB  . HIS A 1 107 ? -2.006  7.801   10.247  1.00 43.94 ? 107 HIS A CB  1 
ATOM   815  C CG  . HIS A 1 107 ? -1.014  7.669   11.360  1.00 45.66 ? 107 HIS A CG  1 
ATOM   816  N ND1 . HIS A 1 107 ? -0.445  8.757   11.984  1.00 46.28 ? 107 HIS A ND1 1 
ATOM   817  C CD2 . HIS A 1 107 ? -0.495  6.575   11.964  1.00 46.43 ? 107 HIS A CD2 1 
ATOM   818  C CE1 . HIS A 1 107 ? 0.386   8.339   12.921  1.00 45.69 ? 107 HIS A CE1 1 
ATOM   819  N NE2 . HIS A 1 107 ? 0.372   7.019   12.932  1.00 43.98 ? 107 HIS A NE2 1 
ATOM   820  N N   . ARG A 1 108 ? -5.503  7.959   9.636   1.00 43.78 ? 108 ARG A N   1 
ATOM   821  C CA  . ARG A 1 108 ? -6.461  7.884   8.545   1.00 42.61 ? 108 ARG A CA  1 
ATOM   822  C C   . ARG A 1 108 ? -7.321  9.139   8.490   1.00 42.47 ? 108 ARG A C   1 
ATOM   823  O O   . ARG A 1 108 ? -7.598  9.774   9.509   1.00 46.44 ? 108 ARG A O   1 
ATOM   824  C CB  . ARG A 1 108 ? -7.352  6.657   8.705   1.00 44.28 ? 108 ARG A CB  1 
ATOM   825  C CG  . ARG A 1 108 ? -6.586  5.359   8.727   1.00 45.39 ? 108 ARG A CG  1 
ATOM   826  C CD  . ARG A 1 108 ? -7.414  4.243   9.316   1.00 43.94 ? 108 ARG A CD  1 
ATOM   827  N NE  . ARG A 1 108 ? -6.582  3.094   9.640   1.00 41.53 ? 108 ARG A NE  1 
ATOM   828  C CZ  . ARG A 1 108 ? -6.928  2.135   10.484  1.00 39.75 ? 108 ARG A CZ  1 
ATOM   829  N NH1 . ARG A 1 108 ? -8.090  2.156   11.112  1.00 45.04 ? 108 ARG A NH1 1 
ATOM   830  N NH2 . ARG A 1 108 ? -6.084  1.133   10.706  1.00 39.24 ? 108 ARG A NH2 1 
ATOM   831  N N   . GLY A 1 109 ? -7.756  9.480   7.282   1.00 44.91 ? 109 GLY A N   1 
ATOM   832  C CA  . GLY A 1 109 ? -8.533  10.676  7.057   1.00 44.47 ? 109 GLY A CA  1 
ATOM   833  C C   . GLY A 1 109 ? -7.726  11.941  6.891   1.00 45.91 ? 109 GLY A C   1 
ATOM   834  O O   . GLY A 1 109 ? -8.312  12.999  6.633   1.00 49.18 ? 109 GLY A O   1 
ATOM   835  N N   . ARG A 1 110 ? -6.403  11.874  7.034   1.00 48.79 ? 110 ARG A N   1 
ATOM   836  C CA  . ARG A 1 110 ? -5.533  13.029  6.873   1.00 47.15 ? 110 ARG A CA  1 
ATOM   837  C C   . ARG A 1 110 ? -4.905  13.099  5.489   1.00 47.45 ? 110 ARG A C   1 
ATOM   838  O O   . ARG A 1 110 ? -4.097  13.995  5.233   1.00 52.34 ? 110 ARG A O   1 
ATOM   839  C CB  . ARG A 1 110 ? -4.435  13.016  7.936   1.00 49.82 ? 110 ARG A CB  1 
ATOM   840  C CG  . ARG A 1 110 ? -4.914  13.331  9.337   1.00 47.32 ? 110 ARG A CG  1 
ATOM   841  C CD  . ARG A 1 110 ? -3.951  12.764  10.357  1.00 46.34 ? 110 ARG A CD  1 
ATOM   842  N NE  . ARG A 1 110 ? -2.600  13.269  10.151  1.00 49.67 ? 110 ARG A NE  1 
ATOM   843  C CZ  . ARG A 1 110 ? -1.515  12.754  10.711  1.00 50.72 ? 110 ARG A CZ  1 
ATOM   844  N NH1 . ARG A 1 110 ? -1.577  11.693  11.497  1.00 49.55 ? 110 ARG A NH1 1 
ATOM   845  N NH2 . ARG A 1 110 ? -0.333  13.317  10.474  1.00 50.62 ? 110 ARG A NH2 1 
ATOM   846  N N   . GLY A 1 111 ? -5.253  12.179  4.596   1.00 43.70 ? 111 GLY A N   1 
ATOM   847  C CA  . GLY A 1 111 ? -4.769  12.211  3.238   1.00 36.73 ? 111 GLY A CA  1 
ATOM   848  C C   . GLY A 1 111 ? -3.539  11.380  2.954   1.00 37.62 ? 111 GLY A C   1 
ATOM   849  O O   . GLY A 1 111 ? -3.210  11.190  1.782   1.00 38.62 ? 111 GLY A O   1 
ATOM   850  N N   . LEU A 1 112 ? -2.869  10.845  3.978   1.00 46.04 ? 112 LEU A N   1 
ATOM   851  C CA  . LEU A 1 112 ? -1.594  10.161  3.765   1.00 44.21 ? 112 LEU A CA  1 
ATOM   852  C C   . LEU A 1 112 ? -1.730  8.954   2.845   1.00 43.35 ? 112 LEU A C   1 
ATOM   853  O O   . LEU A 1 112 ? -0.785  8.617   2.125   1.00 47.91 ? 112 LEU A O   1 
ATOM   854  C CB  . LEU A 1 112 ? -1.006  9.727   5.106   1.00 43.35 ? 112 LEU A CB  1 
ATOM   855  C CG  . LEU A 1 112 ? -0.615  10.862  6.048   1.00 42.92 ? 112 LEU A CG  1 
ATOM   856  C CD1 . LEU A 1 112 ? -0.275  10.315  7.417   1.00 45.25 ? 112 LEU A CD1 1 
ATOM   857  C CD2 . LEU A 1 112 ? 0.541   11.661  5.479   1.00 43.64 ? 112 LEU A CD2 1 
ATOM   858  N N   . GLY A 1 113 ? -2.884  8.291   2.860   1.00 38.96 ? 113 GLY A N   1 
ATOM   859  C CA  . GLY A 1 113 ? -3.073  7.135   2.001   1.00 35.56 ? 113 GLY A CA  1 
ATOM   860  C C   . GLY A 1 113 ? -3.052  7.484   0.527   1.00 34.33 ? 113 GLY A C   1 
ATOM   861  O O   . GLY A 1 113 ? -2.522  6.727   -0.289  1.00 39.51 ? 113 GLY A O   1 
ATOM   862  N N   . THR A 1 114 ? -3.621  8.637   0.167   1.00 33.61 ? 114 THR A N   1 
ATOM   863  C CA  . THR A 1 114 ? -3.667  9.045   -1.235  1.00 34.30 ? 114 THR A CA  1 
ATOM   864  C C   . THR A 1 114 ? -2.267  9.266   -1.801  1.00 35.67 ? 114 THR A C   1 
ATOM   865  O O   . THR A 1 114 ? -1.915  8.706   -2.846  1.00 47.55 ? 114 THR A O   1 
ATOM   866  C CB  . THR A 1 114 ? -4.503  10.313  -1.381  1.00 36.40 ? 114 THR A CB  1 
ATOM   867  O OG1 . THR A 1 114 ? -5.831  10.067  -0.909  1.00 43.32 ? 114 THR A OG1 1 
ATOM   868  C CG2 . THR A 1 114 ? -4.574  10.734  -2.829  1.00 35.71 ? 114 THR A CG2 1 
ATOM   869  N N   . GLU A 1 115 ? -1.447  10.079  -1.127  1.00 35.57 ? 115 GLU A N   1 
ATOM   870  C CA  . GLU A 1 115 ? -0.093  10.294  -1.626  1.00 38.84 ? 115 GLU A CA  1 
ATOM   871  C C   . GLU A 1 115 ? 0.791   9.070   -1.452  1.00 39.08 ? 115 GLU A C   1 
ATOM   872  O O   . GLU A 1 115 ? 1.710   8.870   -2.247  1.00 46.93 ? 115 GLU A O   1 
ATOM   873  C CB  . GLU A 1 115 ? 0.566   11.520  -0.987  1.00 40.22 ? 115 GLU A CB  1 
ATOM   874  C CG  . GLU A 1 115 ? -0.054  12.858  -1.376  1.00 44.77 ? 115 GLU A CG  1 
ATOM   875  C CD  . GLU A 1 115 ? -1.274  13.219  -0.574  1.00 51.46 ? 115 GLU A CD  1 
ATOM   876  O OE1 . GLU A 1 115 ? -1.612  12.458  0.342   1.00 54.40 ? 115 GLU A OE1 1 
ATOM   877  O OE2 . GLU A 1 115 ? -1.898  14.260  -0.861  1.00 49.49 ? 115 GLU A OE2 1 
ATOM   878  N N   . ALA A 1 116 ? 0.547   8.239   -0.438  1.00 35.95 ? 116 ALA A N   1 
ATOM   879  C CA  . ALA A 1 116 ? 1.288   6.986   -0.348  1.00 32.71 ? 116 ALA A CA  1 
ATOM   880  C C   . ALA A 1 116 ? 1.014   6.097   -1.556  1.00 34.37 ? 116 ALA A C   1 
ATOM   881  O O   . ALA A 1 116 ? 1.940   5.531   -2.147  1.00 35.36 ? 116 ALA A O   1 
ATOM   882  C CB  . ALA A 1 116 ? 0.930   6.261   0.944   1.00 35.39 ? 116 ALA A CB  1 
ATOM   883  N N   . THR A 1 117 ? -0.254  5.989   -1.956  1.00 36.81 ? 117 THR A N   1 
ATOM   884  C CA  . THR A 1 117 ? -0.600  5.207   -3.135  1.00 26.70 ? 117 THR A CA  1 
ATOM   885  C C   . THR A 1 117 ? -0.036  5.840   -4.400  1.00 32.18 ? 117 THR A C   1 
ATOM   886  O O   . THR A 1 117 ? 0.445   5.133   -5.293  1.00 39.71 ? 117 THR A O   1 
ATOM   887  C CB  . THR A 1 117 ? -2.119  5.067   -3.238  1.00 32.51 ? 117 THR A CB  1 
ATOM   888  O OG1 . THR A 1 117 ? -2.621  4.424   -2.061  1.00 38.72 ? 117 THR A OG1 1 
ATOM   889  C CG2 . THR A 1 117 ? -2.485  4.227   -4.433  1.00 32.28 ? 117 THR A CG2 1 
ATOM   890  N N   . ARG A 1 118 ? -0.095  7.168   -4.499  1.00 32.52 ? 118 ARG A N   1 
ATOM   891  C CA  . ARG A 1 118 ? 0.445   7.850   -5.671  1.00 30.41 ? 118 ARG A CA  1 
ATOM   892  C C   . ARG A 1 118 ? 1.951   7.654   -5.794  1.00 35.16 ? 118 ARG A C   1 
ATOM   893  O O   . ARG A 1 118 ? 2.467   7.431   -6.895  1.00 44.58 ? 118 ARG A O   1 
ATOM   894  C CB  . ARG A 1 118 ? 0.101   9.335   -5.614  1.00 33.33 ? 118 ARG A CB  1 
ATOM   895  C CG  . ARG A 1 118 ? 0.418   10.087  -6.882  1.00 33.70 ? 118 ARG A CG  1 
ATOM   896  C CD  . ARG A 1 118 ? 0.056   11.546  -6.745  1.00 36.02 ? 118 ARG A CD  1 
ATOM   897  N NE  . ARG A 1 118 ? 0.953   12.210  -5.811  1.00 40.85 ? 118 ARG A NE  1 
ATOM   898  C CZ  . ARG A 1 118 ? 2.133   12.718  -6.139  1.00 41.05 ? 118 ARG A CZ  1 
ATOM   899  N NH1 . ARG A 1 118 ? 2.590   12.662  -7.378  1.00 42.16 ? 118 ARG A NH1 1 
ATOM   900  N NH2 . ARG A 1 118 ? 2.878   13.290  -5.196  1.00 39.89 ? 118 ARG A NH2 1 
ATOM   901  N N   . LEU A 1 119 ? 2.678   7.742   -4.681  1.00 31.56 ? 119 LEU A N   1 
ATOM   902  C CA  . LEU A 1 119 ? 4.118   7.519   -4.716  1.00 25.01 ? 119 LEU A CA  1 
ATOM   903  C C   . LEU A 1 119 ? 4.437   6.068   -5.033  1.00 29.09 ? 119 LEU A C   1 
ATOM   904  O O   . LEU A 1 119 ? 5.419   5.779   -5.724  1.00 44.12 ? 119 LEU A O   1 
ATOM   905  C CB  . LEU A 1 119 ? 4.748   7.923   -3.387  1.00 32.78 ? 119 LEU A CB  1 
ATOM   906  C CG  . LEU A 1 119 ? 4.827   9.414   -3.068  1.00 34.84 ? 119 LEU A CG  1 
ATOM   907  C CD1 . LEU A 1 119 ? 5.153   9.594   -1.598  1.00 37.27 ? 119 LEU A CD1 1 
ATOM   908  C CD2 . LEU A 1 119 ? 5.839   10.125  -3.941  1.00 34.62 ? 119 LEU A CD2 1 
ATOM   909  N N   . THR A 1 120 ? 3.626   5.137   -4.527  1.00 29.51 ? 120 THR A N   1 
ATOM   910  C CA  . THR A 1 120 ? 3.814   3.736   -4.881  1.00 26.44 ? 120 THR A CA  1 
ATOM   911  C C   . THR A 1 120 ? 3.621   3.524   -6.375  1.00 25.65 ? 120 THR A C   1 
ATOM   912  O O   . THR A 1 120 ? 4.379   2.783   -7.007  1.00 32.55 ? 120 THR A O   1 
ATOM   913  C CB  . THR A 1 120 ? 2.856   2.856   -4.081  1.00 30.15 ? 120 THR A CB  1 
ATOM   914  O OG1 . THR A 1 120 ? 3.093   3.045   -2.683  1.00 39.96 ? 120 THR A OG1 1 
ATOM   915  C CG2 . THR A 1 120 ? 3.074   1.399   -4.414  1.00 32.88 ? 120 THR A CG2 1 
ATOM   916  N N   . LEU A 1 121 ? 2.620   4.179   -6.960  1.00 22.45 ? 121 LEU A N   1 
ATOM   917  C CA  . LEU A 1 121 ? 2.438   4.104   -8.405  1.00 21.63 ? 121 LEU A CA  1 
ATOM   918  C C   . LEU A 1 121 ? 3.616   4.721   -9.143  1.00 31.00 ? 121 LEU A C   1 
ATOM   919  O O   . LEU A 1 121 ? 4.048   4.203   -10.174 1.00 41.63 ? 121 LEU A O   1 
ATOM   920  C CB  . LEU A 1 121 ? 1.138   4.787   -8.817  1.00 24.89 ? 121 LEU A CB  1 
ATOM   921  C CG  . LEU A 1 121 ? -0.149  4.074   -8.425  1.00 19.79 ? 121 LEU A CG  1 
ATOM   922  C CD1 . LEU A 1 121 ? -1.328  4.949   -8.751  1.00 25.66 ? 121 LEU A CD1 1 
ATOM   923  C CD2 . LEU A 1 121 ? -0.248  2.744   -9.132  1.00 22.84 ? 121 LEU A CD2 1 
ATOM   924  N N   . ASP A 1 122 ? 4.134   5.841   -8.642  1.00 30.11 ? 122 ASP A N   1 
ATOM   925  C CA  . ASP A 1 122 ? 5.287   6.479   -9.270  1.00 22.35 ? 122 ASP A CA  1 
ATOM   926  C C   . ASP A 1 122 ? 6.488   5.542   -9.285  1.00 25.02 ? 122 ASP A C   1 
ATOM   927  O O   . ASP A 1 122 ? 7.137   5.358   -10.321 1.00 39.46 ? 122 ASP A O   1 
ATOM   928  C CB  . ASP A 1 122 ? 5.620   7.774   -8.536  1.00 27.69 ? 122 ASP A CB  1 
ATOM   929  C CG  . ASP A 1 122 ? 6.661   8.596   -9.250  1.00 37.09 ? 122 ASP A CG  1 
ATOM   930  O OD1 . ASP A 1 122 ? 6.856   8.386   -10.461 1.00 45.74 ? 122 ASP A OD1 1 
ATOM   931  O OD2 . ASP A 1 122 ? 7.276   9.466   -8.606  1.00 42.91 ? 122 ASP A OD2 1 
ATOM   932  N N   . TYR A 1 123 ? 6.792   4.935   -8.139  1.00 22.38 ? 123 TYR A N   1 
ATOM   933  C CA  . TYR A 1 123 ? 7.895   3.981   -8.056  1.00 20.37 ? 123 TYR A CA  1 
ATOM   934  C C   . TYR A 1 123 ? 7.663   2.774   -8.958  1.00 25.69 ? 123 TYR A C   1 
ATOM   935  O O   . TYR A 1 123 ? 8.573   2.334   -9.667  1.00 34.37 ? 123 TYR A O   1 
ATOM   936  C CB  . TYR A 1 123 ? 8.079   3.535   -6.612  1.00 22.53 ? 123 TYR A CB  1 
ATOM   937  C CG  . TYR A 1 123 ? 9.412   2.912   -6.311  1.00 23.22 ? 123 TYR A CG  1 
ATOM   938  C CD1 . TYR A 1 123 ? 9.645   1.576   -6.584  1.00 27.94 ? 123 TYR A CD1 1 
ATOM   939  C CD2 . TYR A 1 123 ? 10.421  3.643   -5.713  1.00 24.20 ? 123 TYR A CD2 1 
ATOM   940  C CE1 . TYR A 1 123 ? 10.852  0.991   -6.299  1.00 25.07 ? 123 TYR A CE1 1 
ATOM   941  C CE2 . TYR A 1 123 ? 11.637  3.065   -5.422  1.00 26.01 ? 123 TYR A CE2 1 
ATOM   942  C CZ  . TYR A 1 123 ? 11.845  1.736   -5.719  1.00 25.40 ? 123 TYR A CZ  1 
ATOM   943  O OH  . TYR A 1 123 ? 13.048  1.144   -5.432  1.00 34.55 ? 123 TYR A OH  1 
ATOM   944  N N   . ALA A 1 124 ? 6.451   2.220   -8.941  1.00 25.78 ? 124 ALA A N   1 
ATOM   945  C CA  . ALA A 1 124 ? 6.170   1.019   -9.720  1.00 16.21 ? 124 ALA A CA  1 
ATOM   946  C C   . ALA A 1 124 ? 6.230   1.293   -11.215 1.00 20.42 ? 124 ALA A C   1 
ATOM   947  O O   . ALA A 1 124 ? 6.646   0.429   -11.992 1.00 33.84 ? 124 ALA A O   1 
ATOM   948  C CB  . ALA A 1 124 ? 4.808   0.450   -9.331  1.00 27.59 ? 124 ALA A CB  1 
ATOM   949  N N   . PHE A 1 125 ? 5.802   2.483   -11.641 1.00 15.96 ? 125 PHE A N   1 
ATOM   950  C CA  . PHE A 1 125 ? 5.807   2.814   -13.059 1.00 16.73 ? 125 PHE A CA  1 
ATOM   951  C C   . PHE A 1 125 ? 7.195   3.209   -13.551 1.00 29.95 ? 125 PHE A C   1 
ATOM   952  O O   . PHE A 1 125 ? 7.607   2.799   -14.640 1.00 39.53 ? 125 PHE A O   1 
ATOM   953  C CB  . PHE A 1 125 ? 4.827   3.952   -13.342 1.00 21.27 ? 125 PHE A CB  1 
ATOM   954  C CG  . PHE A 1 125 ? 3.384   3.565   -13.223 1.00 26.17 ? 125 PHE A CG  1 
ATOM   955  C CD1 . PHE A 1 125 ? 2.978   2.265   -13.433 1.00 30.14 ? 125 PHE A CD1 1 
ATOM   956  C CD2 . PHE A 1 125 ? 2.425   4.520   -12.941 1.00 28.79 ? 125 PHE A CD2 1 
ATOM   957  C CE1 . PHE A 1 125 ? 1.651   1.919   -13.333 1.00 28.80 ? 125 PHE A CE1 1 
ATOM   958  C CE2 . PHE A 1 125 ? 1.100   4.179   -12.843 1.00 26.24 ? 125 PHE A CE2 1 
ATOM   959  C CZ  . PHE A 1 125 ? 0.713   2.877   -13.039 1.00 27.72 ? 125 PHE A CZ  1 
ATOM   960  N N   . HIS A 1 126 ? 7.927   4.005   -12.771 1.00 30.22 ? 126 HIS A N   1 
ATOM   961  C CA  . HIS A 1 126 ? 9.119   4.674   -13.268 1.00 22.18 ? 126 HIS A CA  1 
ATOM   962  C C   . HIS A 1 126 ? 10.421  4.039   -12.801 1.00 25.42 ? 126 HIS A C   1 
ATOM   963  O O   . HIS A 1 126 ? 11.483  4.406   -13.310 1.00 32.89 ? 126 HIS A O   1 
ATOM   964  C CB  . HIS A 1 126 ? 9.091   6.147   -12.857 1.00 26.47 ? 126 HIS A CB  1 
ATOM   965  C CG  . HIS A 1 126 ? 7.907   6.894   -13.385 1.00 26.21 ? 126 HIS A CG  1 
ATOM   966  N ND1 . HIS A 1 126 ? 6.859   7.287   -12.584 1.00 32.37 ? 126 HIS A ND1 1 
ATOM   967  C CD2 . HIS A 1 126 ? 7.587   7.289   -14.639 1.00 28.49 ? 126 HIS A CD2 1 
ATOM   968  C CE1 . HIS A 1 126 ? 5.955   7.911   -13.317 1.00 29.32 ? 126 HIS A CE1 1 
ATOM   969  N NE2 . HIS A 1 126 ? 6.373   7.924   -14.568 1.00 25.44 ? 126 HIS A NE2 1 
ATOM   970  N N   . VAL A 1 127 ? 10.376  3.112   -11.852 1.00 21.57 ? 127 VAL A N   1 
ATOM   971  C CA  . VAL A 1 127 ? 11.542  2.347   -11.434 1.00 19.10 ? 127 VAL A CA  1 
ATOM   972  C C   . VAL A 1 127 ? 11.387  0.871   -11.779 1.00 23.72 ? 127 VAL A C   1 
ATOM   973  O O   . VAL A 1 127 ? 12.291  0.258   -12.343 1.00 37.00 ? 127 VAL A O   1 
ATOM   974  C CB  . VAL A 1 127 ? 11.824  2.538   -9.927  1.00 18.14 ? 127 VAL A CB  1 
ATOM   975  C CG1 . VAL A 1 127 ? 12.996  1.687   -9.499  1.00 25.75 ? 127 VAL A CG1 1 
ATOM   976  C CG2 . VAL A 1 127 ? 12.107  3.991   -9.629  1.00 21.26 ? 127 VAL A CG2 1 
ATOM   977  N N   . SER A 1 128 ? 10.241  0.285   -11.445 1.00 25.81 ? 128 SER A N   1 
ATOM   978  C CA  . SER A 1 128 ? 9.980   -1.113  -11.749 1.00 19.82 ? 128 SER A CA  1 
ATOM   979  C C   . SER A 1 128 ? 9.518   -1.331  -13.183 1.00 19.53 ? 128 SER A C   1 
ATOM   980  O O   . SER A 1 128 ? 9.513   -2.475  -13.643 1.00 27.06 ? 128 SER A O   1 
ATOM   981  C CB  . SER A 1 128 ? 8.931   -1.665  -10.781 1.00 24.97 ? 128 SER A CB  1 
ATOM   982  O OG  . SER A 1 128 ? 9.405   -1.649  -9.450  1.00 27.86 ? 128 SER A OG  1 
ATOM   983  N N   . ALA A 1 129 ? 9.151   -0.265  -13.893 1.00 23.93 ? 129 ALA A N   1 
ATOM   984  C CA  . ALA A 1 129 ? 8.676   -0.337  -15.274 1.00 19.28 ? 129 ALA A CA  1 
ATOM   985  C C   . ALA A 1 129 ? 7.497   -1.297  -15.419 1.00 27.66 ? 129 ALA A C   1 
ATOM   986  O O   . ALA A 1 129 ? 7.471   -2.162  -16.295 1.00 38.03 ? 129 ALA A O   1 
ATOM   987  C CB  . ALA A 1 129 ? 9.811   -0.721  -16.221 1.00 25.06 ? 129 ALA A CB  1 
ATOM   988  N N   . LEU A 1 130 ? 6.503   -1.134  -14.550 1.00 30.97 ? 130 LEU A N   1 
ATOM   989  C CA  . LEU A 1 130 ? 5.278   -1.915  -14.626 1.00 13.95 ? 130 LEU A CA  1 
ATOM   990  C C   . LEU A 1 130 ? 4.280   -1.248  -15.559 1.00 22.19 ? 130 LEU A C   1 
ATOM   991  O O   . LEU A 1 130 ? 4.161   -0.022  -15.588 1.00 30.56 ? 130 LEU A O   1 
ATOM   992  C CB  . LEU A 1 130 ? 4.649   -2.088  -13.247 1.00 15.56 ? 130 LEU A CB  1 
ATOM   993  C CG  . LEU A 1 130 ? 5.476   -2.770  -12.171 1.00 17.24 ? 130 LEU A CG  1 
ATOM   994  C CD1 . LEU A 1 130 ? 4.615   -3.009  -10.966 1.00 25.94 ? 130 LEU A CD1 1 
ATOM   995  C CD2 . LEU A 1 130 ? 6.013   -4.071  -12.695 1.00 22.47 ? 130 LEU A CD2 1 
ATOM   996  N N   . ALA A 1 131 ? 3.564   -2.066  -16.323 1.00 15.54 ? 131 ALA A N   1 
ATOM   997  C CA  . ALA A 1 131 ? 2.563   -1.562  -17.249 1.00 16.98 ? 131 ALA A CA  1 
ATOM   998  C C   . ALA A 1 131 ? 1.193   -1.392  -16.616 1.00 27.04 ? 131 ALA A C   1 
ATOM   999  O O   . ALA A 1 131 ? 0.375   -0.632  -17.142 1.00 32.74 ? 131 ALA A O   1 
ATOM   1000 C CB  . ALA A 1 131 ? 2.449   -2.491  -18.459 1.00 24.62 ? 131 ALA A CB  1 
ATOM   1001 N N   . CYS A 1 132 ? 0.921   -2.076  -15.510 1.00 27.01 ? 132 CYS A N   1 
ATOM   1002 C CA  . CYS A 1 132 ? -0.393  -2.037  -14.888 1.00 25.64 ? 132 CYS A CA  1 
ATOM   1003 C C   . CYS A 1 132 ? -0.262  -2.412  -13.423 1.00 28.11 ? 132 CYS A C   1 
ATOM   1004 O O   . CYS A 1 132 ? 0.393   -3.397  -13.087 1.00 37.06 ? 132 CYS A O   1 
ATOM   1005 C CB  . CYS A 1 132 ? -1.363  -2.993  -15.588 1.00 28.35 ? 132 CYS A CB  1 
ATOM   1006 S SG  . CYS A 1 132 ? -3.044  -2.982  -14.943 1.00 46.47 ? 132 CYS A SG  1 
ATOM   1007 N N   . VAL A 1 133 ? -0.892  -1.623  -12.560 1.00 22.43 ? 133 VAL A N   1 
ATOM   1008 C CA  . VAL A 1 133 ? -1.027  -1.944  -11.147 1.00 18.92 ? 133 VAL A CA  1 
ATOM   1009 C C   . VAL A 1 133 ? -2.514  -2.055  -10.846 1.00 29.98 ? 133 VAL A C   1 
ATOM   1010 O O   . VAL A 1 133 ? -3.287  -1.160  -11.199 1.00 37.53 ? 133 VAL A O   1 
ATOM   1011 C CB  . VAL A 1 133 ? -0.360  -0.885  -10.253 1.00 24.38 ? 133 VAL A CB  1 
ATOM   1012 C CG1 . VAL A 1 133 ? -0.564  -1.225  -8.798  1.00 31.49 ? 133 VAL A CG1 1 
ATOM   1013 C CG2 . VAL A 1 133 ? 1.116   -0.777  -10.568 1.00 26.95 ? 133 VAL A CG2 1 
ATOM   1014 N N   . HIS A 1 134 ? -2.911  -3.140  -10.193 1.00 29.03 ? 134 HIS A N   1 
ATOM   1015 C CA  . HIS A 1 134 ? -4.314  -3.412  -9.937  1.00 17.76 ? 134 HIS A CA  1 
ATOM   1016 C C   . HIS A 1 134 ? -4.510  -3.786  -8.475  1.00 26.85 ? 134 HIS A C   1 
ATOM   1017 O O   . HIS A 1 134 ? -3.562  -4.115  -7.763  1.00 31.70 ? 134 HIS A O   1 
ATOM   1018 C CB  . HIS A 1 134 ? -4.848  -4.532  -10.837 1.00 22.78 ? 134 HIS A CB  1 
ATOM   1019 C CG  . HIS A 1 134 ? -4.140  -5.834  -10.657 1.00 26.19 ? 134 HIS A CG  1 
ATOM   1020 N ND1 . HIS A 1 134 ? -4.532  -6.772  -9.730  1.00 28.00 ? 134 HIS A ND1 1 
ATOM   1021 C CD2 . HIS A 1 134 ? -3.071  -6.363  -11.297 1.00 29.35 ? 134 HIS A CD2 1 
ATOM   1022 C CE1 . HIS A 1 134 ? -3.726  -7.815  -9.793  1.00 27.80 ? 134 HIS A CE1 1 
ATOM   1023 N NE2 . HIS A 1 134 ? -2.832  -7.594  -10.738 1.00 30.72 ? 134 HIS A NE2 1 
ATOM   1024 N N   . LEU A 1 135 ? -5.765  -3.722  -8.034  1.00 29.55 ? 135 LEU A N   1 
ATOM   1025 C CA  . LEU A 1 135 ? -6.102  -3.993  -6.648  1.00 23.20 ? 135 LEU A CA  1 
ATOM   1026 C C   . LEU A 1 135 ? -7.503  -4.578  -6.575  1.00 22.89 ? 135 LEU A C   1 
ATOM   1027 O O   . LEU A 1 135 ? -8.310  -4.429  -7.494  1.00 30.14 ? 135 LEU A O   1 
ATOM   1028 C CB  . LEU A 1 135 ? -6.002  -2.727  -5.786  1.00 26.34 ? 135 LEU A CB  1 
ATOM   1029 C CG  . LEU A 1 135 ? -6.866  -1.501  -6.103  1.00 25.29 ? 135 LEU A CG  1 
ATOM   1030 C CD1 . LEU A 1 135 ? -8.279  -1.604  -5.561  1.00 21.75 ? 135 LEU A CD1 1 
ATOM   1031 C CD2 . LEU A 1 135 ? -6.195  -0.256  -5.586  1.00 32.96 ? 135 LEU A CD2 1 
ATOM   1032 N N   . ALA A 1 136 ? -7.778  -5.245  -5.459  1.00 31.53 ? 136 ALA A N   1 
ATOM   1033 C CA  . ALA A 1 136 ? -9.109  -5.728  -5.125  1.00 30.27 ? 136 ALA A CA  1 
ATOM   1034 C C   . ALA A 1 136 ? -9.494  -5.174  -3.763  1.00 30.03 ? 136 ALA A C   1 
ATOM   1035 O O   . ALA A 1 136 ? -8.748  -5.331  -2.792  1.00 32.82 ? 136 ALA A O   1 
ATOM   1036 C CB  . ALA A 1 136 ? -9.162  -7.254  -5.117  1.00 30.42 ? 136 ALA A CB  1 
ATOM   1037 N N   . VAL A 1 137 ? -10.656 -4.537  -3.695  1.00 29.06 ? 137 VAL A N   1 
ATOM   1038 C CA  . VAL A 1 137 ? -11.110 -3.841  -2.497  1.00 23.39 ? 137 VAL A CA  1 
ATOM   1039 C C   . VAL A 1 137 ? -12.586 -4.137  -2.274  1.00 31.58 ? 137 VAL A C   1 
ATOM   1040 O O   . VAL A 1 137 ? -13.381 -4.137  -3.219  1.00 43.39 ? 137 VAL A O   1 
ATOM   1041 C CB  . VAL A 1 137 ? -10.835 -2.326  -2.604  1.00 22.62 ? 137 VAL A CB  1 
ATOM   1042 C CG1 . VAL A 1 137 ? -11.628 -1.733  -3.713  1.00 28.86 ? 137 VAL A CG1 1 
ATOM   1043 C CG2 . VAL A 1 137 ? -11.204 -1.629  -1.322  1.00 32.30 ? 137 VAL A CG2 1 
ATOM   1044 N N   . LEU A 1 138 ? -12.946 -4.421  -1.024  1.00 25.07 ? 138 LEU A N   1 
ATOM   1045 C CA  . LEU A 1 138 ? -14.340 -4.674  -0.689  1.00 25.02 ? 138 LEU A CA  1 
ATOM   1046 C C   . LEU A 1 138 ? -15.185 -3.439  -0.966  1.00 23.45 ? 138 LEU A C   1 
ATOM   1047 O O   . LEU A 1 138 ? -14.796 -2.315  -0.644  1.00 37.43 ? 138 LEU A O   1 
ATOM   1048 C CB  . LEU A 1 138 ? -14.469 -5.093  0.774   1.00 28.66 ? 138 LEU A CB  1 
ATOM   1049 C CG  . LEU A 1 138 ? -13.813 -6.417  1.169   1.00 23.59 ? 138 LEU A CG  1 
ATOM   1050 C CD1 . LEU A 1 138 ? -13.860 -6.608  2.664   1.00 33.96 ? 138 LEU A CD1 1 
ATOM   1051 C CD2 . LEU A 1 138 ? -14.499 -7.577  0.478   1.00 26.45 ? 138 LEU A CD2 1 
ATOM   1052 N N   . THR A 1 139 ? -16.345 -3.660  -1.576  1.00 22.54 ? 139 THR A N   1 
ATOM   1053 C CA  . THR A 1 139 ? -17.174 -2.549  -2.037  1.00 23.88 ? 139 THR A CA  1 
ATOM   1054 C C   . THR A 1 139 ? -17.590 -1.585  -0.929  1.00 26.82 ? 139 THR A C   1 
ATOM   1055 O O   . THR A 1 139 ? -17.526 -0.367  -1.164  1.00 34.73 ? 139 THR A O   1 
ATOM   1056 C CB  . THR A 1 139 ? -18.404 -3.100  -2.768  1.00 29.46 ? 139 THR A CB  1 
ATOM   1057 O OG1 . THR A 1 139 ? -17.984 -3.812  -3.934  1.00 35.07 ? 139 THR A OG1 1 
ATOM   1058 C CG2 . THR A 1 139 ? -19.320 -1.973  -3.197  1.00 26.73 ? 139 THR A CG2 1 
ATOM   1059 N N   . PRO A 1 140 ? -18.023 -2.025  0.259   1.00 30.75 ? 140 PRO A N   1 
ATOM   1060 C CA  . PRO A 1 140 ? -18.402 -1.052  1.297   1.00 28.22 ? 140 PRO A CA  1 
ATOM   1061 C C   . PRO A 1 140 ? -17.259 -0.178  1.786   1.00 33.72 ? 140 PRO A C   1 
ATOM   1062 O O   . PRO A 1 140 ? -17.519 0.849   2.422   1.00 38.36 ? 140 PRO A O   1 
ATOM   1063 C CB  . PRO A 1 140 ? -18.946 -1.938  2.420   1.00 29.97 ? 140 PRO A CB  1 
ATOM   1064 C CG  . PRO A 1 140 ? -19.392 -3.158  1.733   1.00 32.84 ? 140 PRO A CG  1 
ATOM   1065 C CD  . PRO A 1 140 ? -18.372 -3.394  0.677   1.00 32.87 ? 140 PRO A CD  1 
ATOM   1066 N N   . ASN A 1 141 ? -16.007 -0.548  1.522   1.00 31.88 ? 141 ASN A N   1 
ATOM   1067 C CA  . ASN A 1 141 ? -14.845 0.233   1.947   1.00 24.67 ? 141 ASN A CA  1 
ATOM   1068 C C   . ASN A 1 141 ? -14.692 1.446   1.023   1.00 30.68 ? 141 ASN A C   1 
ATOM   1069 O O   . ASN A 1 141 ? -13.778 1.543   0.205   1.00 42.83 ? 141 ASN A O   1 
ATOM   1070 C CB  . ASN A 1 141 ? -13.604 -0.650  1.942   1.00 22.71 ? 141 ASN A CB  1 
ATOM   1071 C CG  . ASN A 1 141 ? -12.430 -0.022  2.644   1.00 29.88 ? 141 ASN A CG  1 
ATOM   1072 O OD1 . ASN A 1 141 ? -12.388 1.185   2.858   1.00 39.06 ? 141 ASN A OD1 1 
ATOM   1073 N ND2 . ASN A 1 141 ? -11.458 -0.843  3.006   1.00 29.81 ? 141 ASN A ND2 1 
ATOM   1074 N N   . THR A 1 142 ? -15.627 2.388   1.172   1.00 27.80 ? 142 THR A N   1 
ATOM   1075 C CA  . THR A 1 142 ? -15.731 3.501   0.228   1.00 31.73 ? 142 THR A CA  1 
ATOM   1076 C C   . THR A 1 142 ? -14.584 4.496   0.363   1.00 37.00 ? 142 THR A C   1 
ATOM   1077 O O   . THR A 1 142 ? -14.186 5.117   -0.632  1.00 41.54 ? 142 THR A O   1 
ATOM   1078 C CB  . THR A 1 142 ? -17.066 4.217   0.413   1.00 30.15 ? 142 THR A CB  1 
ATOM   1079 O OG1 . THR A 1 142 ? -17.210 4.612   1.781   1.00 37.04 ? 142 THR A OG1 1 
ATOM   1080 C CG2 . THR A 1 142 ? -18.210 3.300   0.037   1.00 35.31 ? 142 THR A CG2 1 
ATOM   1081 N N   . GLY A 1 143 ? -14.063 4.686   1.574   1.00 39.03 ? 143 GLY A N   1 
ATOM   1082 C CA  . GLY A 1 143 ? -12.936 5.590   1.744   1.00 35.48 ? 143 GLY A CA  1 
ATOM   1083 C C   . GLY A 1 143 ? -11.733 5.160   0.934   1.00 37.80 ? 143 GLY A C   1 
ATOM   1084 O O   . GLY A 1 143 ? -11.078 5.978   0.279   1.00 44.54 ? 143 GLY A O   1 
ATOM   1085 N N   . ALA A 1 144 ? -11.424 3.863   0.965   1.00 28.16 ? 144 ALA A N   1 
ATOM   1086 C CA  . ALA A 1 144 ? -10.351 3.340   0.133   1.00 31.59 ? 144 ALA A CA  1 
ATOM   1087 C C   . ALA A 1 144 ? -10.651 3.544   -1.345  1.00 34.82 ? 144 ALA A C   1 
ATOM   1088 O O   . ALA A 1 144 ? -9.745  3.833   -2.129  1.00 41.72 ? 144 ALA A O   1 
ATOM   1089 C CB  . ALA A 1 144 ? -10.116 1.864   0.440   1.00 31.69 ? 144 ALA A CB  1 
ATOM   1090 N N   . ILE A 1 145 ? -11.917 3.399   -1.745  1.00 36.74 ? 145 ILE A N   1 
ATOM   1091 C CA  . ILE A 1 145 ? -12.293 3.627   -3.139  1.00 36.03 ? 145 ILE A CA  1 
ATOM   1092 C C   . ILE A 1 145 ? -11.935 5.045   -3.562  1.00 36.63 ? 145 ILE A C   1 
ATOM   1093 O O   . ILE A 1 145 ? -11.306 5.262   -4.604  1.00 41.68 ? 145 ILE A O   1 
ATOM   1094 C CB  . ILE A 1 145 ? -13.794 3.359   -3.346  1.00 36.05 ? 145 ILE A CB  1 
ATOM   1095 C CG1 . ILE A 1 145 ? -14.130 1.892   -3.113  1.00 31.16 ? 145 ILE A CG1 1 
ATOM   1096 C CG2 . ILE A 1 145 ? -14.202 3.755   -4.748  1.00 33.75 ? 145 ILE A CG2 1 
ATOM   1097 C CD1 . ILE A 1 145 ? -13.526 1.005   -4.120  1.00 34.21 ? 145 ILE A CD1 1 
ATOM   1098 N N   . ALA A 1 146 ? -12.349 6.034   -2.765  1.00 33.24 ? 146 ALA A N   1 
ATOM   1099 C CA  . ALA A 1 146 ? -12.063 7.424   -3.108  1.00 33.65 ? 146 ALA A CA  1 
ATOM   1100 C C   . ALA A 1 146 ? -10.563 7.699   -3.116  1.00 38.33 ? 146 ALA A C   1 
ATOM   1101 O O   . ALA A 1 146 ? -10.051 8.393   -4.008  1.00 39.25 ? 146 ALA A O   1 
ATOM   1102 C CB  . ALA A 1 146 ? -12.776 8.359   -2.134  1.00 35.75 ? 146 ALA A CB  1 
ATOM   1103 N N   . ALA A 1 147 ? -9.840  7.157   -2.132  1.00 34.08 ? 147 ALA A N   1 
ATOM   1104 C CA  . ALA A 1 147 ? -8.396  7.353   -2.086  1.00 33.06 ? 147 ALA A CA  1 
ATOM   1105 C C   . ALA A 1 147 ? -7.721  6.778   -3.325  1.00 37.44 ? 147 ALA A C   1 
ATOM   1106 O O   . ALA A 1 147 ? -6.844  7.417   -3.919  1.00 42.25 ? 147 ALA A O   1 
ATOM   1107 C CB  . ALA A 1 147 ? -7.823  6.720   -0.819  1.00 31.75 ? 147 ALA A CB  1 
ATOM   1108 N N   . TYR A 1 148 ? -8.125  5.576   -3.737  1.00 32.33 ? 148 TYR A N   1 
ATOM   1109 C CA  . TYR A 1 148 ? -7.533  4.955   -4.915  1.00 22.81 ? 148 TYR A CA  1 
ATOM   1110 C C   . TYR A 1 148 ? -7.884  5.720   -6.182  1.00 29.20 ? 148 TYR A C   1 
ATOM   1111 O O   . TYR A 1 148 ? -7.042  5.860   -7.074  1.00 38.77 ? 148 TYR A O   1 
ATOM   1112 C CB  . TYR A 1 148 ? -7.986  3.502   -5.026  1.00 30.49 ? 148 TYR A CB  1 
ATOM   1113 C CG  . TYR A 1 148 ? -7.618  2.641   -3.842  1.00 32.09 ? 148 TYR A CG  1 
ATOM   1114 C CD1 . TYR A 1 148 ? -6.527  2.945   -3.045  1.00 30.44 ? 148 TYR A CD1 1 
ATOM   1115 C CD2 . TYR A 1 148 ? -8.378  1.535   -3.511  1.00 34.18 ? 148 TYR A CD2 1 
ATOM   1116 C CE1 . TYR A 1 148 ? -6.197  2.156   -1.963  1.00 31.73 ? 148 TYR A CE1 1 
ATOM   1117 C CE2 . TYR A 1 148 ? -8.058  0.747   -2.432  1.00 36.75 ? 148 TYR A CE2 1 
ATOM   1118 C CZ  . TYR A 1 148 ? -6.972  1.059   -1.663  1.00 33.96 ? 148 TYR A CZ  1 
ATOM   1119 O OH  . TYR A 1 148 ? -6.668  0.262   -0.590  1.00 40.10 ? 148 TYR A OH  1 
ATOM   1120 N N   . GLU A 1 149 ? -9.124  6.205   -6.295  1.00 32.91 ? 149 GLU A N   1 
ATOM   1121 C CA  . GLU A 1 149 ? -9.496  6.964   -7.485  1.00 34.10 ? 149 GLU A CA  1 
ATOM   1122 C C   . GLU A 1 149 ? -8.675  8.237   -7.608  1.00 34.56 ? 149 GLU A C   1 
ATOM   1123 O O   . GLU A 1 149 ? -8.188  8.562   -8.696  1.00 41.63 ? 149 GLU A O   1 
ATOM   1124 C CB  . GLU A 1 149 ? -10.988 7.296   -7.478  1.00 36.71 ? 149 GLU A CB  1 
ATOM   1125 C CG  . GLU A 1 149 ? -11.898 6.100   -7.625  1.00 40.64 ? 149 GLU A CG  1 
ATOM   1126 C CD  . GLU A 1 149 ? -13.364 6.483   -7.595  1.00 46.81 ? 149 GLU A CD  1 
ATOM   1127 O OE1 . GLU A 1 149 ? -13.665 7.666   -7.334  1.00 48.13 ? 149 GLU A OE1 1 
ATOM   1128 O OE2 . GLU A 1 149 ? -14.217 5.603   -7.838  1.00 44.38 ? 149 GLU A OE2 1 
ATOM   1129 N N   . ARG A 1 150 ? -8.498  8.970   -6.509  1.00 39.98 ? 150 ARG A N   1 
ATOM   1130 C CA  . ARG A 1 150 ? -7.689  10.180  -6.608  1.00 35.10 ? 150 ARG A CA  1 
ATOM   1131 C C   . ARG A 1 150 ? -6.205  9.879   -6.774  1.00 35.98 ? 150 ARG A C   1 
ATOM   1132 O O   . ARG A 1 150 ? -5.479  10.694  -7.350  1.00 40.26 ? 150 ARG A O   1 
ATOM   1133 C CB  . ARG A 1 150 ? -7.925  11.093  -5.405  1.00 37.76 ? 150 ARG A CB  1 
ATOM   1134 C CG  . ARG A 1 150 ? -8.930  12.195  -5.709  1.00 43.00 ? 150 ARG A CG  1 
ATOM   1135 C CD  . ARG A 1 150 ? -9.099  13.191  -4.574  1.00 43.12 ? 150 ARG A CD  1 
ATOM   1136 N NE  . ARG A 1 150 ? -10.130 12.789  -3.626  1.00 49.26 ? 150 ARG A NE  1 
ATOM   1137 C CZ  . ARG A 1 150 ? -9.905  12.217  -2.453  1.00 46.16 ? 150 ARG A CZ  1 
ATOM   1138 N NH1 . ARG A 1 150 ? -8.680  11.931  -2.045  1.00 43.44 ? 150 ARG A NH1 1 
ATOM   1139 N NH2 . ARG A 1 150 ? -10.938 11.927  -1.669  1.00 41.47 ? 150 ARG A NH2 1 
ATOM   1140 N N   . ALA A 1 151 ? -5.736  8.730   -6.288  1.00 35.66 ? 151 ALA A N   1 
ATOM   1141 C CA  . ALA A 1 151 ? -4.337  8.367   -6.489  1.00 31.87 ? 151 ALA A CA  1 
ATOM   1142 C C   . ALA A 1 151 ? -4.026  8.055   -7.947  1.00 35.51 ? 151 ALA A C   1 
ATOM   1143 O O   . ALA A 1 151 ? -2.894  8.260   -8.393  1.00 43.55 ? 151 ALA A O   1 
ATOM   1144 C CB  . ALA A 1 151 ? -3.972  7.179   -5.610  1.00 35.12 ? 151 ALA A CB  1 
ATOM   1145 N N   . GLY A 1 152 ? -4.996  7.545   -8.700  1.00 36.73 ? 152 GLY A N   1 
ATOM   1146 C CA  . GLY A 1 152 ? -4.749  7.229   -10.092 1.00 27.81 ? 152 GLY A CA  1 
ATOM   1147 C C   . GLY A 1 152 ? -5.350  5.928   -10.581 1.00 26.26 ? 152 GLY A C   1 
ATOM   1148 O O   . GLY A 1 152 ? -5.146  5.547   -11.735 1.00 34.25 ? 152 GLY A O   1 
ATOM   1149 N N   . PHE A 1 153 ? -6.077  5.229   -9.722  1.00 32.99 ? 153 PHE A N   1 
ATOM   1150 C CA  . PHE A 1 153 ? -6.733  3.993   -10.116 1.00 25.11 ? 153 PHE A CA  1 
ATOM   1151 C C   . PHE A 1 153 ? -8.082  4.295   -10.764 1.00 27.25 ? 153 PHE A C   1 
ATOM   1152 O O   . PHE A 1 153 ? -8.718  5.312   -10.485 1.00 29.34 ? 153 PHE A O   1 
ATOM   1153 C CB  . PHE A 1 153 ? -6.932  3.079   -8.909  1.00 23.68 ? 153 PHE A CB  1 
ATOM   1154 C CG  . PHE A 1 153 ? -5.683  2.385   -8.454  1.00 23.82 ? 153 PHE A CG  1 
ATOM   1155 C CD1 . PHE A 1 153 ? -4.813  3.007   -7.585  1.00 30.32 ? 153 PHE A CD1 1 
ATOM   1156 C CD2 . PHE A 1 153 ? -5.383  1.112   -8.886  1.00 26.93 ? 153 PHE A CD2 1 
ATOM   1157 C CE1 . PHE A 1 153 ? -3.676  2.372   -7.154  1.00 29.12 ? 153 PHE A CE1 1 
ATOM   1158 C CE2 . PHE A 1 153 ? -4.239  0.476   -8.462  1.00 25.86 ? 153 PHE A CE2 1 
ATOM   1159 C CZ  . PHE A 1 153 ? -3.389  1.106   -7.592  1.00 25.53 ? 153 PHE A CZ  1 
ATOM   1160 N N   . ARG A 1 154 ? -8.517  3.389   -11.635 1.00 33.46 ? 154 ARG A N   1 
ATOM   1161 C CA  . ARG A 1 154 ? -9.810  3.494   -12.291 1.00 31.67 ? 154 ARG A CA  1 
ATOM   1162 C C   . ARG A 1 154 ? -10.594 2.213   -12.053 1.00 34.29 ? 154 ARG A C   1 
ATOM   1163 O O   . ARG A 1 154 ? -10.020 1.128   -11.958 1.00 40.95 ? 154 ARG A O   1 
ATOM   1164 C CB  . ARG A 1 154 ? -9.672  3.738   -13.797 1.00 32.44 ? 154 ARG A CB  1 
ATOM   1165 C CG  . ARG A 1 154 ? -8.951  5.017   -14.161 1.00 38.42 ? 154 ARG A CG  1 
ATOM   1166 C CD  . ARG A 1 154 ? -9.764  6.247   -13.830 1.00 36.93 ? 154 ARG A CD  1 
ATOM   1167 N NE  . ARG A 1 154 ? -9.076  7.462   -14.247 1.00 40.20 ? 154 ARG A NE  1 
ATOM   1168 C CZ  . ARG A 1 154 ? -8.248  8.156   -13.477 1.00 42.17 ? 154 ARG A CZ  1 
ATOM   1169 N NH1 . ARG A 1 154 ? -8.001  7.797   -12.228 1.00 41.23 ? 154 ARG A NH1 1 
ATOM   1170 N NH2 . ARG A 1 154 ? -7.657  9.238   -13.972 1.00 41.04 ? 154 ARG A NH2 1 
ATOM   1171 N N   . ARG A 1 155 ? -11.913 2.349   -11.970 1.00 33.41 ? 155 ARG A N   1 
ATOM   1172 C CA  . ARG A 1 155 ? -12.769 1.214   -11.656 1.00 30.18 ? 155 ARG A CA  1 
ATOM   1173 C C   . ARG A 1 155 ? -12.908 0.283   -12.855 1.00 30.84 ? 155 ARG A C   1 
ATOM   1174 O O   . ARG A 1 155 ? -13.162 0.728   -13.977 1.00 34.74 ? 155 ARG A O   1 
ATOM   1175 C CB  . ARG A 1 155 ? -14.143 1.707   -11.209 1.00 33.51 ? 155 ARG A CB  1 
ATOM   1176 C CG  . ARG A 1 155 ? -15.129 0.602   -10.897 1.00 40.59 ? 155 ARG A CG  1 
ATOM   1177 C CD  . ARG A 1 155 ? -16.451 1.159   -10.398 1.00 38.85 ? 155 ARG A CD  1 
ATOM   1178 N NE  . ARG A 1 155 ? -16.368 1.620   -9.018  1.00 44.20 ? 155 ARG A NE  1 
ATOM   1179 C CZ  . ARG A 1 155 ? -16.341 2.893   -8.652  1.00 43.13 ? 155 ARG A CZ  1 
ATOM   1180 N NH1 . ARG A 1 155 ? -16.358 3.870   -9.544  1.00 41.19 ? 155 ARG A NH1 1 
ATOM   1181 N NH2 . ARG A 1 155 ? -16.296 3.195   -7.358  1.00 37.84 ? 155 ARG A NH2 1 
ATOM   1182 N N   . ILE A 1 156 ? -12.741 -1.014  -12.614 1.00 28.46 ? 156 ILE A N   1 
ATOM   1183 C CA  . ILE A 1 156 ? -13.003 -2.032  -13.627 1.00 23.69 ? 156 ILE A CA  1 
ATOM   1184 C C   . ILE A 1 156 ? -14.434 -2.537  -13.536 1.00 28.98 ? 156 ILE A C   1 
ATOM   1185 O O   . ILE A 1 156 ? -15.179 -2.520  -14.516 1.00 36.82 ? 156 ILE A O   1 
ATOM   1186 C CB  . ILE A 1 156 ? -12.009 -3.201  -13.481 1.00 22.46 ? 156 ILE A CB  1 
ATOM   1187 C CG1 . ILE A 1 156 ? -10.571 -2.742  -13.692 1.00 27.30 ? 156 ILE A CG1 1 
ATOM   1188 C CG2 . ILE A 1 156 ? -12.353 -4.307  -14.449 1.00 27.02 ? 156 ILE A CG2 1 
ATOM   1189 C CD1 . ILE A 1 156 ? -9.560  -3.783  -13.270 1.00 26.08 ? 156 ILE A CD1 1 
ATOM   1190 N N   . GLY A 1 157 ? -14.827 -2.988  -12.352 1.00 31.65 ? 157 GLY A N   1 
ATOM   1191 C CA  . GLY A 1 157 ? -16.134 -3.573  -12.152 1.00 27.74 ? 157 GLY A CA  1 
ATOM   1192 C C   . GLY A 1 157 ? -16.196 -4.230  -10.788 1.00 27.20 ? 157 GLY A C   1 
ATOM   1193 O O   . GLY A 1 157 ? -15.264 -4.124  -9.990  1.00 35.67 ? 157 GLY A O   1 
ATOM   1194 N N   . GLU A 1 158 ? -17.304 -4.919  -10.544 1.00 35.06 ? 158 GLU A N   1 
ATOM   1195 C CA  . GLU A 1 158 ? -17.561 -5.561  -9.262  1.00 32.87 ? 158 GLU A CA  1 
ATOM   1196 C C   . GLU A 1 158 ? -17.576 -7.073  -9.423  1.00 34.29 ? 158 GLU A C   1 
ATOM   1197 O O   . GLU A 1 158 ? -18.283 -7.603  -10.285 1.00 40.85 ? 158 GLU A O   1 
ATOM   1198 C CB  . GLU A 1 158 ? -18.888 -5.086  -8.672  1.00 31.02 ? 158 GLU A CB  1 
ATOM   1199 C CG  . GLU A 1 158 ? -18.794 -3.771  -7.932  1.00 38.04 ? 158 GLU A CG  1 
ATOM   1200 C CD  . GLU A 1 158 ? -20.141 -3.099  -7.771  1.00 44.81 ? 158 GLU A CD  1 
ATOM   1201 O OE1 . GLU A 1 158 ? -20.174 -1.865  -7.583  1.00 44.11 ? 158 GLU A OE1 1 
ATOM   1202 O OE2 . GLU A 1 158 ? -21.168 -3.805  -7.831  1.00 43.58 ? 158 GLU A OE2 1 
ATOM   1203 N N   . ARG A 1 159 ? -16.809 -7.760  -8.583  1.00 29.78 ? 159 ARG A N   1 
ATOM   1204 C CA  . ARG A 1 159 ? -16.803 -9.217  -8.520  1.00 22.89 ? 159 ARG A CA  1 
ATOM   1205 C C   . ARG A 1 159 ? -17.833 -9.636  -7.477  1.00 31.05 ? 159 ARG A C   1 
ATOM   1206 O O   . ARG A 1 159 ? -17.607 -9.473  -6.275  1.00 44.33 ? 159 ARG A O   1 
ATOM   1207 C CB  . ARG A 1 159 ? -15.415 -9.736  -8.164  1.00 22.59 ? 159 ARG A CB  1 
ATOM   1208 C CG  . ARG A 1 159 ? -15.309 -11.238 -8.095  1.00 27.98 ? 159 ARG A CG  1 
ATOM   1209 C CD  . ARG A 1 159 ? -13.956 -11.652 -7.559  1.00 25.52 ? 159 ARG A CD  1 
ATOM   1210 N NE  . ARG A 1 159 ? -12.876 -11.360 -8.491  1.00 31.97 ? 159 ARG A NE  1 
ATOM   1211 C CZ  . ARG A 1 159 ? -11.608 -11.212 -8.137  1.00 34.51 ? 159 ARG A CZ  1 
ATOM   1212 N NH1 . ARG A 1 159 ? -11.230 -11.296 -6.875  1.00 32.15 ? 159 ARG A NH1 1 
ATOM   1213 N NH2 . ARG A 1 159 ? -10.698 -10.968 -9.076  1.00 33.13 ? 159 ARG A NH2 1 
ATOM   1214 N N   . ARG A 1 160 ? -18.952 -10.183 -7.936  1.00 33.45 ? 160 ARG A N   1 
ATOM   1215 C CA  . ARG A 1 160 ? -20.099 -10.414 -7.070  1.00 30.42 ? 160 ARG A CA  1 
ATOM   1216 C C   . ARG A 1 160 ? -19.823 -11.498 -6.035  1.00 32.72 ? 160 ARG A C   1 
ATOM   1217 O O   . ARG A 1 160 ? -19.246 -12.542 -6.344  1.00 37.83 ? 160 ARG A O   1 
ATOM   1218 C CB  . ARG A 1 160 ? -21.305 -10.810 -7.911  1.00 32.66 ? 160 ARG A CB  1 
ATOM   1219 C CG  . ARG A 1 160 ? -21.816 -9.724  -8.824  1.00 26.96 ? 160 ARG A CG  1 
ATOM   1220 C CD  . ARG A 1 160 ? -22.872 -10.296 -9.730  1.00 31.00 ? 160 ARG A CD  1 
ATOM   1221 N NE  . ARG A 1 160 ? -22.292 -11.321 -10.587 1.00 35.00 ? 160 ARG A NE  1 
ATOM   1222 C CZ  . ARG A 1 160 ? -22.989 -12.159 -11.337 1.00 36.32 ? 160 ARG A CZ  1 
ATOM   1223 N NH1 . ARG A 1 160 ? -24.311 -12.135 -11.354 1.00 37.47 ? 160 ARG A NH1 1 
ATOM   1224 N NH2 . ARG A 1 160 ? -22.345 -13.049 -12.085 1.00 34.53 ? 160 ARG A NH2 1 
ATOM   1225 N N   . ASP A 1 161 ? -20.262 -11.243 -4.802  1.00 31.20 ? 161 ASP A N   1 
ATOM   1226 C CA  . ASP A 1 161 ? -20.272 -12.218 -3.711  1.00 30.23 ? 161 ASP A CA  1 
ATOM   1227 C C   . ASP A 1 161 ? -18.908 -12.882 -3.526  1.00 36.32 ? 161 ASP A C   1 
ATOM   1228 O O   . ASP A 1 161 ? -18.765 -14.101 -3.585  1.00 44.90 ? 161 ASP A O   1 
ATOM   1229 C CB  . ASP A 1 161 ? -21.356 -13.270 -3.943  1.00 33.22 ? 161 ASP A CB  1 
ATOM   1230 C CG  . ASP A 1 161 ? -22.736 -12.668 -4.048  1.00 40.09 ? 161 ASP A CG  1 
ATOM   1231 O OD1 . ASP A 1 161 ? -22.898 -11.485 -3.689  1.00 43.55 ? 161 ASP A OD1 1 
ATOM   1232 O OD2 . ASP A 1 161 ? -23.663 -13.377 -4.489  1.00 42.41 ? 161 ASP A OD2 1 
ATOM   1233 N N   . SER A 1 162 ? -17.898 -12.054 -3.276  1.00 31.05 ? 162 SER A N   1 
ATOM   1234 C CA  . SER A 1 162 ? -16.529 -12.541 -3.177  1.00 26.25 ? 162 SER A CA  1 
ATOM   1235 C C   . SER A 1 162 ? -15.825 -12.041 -1.922  1.00 28.37 ? 162 SER A C   1 
ATOM   1236 O O   . SER A 1 162 ? -14.594 -12.042 -1.869  1.00 37.65 ? 162 SER A O   1 
ATOM   1237 C CB  . SER A 1 162 ? -15.730 -12.146 -4.416  1.00 33.41 ? 162 SER A CB  1 
ATOM   1238 O OG  . SER A 1 162 ? -15.579 -10.746 -4.485  1.00 41.27 ? 162 SER A OG  1 
ATOM   1239 N N   . GLY A 1 163 ? -16.576 -11.619 -0.913  1.00 31.33 ? 163 GLY A N   1 
ATOM   1240 C CA  . GLY A 1 163 ? -15.976 -11.207 0.340   1.00 31.06 ? 163 GLY A CA  1 
ATOM   1241 C C   . GLY A 1 163 ? -17.040 -10.997 1.389   1.00 31.59 ? 163 GLY A C   1 
ATOM   1242 O O   . GLY A 1 163 ? -18.239 -10.987 1.099   1.00 36.50 ? 163 GLY A O   1 
ATOM   1243 N N   . PHE A 1 164 ? -16.580 -10.823 2.623   1.00 26.19 ? 164 PHE A N   1 
ATOM   1244 C CA  . PHE A 1 164 ? -17.456 -10.579 3.758   1.00 22.72 ? 164 PHE A CA  1 
ATOM   1245 C C   . PHE A 1 164 ? -17.170 -9.204  4.333   1.00 26.87 ? 164 PHE A C   1 
ATOM   1246 O O   . PHE A 1 164 ? -16.008 -8.835  4.525   1.00 34.97 ? 164 PHE A O   1 
ATOM   1247 C CB  . PHE A 1 164 ? -17.280 -11.628 4.856   1.00 25.28 ? 164 PHE A CB  1 
ATOM   1248 C CG  . PHE A 1 164 ? -17.783 -12.985 4.492   1.00 28.56 ? 164 PHE A CG  1 
ATOM   1249 C CD1 . PHE A 1 164 ? -19.118 -13.299 4.645   1.00 33.14 ? 164 PHE A CD1 1 
ATOM   1250 C CD2 . PHE A 1 164 ? -16.916 -13.965 4.062   1.00 28.58 ? 164 PHE A CD2 1 
ATOM   1251 C CE1 . PHE A 1 164 ? -19.584 -14.545 4.327   1.00 29.83 ? 164 PHE A CE1 1 
ATOM   1252 C CE2 . PHE A 1 164 ? -17.378 -15.216 3.751   1.00 29.48 ? 164 PHE A CE2 1 
ATOM   1253 C CZ  . PHE A 1 164 ? -18.713 -15.505 3.883   1.00 29.95 ? 164 PHE A CZ  1 
ATOM   1254 N N   . TRP A 1 165 ? -18.228 -8.452  4.608   1.00 30.51 ? 165 TRP A N   1 
ATOM   1255 C CA  . TRP A 1 165 ? -18.132 -7.171  5.296   1.00 29.36 ? 165 TRP A CA  1 
ATOM   1256 C C   . TRP A 1 165 ? -19.052 -7.227  6.507   1.00 29.30 ? 165 TRP A C   1 
ATOM   1257 O O   . TRP A 1 165 ? -20.276 -7.204  6.358   1.00 34.74 ? 165 TRP A O   1 
ATOM   1258 C CB  . TRP A 1 165 ? -18.498 -6.019  4.365   1.00 32.65 ? 165 TRP A CB  1 
ATOM   1259 C CG  . TRP A 1 165 ? -18.294 -4.681  4.971   1.00 28.29 ? 165 TRP A CG  1 
ATOM   1260 C CD1 . TRP A 1 165 ? -19.205 -3.954  5.666   1.00 29.59 ? 165 TRP A CD1 1 
ATOM   1261 C CD2 . TRP A 1 165 ? -17.089 -3.914  4.964   1.00 26.17 ? 165 TRP A CD2 1 
ATOM   1262 N NE1 . TRP A 1 165 ? -18.651 -2.771  6.078   1.00 28.20 ? 165 TRP A NE1 1 
ATOM   1263 C CE2 . TRP A 1 165 ? -17.349 -2.724  5.661   1.00 25.61 ? 165 TRP A CE2 1 
ATOM   1264 C CE3 . TRP A 1 165 ? -15.817 -4.116  4.427   1.00 28.96 ? 165 TRP A CE3 1 
ATOM   1265 C CZ2 . TRP A 1 165 ? -16.386 -1.740  5.836   1.00 30.43 ? 165 TRP A CZ2 1 
ATOM   1266 C CZ3 . TRP A 1 165 ? -14.864 -3.139  4.602   1.00 30.27 ? 165 TRP A CZ3 1 
ATOM   1267 C CH2 . TRP A 1 165 ? -15.152 -1.966  5.300   1.00 31.75 ? 165 TRP A CH2 1 
ATOM   1268 N N   . LEU A 1 166 ? -18.461 -7.304  7.699   1.00 28.53 ? 166 LEU A N   1 
ATOM   1269 C CA  . LEU A 1 166 ? -19.214 -7.456  8.941   1.00 22.74 ? 166 LEU A CA  1 
ATOM   1270 C C   . LEU A 1 166 ? -20.135 -8.668  8.891   1.00 30.17 ? 166 LEU A C   1 
ATOM   1271 O O   . LEU A 1 166 ? -21.281 -8.612  9.340   1.00 32.73 ? 166 LEU A O   1 
ATOM   1272 C CB  . LEU A 1 166 ? -20.009 -6.194  9.277   1.00 25.95 ? 166 LEU A CB  1 
ATOM   1273 C CG  . LEU A 1 166 ? -19.188 -4.916  9.396   1.00 29.61 ? 166 LEU A CG  1 
ATOM   1274 C CD1 . LEU A 1 166 ? -20.093 -3.734  9.652   1.00 29.53 ? 166 LEU A CD1 1 
ATOM   1275 C CD2 . LEU A 1 166 ? -18.161 -5.055  10.498  1.00 24.86 ? 166 LEU A CD2 1 
ATOM   1276 N N   . GLY A 1 167 ? -19.648 -9.765  8.317   1.00 35.75 ? 167 GLY A N   1 
ATOM   1277 C CA  . GLY A 1 167 ? -20.396 -10.998 8.249   1.00 29.61 ? 167 GLY A CA  1 
ATOM   1278 C C   . GLY A 1 167 ? -21.357 -11.094 7.090   1.00 29.49 ? 167 GLY A C   1 
ATOM   1279 O O   . GLY A 1 167 ? -21.886 -12.180 6.835   1.00 38.19 ? 167 GLY A O   1 
ATOM   1280 N N   . ARG A 1 168 ? -21.593 -9.998  6.383   1.00 32.46 ? 168 ARG A N   1 
ATOM   1281 C CA  . ARG A 1 168 ? -22.501 -9.973  5.249   1.00 28.12 ? 168 ARG A CA  1 
ATOM   1282 C C   . ARG A 1 168 ? -21.721 -10.254 3.974   1.00 33.09 ? 168 ARG A C   1 
ATOM   1283 O O   . ARG A 1 168 ? -20.606 -9.757  3.800   1.00 38.04 ? 168 ARG A O   1 
ATOM   1284 C CB  . ARG A 1 168 ? -23.199 -8.616  5.169   1.00 30.37 ? 168 ARG A CB  1 
ATOM   1285 C CG  . ARG A 1 168 ? -24.170 -8.460  4.023   1.00 34.86 ? 168 ARG A CG  1 
ATOM   1286 C CD  . ARG A 1 168 ? -25.017 -7.214  4.214   1.00 35.69 ? 168 ARG A CD  1 
ATOM   1287 N NE  . ARG A 1 168 ? -24.199 -6.010  4.279   1.00 39.61 ? 168 ARG A NE  1 
ATOM   1288 C CZ  . ARG A 1 168 ? -23.872 -5.264  3.233   1.00 40.42 ? 168 ARG A CZ  1 
ATOM   1289 N NH1 . ARG A 1 168 ? -24.304 -5.553  2.017   1.00 39.26 ? 168 ARG A NH1 1 
ATOM   1290 N NH2 . ARG A 1 168 ? -23.095 -4.200  3.412   1.00 35.89 ? 168 ARG A NH2 1 
ATOM   1291 N N   . ARG A 1 169 ? -22.296 -11.072 3.098   1.00 30.01 ? 169 ARG A N   1 
ATOM   1292 C CA  . ARG A 1 169 ? -21.676 -11.357 1.810   1.00 25.79 ? 169 ARG A CA  1 
ATOM   1293 C C   . ARG A 1 169 ? -21.843 -10.163 0.875   1.00 30.22 ? 169 ARG A C   1 
ATOM   1294 O O   . ARG A 1 169 ? -22.967 -9.766  0.557   1.00 34.39 ? 169 ARG A O   1 
ATOM   1295 C CB  . ARG A 1 169 ? -22.284 -12.622 1.212   1.00 27.26 ? 169 ARG A CB  1 
ATOM   1296 C CG  . ARG A 1 169 ? -21.778 -12.980 -0.164  1.00 28.74 ? 169 ARG A CG  1 
ATOM   1297 C CD  . ARG A 1 169 ? -20.400 -13.588 -0.105  1.00 33.32 ? 169 ARG A CD  1 
ATOM   1298 N NE  . ARG A 1 169 ? -20.394 -14.957 0.383   1.00 27.10 ? 169 ARG A NE  1 
ATOM   1299 C CZ  . ARG A 1 169 ? -19.309 -15.715 0.432   1.00 25.90 ? 169 ARG A CZ  1 
ATOM   1300 N NH1 . ARG A 1 169 ? -18.144 -15.279 -0.014  1.00 20.63 ? 169 ARG A NH1 1 
ATOM   1301 N NH2 . ARG A 1 169 ? -19.394 -16.938 0.942   1.00 31.90 ? 169 ARG A NH2 1 
ATOM   1302 N N   . VAL A 1 170 ? -20.719 -9.590  0.440   1.00 27.34 ? 170 VAL A N   1 
ATOM   1303 C CA  . VAL A 1 170 ? -20.698 -8.397  -0.395  1.00 23.44 ? 170 VAL A CA  1 
ATOM   1304 C C   . VAL A 1 170 ? -19.736 -8.623  -1.555  1.00 25.69 ? 170 VAL A C   1 
ATOM   1305 O O   . VAL A 1 170 ? -18.926 -9.547  -1.549  1.00 34.93 ? 170 VAL A O   1 
ATOM   1306 C CB  . VAL A 1 170 ? -20.288 -7.134  0.391   1.00 20.99 ? 170 VAL A CB  1 
ATOM   1307 C CG1 . VAL A 1 170 ? -21.279 -6.848  1.495   1.00 31.26 ? 170 VAL A CG1 1 
ATOM   1308 C CG2 . VAL A 1 170 ? -18.896 -7.304  0.964   1.00 22.59 ? 170 VAL A CG2 1 
ATOM   1309 N N   . SER A 1 171 ? -19.841 -7.757  -2.559  1.00 26.89 ? 171 SER A N   1 
ATOM   1310 C CA  . SER A 1 171 ? -18.939 -7.786  -3.697  1.00 25.72 ? 171 SER A CA  1 
ATOM   1311 C C   . SER A 1 171 ? -17.665 -7.005  -3.391  1.00 26.98 ? 171 SER A C   1 
ATOM   1312 O O   . SER A 1 171 ? -17.580 -6.255  -2.417  1.00 40.96 ? 171 SER A O   1 
ATOM   1313 C CB  . SER A 1 171 ? -19.618 -7.209  -4.935  1.00 29.90 ? 171 SER A CB  1 
ATOM   1314 O OG  . SER A 1 171 ? -19.862 -5.827  -4.776  1.00 28.94 ? 171 SER A OG  1 
ATOM   1315 N N   . GLU A 1 172 ? -16.664 -7.180  -4.244  1.00 24.40 ? 172 GLU A N   1 
ATOM   1316 C CA  . GLU A 1 172 ? -15.438 -6.409  -4.145  1.00 27.54 ? 172 GLU A CA  1 
ATOM   1317 C C   . GLU A 1 172 ? -15.169 -5.702  -5.465  1.00 27.96 ? 172 GLU A C   1 
ATOM   1318 O O   . GLU A 1 172 ? -15.468 -6.223  -6.541  1.00 39.44 ? 172 GLU A O   1 
ATOM   1319 C CB  . GLU A 1 172 ? -14.250 -7.290  -3.743  1.00 27.26 ? 172 GLU A CB  1 
ATOM   1320 C CG  . GLU A 1 172 ? -13.759 -8.241  -4.793  1.00 32.17 ? 172 GLU A CG  1 
ATOM   1321 C CD  . GLU A 1 172 ? -12.654 -9.137  -4.273  1.00 43.71 ? 172 GLU A CD  1 
ATOM   1322 O OE1 . GLU A 1 172 ? -12.277 -8.987  -3.091  1.00 41.73 ? 172 GLU A OE1 1 
ATOM   1323 O OE2 . GLU A 1 172 ? -12.166 -9.994  -5.039  1.00 47.15 ? 172 GLU A OE2 1 
ATOM   1324 N N   . THR A 1 173 ? -14.621 -4.495  -5.366  1.00 29.45 ? 173 THR A N   1 
ATOM   1325 C CA  . THR A 1 173 ? -14.382 -3.646  -6.522  1.00 25.07 ? 173 THR A CA  1 
ATOM   1326 C C   . THR A 1 173 ? -12.972 -3.875  -7.043  1.00 29.38 ? 173 THR A C   1 
ATOM   1327 O O   . THR A 1 173 ? -12.011 -3.881  -6.270  1.00 32.61 ? 173 THR A O   1 
ATOM   1328 C CB  . THR A 1 173 ? -14.578 -2.173  -6.157  1.00 20.17 ? 173 THR A CB  1 
ATOM   1329 O OG1 . THR A 1 173 ? -15.918 -1.971  -5.704  1.00 31.75 ? 173 THR A OG1 1 
ATOM   1330 C CG2 . THR A 1 173 ? -14.323 -1.285  -7.353  1.00 23.18 ? 173 THR A CG2 1 
ATOM   1331 N N   . LEU A 1 174 ? -12.853 -4.066  -8.351  1.00 27.33 ? 174 LEU A N   1 
ATOM   1332 C CA  . LEU A 1 174 ? -11.568 -4.256  -9.005  1.00 24.91 ? 174 LEU A CA  1 
ATOM   1333 C C   . LEU A 1 174 ? -11.153 -2.947  -9.659  1.00 26.93 ? 174 LEU A C   1 
ATOM   1334 O O   . LEU A 1 174 ? -11.951 -2.319  -10.359 1.00 35.39 ? 174 LEU A O   1 
ATOM   1335 C CB  . LEU A 1 174 ? -11.653 -5.371  -10.046 1.00 25.92 ? 174 LEU A CB  1 
ATOM   1336 C CG  . LEU A 1 174 ? -12.218 -6.699  -9.549  1.00 23.58 ? 174 LEU A CG  1 
ATOM   1337 C CD1 . LEU A 1 174 ? -12.285 -7.698  -10.678 1.00 27.91 ? 174 LEU A CD1 1 
ATOM   1338 C CD2 . LEU A 1 174 ? -11.393 -7.241  -8.405  1.00 26.02 ? 174 LEU A CD2 1 
ATOM   1339 N N   . MET A 1 175 ? -9.914  -2.530  -9.418  1.00 28.71 ? 175 MET A N   1 
ATOM   1340 C CA  . MET A 1 175 ? -9.418  -1.269  -9.942  1.00 24.70 ? 175 MET A CA  1 
ATOM   1341 C C   . MET A 1 175 ? -8.031  -1.485  -10.527 1.00 27.00 ? 175 MET A C   1 
ATOM   1342 O O   . MET A 1 175 ? -7.317  -2.410  -10.146 1.00 40.54 ? 175 MET A O   1 
ATOM   1343 C CB  . MET A 1 175 ? -9.377  -0.186  -8.858  1.00 28.19 ? 175 MET A CB  1 
ATOM   1344 C CG  . MET A 1 175 ? -10.679 -0.020  -8.106  1.00 33.08 ? 175 MET A CG  1 
ATOM   1345 S SD  . MET A 1 175 ? -10.624 1.289   -6.881  1.00 41.45 ? 175 MET A SD  1 
ATOM   1346 C CE  . MET A 1 175 ? -10.723 2.724   -7.937  1.00 34.41 ? 175 MET A CE  1 
ATOM   1347 N N   . ASP A 1 176 ? -7.658  -0.624  -11.469 1.00 27.47 ? 176 ASP A N   1 
ATOM   1348 C CA  . ASP A 1 176 ? -6.338  -0.700  -12.074 1.00 25.54 ? 176 ASP A CA  1 
ATOM   1349 C C   . ASP A 1 176 ? -5.861  0.698   -12.441 1.00 28.73 ? 176 ASP A C   1 
ATOM   1350 O O   . ASP A 1 176 ? -6.645  1.641   -12.540 1.00 34.38 ? 176 ASP A O   1 
ATOM   1351 C CB  . ASP A 1 176 ? -6.324  -1.637  -13.291 1.00 27.99 ? 176 ASP A CB  1 
ATOM   1352 C CG  . ASP A 1 176 ? -7.300  -1.225  -14.376 1.00 34.02 ? 176 ASP A CG  1 
ATOM   1353 O OD1 . ASP A 1 176 ? -7.784  -0.077  -14.380 1.00 38.10 ? 176 ASP A OD1 1 
ATOM   1354 O OD2 . ASP A 1 176 ? -7.582  -2.065  -15.250 1.00 38.99 ? 176 ASP A OD2 1 
ATOM   1355 N N   . ALA A 1 177 ? -4.551  0.813   -12.643 1.00 30.31 ? 177 ALA A N   1 
ATOM   1356 C CA  . ALA A 1 177 ? -3.907  2.072   -12.976 1.00 23.93 ? 177 ALA A CA  1 
ATOM   1357 C C   . ALA A 1 177 ? -2.855  1.823   -14.041 1.00 23.51 ? 177 ALA A C   1 
ATOM   1358 O O   . ALA A 1 177 ? -2.163  0.805   -14.006 1.00 36.29 ? 177 ALA A O   1 
ATOM   1359 C CB  . ALA A 1 177 ? -3.266  2.709   -11.742 1.00 32.11 ? 177 ALA A CB  1 
ATOM   1360 N N   . VAL A 1 178 ? -2.728  2.756   -14.979 1.00 31.70 ? 178 VAL A N   1 
ATOM   1361 C CA  . VAL A 1 178 ? -1.758  2.627   -16.063 1.00 35.77 ? 178 VAL A CA  1 
ATOM   1362 C C   . VAL A 1 178 ? -0.880  3.870   -16.100 1.00 37.15 ? 178 VAL A C   1 
ATOM   1363 O O   . VAL A 1 178 ? -1.310  4.943   -15.658 1.00 41.92 ? 178 VAL A O   1 
ATOM   1364 C CB  . VAL A 1 178 ? -2.452  2.397   -17.414 1.00 33.53 ? 178 VAL A CB  1 
ATOM   1365 C CG1 . VAL A 1 178 ? -3.177  1.069   -17.413 1.00 33.69 ? 178 VAL A CG1 1 
ATOM   1366 C CG2 . VAL A 1 178 ? -3.404  3.533   -17.723 1.00 36.61 ? 178 VAL A CG2 1 
ATOM   1367 N N   . PRO A 1 179 ? 0.353   3.770   -16.605 1.00 33.20 ? 179 PRO A N   1 
ATOM   1368 C CA  . PRO A 1 179 ? 1.252   4.933   -16.597 1.00 31.79 ? 179 PRO A CA  1 
ATOM   1369 C C   . PRO A 1 179 ? 0.692   6.166   -17.280 1.00 37.06 ? 179 PRO A C   1 
ATOM   1370 O O   . PRO A 1 179 ? 0.939   7.283   -16.817 1.00 42.40 ? 179 PRO A O   1 
ATOM   1371 C CB  . PRO A 1 179 ? 2.484   4.401   -17.333 1.00 34.89 ? 179 PRO A CB  1 
ATOM   1372 C CG  . PRO A 1 179 ? 2.493   2.971   -17.013 1.00 37.37 ? 179 PRO A CG  1 
ATOM   1373 C CD  . PRO A 1 179 ? 1.056   2.551   -17.034 1.00 34.24 ? 179 PRO A CD  1 
ATOM   1374 N N   . GLU A 1 180 ? -0.051  6.003   -18.376 1.00 42.14 ? 180 GLU A N   1 
ATOM   1375 C CA  . GLU A 1 180 ? -0.568  7.169   -19.077 1.00 42.68 ? 180 GLU A CA  1 
ATOM   1376 C C   . GLU A 1 180 ? -1.669  7.883   -18.304 1.00 45.37 ? 180 GLU A C   1 
ATOM   1377 O O   . GLU A 1 180 ? -2.063  8.984   -18.699 1.00 50.87 ? 180 GLU A O   1 
ATOM   1378 C CB  . GLU A 1 180 ? -1.069  6.778   -20.470 1.00 45.04 ? 180 GLU A CB  1 
ATOM   1379 C CG  . GLU A 1 180 ? -2.101  5.662   -20.510 1.00 51.09 ? 180 GLU A CG  1 
ATOM   1380 C CD  . GLU A 1 180 ? -1.480  4.283   -20.666 1.00 54.91 ? 180 GLU A CD  1 
ATOM   1381 O OE1 . GLU A 1 180 ? -0.252  4.149   -20.478 1.00 53.71 ? 180 GLU A OE1 1 
ATOM   1382 O OE2 . GLU A 1 180 ? -2.221  3.334   -20.999 1.00 50.28 ? 180 GLU A OE2 1 
ATOM   1383 N N   . ASP A 1 181 ? -2.169  7.291   -17.223 1.00 44.35 ? 181 ASP A N   1 
ATOM   1384 C CA  . ASP A 1 181 ? -3.166  7.919   -16.369 1.00 45.09 ? 181 ASP A CA  1 
ATOM   1385 C C   . ASP A 1 181 ? -2.581  8.414   -15.054 1.00 43.50 ? 181 ASP A C   1 
ATOM   1386 O O   . ASP A 1 181 ? -3.336  8.816   -14.166 1.00 47.77 ? 181 ASP A O   1 
ATOM   1387 C CB  . ASP A 1 181 ? -4.307  6.941   -16.087 1.00 47.04 ? 181 ASP A CB  1 
ATOM   1388 C CG  . ASP A 1 181 ? -5.396  7.000   -17.134 1.00 50.72 ? 181 ASP A CG  1 
ATOM   1389 O OD1 . ASP A 1 181 ? -5.306  7.854   -18.039 1.00 53.40 ? 181 ASP A OD1 1 
ATOM   1390 O OD2 . ASP A 1 181 ? -6.339  6.188   -17.054 1.00 52.51 ? 181 ASP A OD2 1 
ATOM   1391 N N   . PHE A 1 182 ? -1.266  8.390   -14.909 1.00 39.50 ? 182 PHE A N   1 
ATOM   1392 C CA  . PHE A 1 182 ? -0.642  8.746   -13.642 1.00 41.61 ? 182 PHE A CA  1 
ATOM   1393 C C   . PHE A 1 182 ? -0.746  10.248  -13.412 1.00 43.52 ? 182 PHE A C   1 
ATOM   1394 O O   . PHE A 1 182 ? -0.215  11.026  -14.214 1.00 44.53 ? 182 PHE A O   1 
ATOM   1395 C CB  . PHE A 1 182 ? 0.814   8.294   -13.641 1.00 39.80 ? 182 PHE A CB  1 
ATOM   1396 C CG  . PHE A 1 182 ? 1.561   8.653   -12.396 1.00 39.17 ? 182 PHE A CG  1 
ATOM   1397 C CD1 . PHE A 1 182 ? 1.331   7.976   -11.216 1.00 38.18 ? 182 PHE A CD1 1 
ATOM   1398 C CD2 . PHE A 1 182 ? 2.505   9.661   -12.409 1.00 42.28 ? 182 PHE A CD2 1 
ATOM   1399 C CE1 . PHE A 1 182 ? 2.018   8.302   -10.073 1.00 40.27 ? 182 PHE A CE1 1 
ATOM   1400 C CE2 . PHE A 1 182 ? 3.196   9.991   -11.266 1.00 43.43 ? 182 PHE A CE2 1 
ATOM   1401 C CZ  . PHE A 1 182 ? 2.952   9.312   -10.098 1.00 42.21 ? 182 PHE A CZ  1 
ATOM   1402 N N   . PRO A 1 183 ? -1.403  10.696  -12.348 1.00 46.36 ? 183 PRO A N   1 
ATOM   1403 C CA  . PRO A 1 183 ? -1.589  12.132  -12.141 1.00 43.42 ? 183 PRO A CA  1 
ATOM   1404 C C   . PRO A 1 183 ? -0.428  12.773  -11.400 1.00 47.64 ? 183 PRO A C   1 
ATOM   1405 O O   . PRO A 1 183 ? 0.300   12.127  -10.644 1.00 50.12 ? 183 PRO A O   1 
ATOM   1406 C CB  . PRO A 1 183 ? -2.867  12.191  -11.299 1.00 42.95 ? 183 PRO A CB  1 
ATOM   1407 C CG  . PRO A 1 183 ? -2.788  10.952  -10.477 1.00 43.28 ? 183 PRO A CG  1 
ATOM   1408 C CD  . PRO A 1 183 ? -2.136  9.902   -11.347 1.00 48.58 ? 183 PRO A CD  1 
ATOM   1409 N N   . GLY A 1 184 ? -0.265  14.071  -11.632 1.00 53.37 ? 184 GLY A N   1 
ATOM   1410 C CA  . GLY A 1 184 ? 0.647   14.876  -10.857 1.00 54.45 ? 184 GLY A CA  1 
ATOM   1411 C C   . GLY A 1 184 ? 2.093   14.694  -11.261 1.00 54.92 ? 184 GLY A C   1 
ATOM   1412 O O   . GLY A 1 184 ? 2.432   13.843  -12.087 1.00 54.32 ? 184 GLY A O   1 
ATOM   1413 N N   . PRO A 1 185 ? 2.976   15.503  -10.681 1.00 52.08 ? 185 PRO A N   1 
ATOM   1414 C CA  . PRO A 1 185 ? 4.403   15.365  -10.974 1.00 49.68 ? 185 PRO A CA  1 
ATOM   1415 C C   . PRO A 1 185 ? 4.973   14.094  -10.369 1.00 51.57 ? 185 PRO A C   1 
ATOM   1416 O O   . PRO A 1 185 ? 4.511   13.605  -9.336  1.00 50.99 ? 185 PRO A O   1 
ATOM   1417 C CB  . PRO A 1 185 ? 5.015   16.612  -10.329 1.00 49.11 ? 185 PRO A CB  1 
ATOM   1418 C CG  . PRO A 1 185 ? 4.090   16.911  -9.199  1.00 49.58 ? 185 PRO A CG  1 
ATOM   1419 C CD  . PRO A 1 185 ? 2.716   16.583  -9.714  1.00 50.03 ? 185 PRO A CD  1 
ATOM   1420 N N   . SER A 1 186 ? 5.996   13.564  -11.027 1.00 44.15 ? 186 SER A N   1 
ATOM   1421 C CA  . SER A 1 186 ? 6.663   12.348  -10.585 1.00 41.10 ? 186 SER A CA  1 
ATOM   1422 C C   . SER A 1 186 ? 7.962   12.706  -9.878  1.00 44.21 ? 186 SER A C   1 
ATOM   1423 O O   . SER A 1 186 ? 8.771   13.475  -10.405 1.00 49.60 ? 186 SER A O   1 
ATOM   1424 C CB  . SER A 1 186 ? 6.937   11.418  -11.766 1.00 39.37 ? 186 SER A CB  1 
ATOM   1425 O OG  . SER A 1 186 ? 7.882   10.424  -11.419 1.00 43.99 ? 186 SER A OG  1 
ATOM   1426 N N   . VAL A 1 187 ? 8.145   12.162  -8.676  1.00 40.10 ? 187 VAL A N   1 
ATOM   1427 C CA  . VAL A 1 187 ? 9.382   12.377  -7.935  1.00 41.92 ? 187 VAL A CA  1 
ATOM   1428 C C   . VAL A 1 187 ? 10.547  11.666  -8.617  1.00 45.44 ? 187 VAL A C   1 
ATOM   1429 O O   . VAL A 1 187 ? 11.676  12.176  -8.650  1.00 47.45 ? 187 VAL A O   1 
ATOM   1430 C CB  . VAL A 1 187 ? 9.197   11.913  -6.479  1.00 41.82 ? 187 VAL A CB  1 
ATOM   1431 C CG1 . VAL A 1 187 ? 10.513  11.947  -5.726  1.00 44.75 ? 187 VAL A CG1 1 
ATOM   1432 C CG2 . VAL A 1 187 ? 8.154   12.765  -5.787  1.00 40.87 ? 187 VAL A CG2 1 
ATOM   1433 N N   . VAL A 1 188 ? 10.292  10.479  -9.171  1.00 36.76 ? 188 VAL A N   1 
ATOM   1434 C CA  . VAL A 1 188 ? 11.359  9.670   -9.753  1.00 37.36 ? 188 VAL A CA  1 
ATOM   1435 C C   . VAL A 1 188 ? 11.986  10.380  -10.945 1.00 42.91 ? 188 VAL A C   1 
ATOM   1436 O O   . VAL A 1 188 ? 13.204  10.302  -11.167 1.00 49.80 ? 188 VAL A O   1 
ATOM   1437 C CB  . VAL A 1 188 ? 10.815  8.283   -10.131 1.00 40.40 ? 188 VAL A CB  1 
ATOM   1438 C CG1 . VAL A 1 188 ? 11.883  7.463   -10.830 1.00 45.61 ? 188 VAL A CG1 1 
ATOM   1439 C CG2 . VAL A 1 188 ? 10.306  7.572   -8.894  1.00 41.12 ? 188 VAL A CG2 1 
ATOM   1440 N N   . ARG A 1 189 ? 11.166  11.060  -11.748 1.00 44.48 ? 189 ARG A N   1 
ATOM   1441 C CA  . ARG A 1 189 ? 11.715  11.862  -12.834 1.00 44.46 ? 189 ARG A CA  1 
ATOM   1442 C C   . ARG A 1 189 ? 12.644  12.939  -12.296 1.00 47.24 ? 189 ARG A C   1 
ATOM   1443 O O   . ARG A 1 189 ? 13.659  13.260  -12.920 1.00 50.05 ? 189 ARG A O   1 
ATOM   1444 C CB  . ARG A 1 189 ? 10.593  12.484  -13.659 1.00 45.53 ? 189 ARG A CB  1 
ATOM   1445 C CG  . ARG A 1 189 ? 9.769   11.480  -14.428 1.00 48.43 ? 189 ARG A CG  1 
ATOM   1446 C CD  . ARG A 1 189 ? 8.699   12.166  -15.251 1.00 48.32 ? 189 ARG A CD  1 
ATOM   1447 N NE  . ARG A 1 189 ? 7.843   11.199  -15.926 1.00 51.24 ? 189 ARG A NE  1 
ATOM   1448 C CZ  . ARG A 1 189 ? 8.088   10.695  -17.126 1.00 52.72 ? 189 ARG A CZ  1 
ATOM   1449 N NH1 . ARG A 1 189 ? 9.165   11.039  -17.813 1.00 52.13 ? 189 ARG A NH1 1 
ATOM   1450 N NH2 . ARG A 1 189 ? 7.233   9.822   -17.650 1.00 50.59 ? 189 ARG A NH2 1 
ATOM   1451 N N   . GLY A 1 190 ? 12.302  13.522  -11.147 1.00 50.57 ? 190 GLY A N   1 
ATOM   1452 C CA  . GLY A 1 190 ? 13.210  14.457  -10.509 1.00 50.33 ? 190 GLY A CA  1 
ATOM   1453 C C   . GLY A 1 190 ? 14.508  13.810  -10.070 1.00 48.30 ? 190 GLY A C   1 
ATOM   1454 O O   . GLY A 1 190 ? 15.569  14.434  -10.135 1.00 51.21 ? 190 GLY A O   1 
ATOM   1455 N N   . PHE A 1 191 ? 14.443  12.557  -9.618  1.00 49.69 ? 191 PHE A N   1 
ATOM   1456 C CA  . PHE A 1 191 ? 15.666  11.833  -9.286  1.00 46.91 ? 191 PHE A CA  1 
ATOM   1457 C C   . PHE A 1 191 ? 16.550  11.648  -10.511 1.00 46.78 ? 191 PHE A C   1 
ATOM   1458 O O   . PHE A 1 191 ? 17.772  11.807  -10.433 1.00 49.45 ? 191 PHE A O   1 
ATOM   1459 C CB  . PHE A 1 191 ? 15.330  10.468  -8.688  1.00 44.74 ? 191 PHE A CB  1 
ATOM   1460 C CG  . PHE A 1 191 ? 15.176  10.471  -7.201  1.00 46.88 ? 191 PHE A CG  1 
ATOM   1461 C CD1 . PHE A 1 191 ? 16.288  10.450  -6.382  1.00 48.28 ? 191 PHE A CD1 1 
ATOM   1462 C CD2 . PHE A 1 191 ? 13.923  10.471  -6.621  1.00 50.33 ? 191 PHE A CD2 1 
ATOM   1463 C CE1 . PHE A 1 191 ? 16.155  10.442  -5.013  1.00 50.04 ? 191 PHE A CE1 1 
ATOM   1464 C CE2 . PHE A 1 191 ? 13.784  10.464  -5.253  1.00 51.60 ? 191 PHE A CE2 1 
ATOM   1465 C CZ  . PHE A 1 191 ? 14.902  10.450  -4.447  1.00 51.24 ? 191 PHE A CZ  1 
ATOM   1466 N N   . VAL A 1 192 ? 15.950  11.300  -11.647 1.00 57.06 ? 192 VAL A N   1 
ATOM   1467 C CA  . VAL A 1 192 ? 16.753  10.950  -12.816 1.00 54.48 ? 192 VAL A CA  1 
ATOM   1468 C C   . VAL A 1 192 ? 17.278  12.196  -13.518 1.00 56.19 ? 192 VAL A C   1 
ATOM   1469 O O   . VAL A 1 192 ? 18.468  12.286  -13.838 1.00 59.27 ? 192 VAL A O   1 
ATOM   1470 C CB  . VAL A 1 192 ? 15.944  10.062  -13.775 1.00 55.87 ? 192 VAL A CB  1 
ATOM   1471 C CG1 . VAL A 1 192 ? 16.718  9.836   -15.052 1.00 54.65 ? 192 VAL A CG1 1 
ATOM   1472 C CG2 . VAL A 1 192 ? 15.613  8.738   -13.110 1.00 58.24 ? 192 VAL A CG2 1 
ATOM   1473 N N   . GLU A 1 193 ? 16.415  13.174  -13.767 1.00 65.02 ? 193 GLU A N   1 
ATOM   1474 C CA  . GLU A 1 193 ? 16.818  14.394  -14.458 1.00 66.36 ? 193 GLU A CA  1 
ATOM   1475 C C   . GLU A 1 193 ? 17.311  15.450  -13.477 1.00 68.15 ? 193 GLU A C   1 
ATOM   1476 O O   . GLU A 1 193 ? 17.600  16.582  -13.862 1.00 66.68 ? 193 GLU A O   1 
ATOM   1477 C CB  . GLU A 1 193 ? 15.660  14.956  -15.286 1.00 64.65 ? 193 GLU A CB  1 
ATOM   1478 C CG  . GLU A 1 193 ? 15.532  14.348  -16.672 1.00 64.88 ? 193 GLU A CG  1 
ATOM   1479 C CD  . GLU A 1 193 ? 14.613  13.145  -16.703 1.00 67.19 ? 193 GLU A CD  1 
ATOM   1480 O OE1 . GLU A 1 193 ? 13.714  13.063  -15.842 1.00 67.83 ? 193 GLU A OE1 1 
ATOM   1481 O OE2 . GLU A 1 193 ? 14.789  12.283  -17.588 1.00 67.04 ? 193 GLU A OE2 1 
HETATM 1482 N N1A . ACO B 2 .   ? -17.069 7.402   3.089   1.00 51.56 ? 200 ACO A N1A 1 
HETATM 1483 C C2A . ACO B 2 .   ? -16.865 8.036   1.949   1.00 50.06 ? 200 ACO A C2A 1 
HETATM 1484 N N3A . ACO B 2 .   ? -15.751 8.691   1.697   1.00 51.50 ? 200 ACO A N3A 1 
HETATM 1485 C C4A . ACO B 2 .   ? -14.775 8.738   2.596   1.00 52.88 ? 200 ACO A C4A 1 
HETATM 1486 C C5A . ACO B 2 .   ? -14.942 8.078   3.825   1.00 52.47 ? 200 ACO A C5A 1 
HETATM 1487 C C6A . ACO B 2 .   ? -16.148 7.392   4.049   1.00 50.59 ? 200 ACO A C6A 1 
HETATM 1488 N N6A . ACO B 2 .   ? -16.382 6.721   5.236   1.00 46.83 ? 200 ACO A N6A 1 
HETATM 1489 N N7A . ACO B 2 .   ? -13.813 8.282   4.544   1.00 50.72 ? 200 ACO A N7A 1 
HETATM 1490 C C8A . ACO B 2 .   ? -12.982 9.009   3.852   1.00 48.35 ? 200 ACO A C8A 1 
HETATM 1491 N N9A . ACO B 2 .   ? -13.534 9.314   2.644   1.00 50.08 ? 200 ACO A N9A 1 
HETATM 1492 C C1B . ACO B 2 .   ? -12.910 10.106  1.584   1.00 48.71 ? 200 ACO A C1B 1 
HETATM 1493 C C2B . ACO B 2 .   ? -12.463 11.489  2.132   1.00 50.53 ? 200 ACO A C2B 1 
HETATM 1494 O O2B . ACO B 2 .   ? -12.962 12.537  1.297   1.00 51.91 ? 200 ACO A O2B 1 
HETATM 1495 C C3B . ACO B 2 .   ? -10.914 11.444  2.083   1.00 54.74 ? 200 ACO A C3B 1 
HETATM 1496 O O3B . ACO B 2 .   ? -10.397 12.695  1.625   1.00 57.27 ? 200 ACO A O3B 1 
HETATM 1497 P P3B . ACO B 2 .   ? -9.575  13.354  2.843   1.00 70.45 ? 200 ACO A P3B 1 
HETATM 1498 O O7A . ACO B 2 .   ? -10.226 14.619  3.250   1.00 51.02 ? 200 ACO A O7A 1 
HETATM 1499 O O8A . ACO B 2 .   ? -9.547  12.345  4.096   1.00 54.73 ? 200 ACO A O8A 1 
HETATM 1500 O O9A . ACO B 2 .   ? -8.064  13.654  2.370   1.00 53.56 ? 200 ACO A O9A 1 
HETATM 1501 C C4B . ACO B 2 .   ? -10.638 10.341  1.051   1.00 48.92 ? 200 ACO A C4B 1 
HETATM 1502 O O4B . ACO B 2 .   ? -11.727 9.416   1.116   1.00 49.61 ? 200 ACO A O4B 1 
HETATM 1503 C C5B . ACO B 2 .   ? -9.338  9.601   1.364   1.00 45.64 ? 200 ACO A C5B 1 
HETATM 1504 O O5B . ACO B 2 .   ? -8.474  10.433  2.138   1.00 43.26 ? 200 ACO A O5B 1 
HETATM 1505 P P1A . ACO B 2 .   ? -7.274  9.476   2.610   1.00 42.72 ? 200 ACO A P1A 1 
HETATM 1506 O O1A . ACO B 2 .   ? -6.933  9.767   4.012   1.00 46.70 ? 200 ACO A O1A 1 
HETATM 1507 O O2A . ACO B 2 .   ? -5.987  9.725   1.686   1.00 48.04 ? 200 ACO A O2A 1 
HETATM 1508 O O3A . ACO B 2 .   ? -7.759  7.957   2.439   1.00 54.40 ? 200 ACO A O3A 1 
HETATM 1509 P P2A . ACO B 2 .   ? -7.335  7.108   3.735   1.00 55.05 ? 200 ACO A P2A 1 
HETATM 1510 O O4A . ACO B 2 .   ? -8.096  7.559   4.919   1.00 46.44 ? 200 ACO A O4A 1 
HETATM 1511 O O5A . ACO B 2 .   ? -5.760  7.277   3.988   1.00 44.87 ? 200 ACO A O5A 1 
HETATM 1512 O O6A . ACO B 2 .   ? -7.708  5.564   3.483   1.00 50.15 ? 200 ACO A O6A 1 
HETATM 1513 C CBP . ACO B 2 .   ? -6.492  3.521   3.599   1.00 50.54 ? 200 ACO A CBP 1 
HETATM 1514 C CCP . ACO B 2 .   ? -6.578  4.892   2.933   1.00 45.37 ? 200 ACO A CCP 1 
HETATM 1515 C CDP . ACO B 2 .   ? -5.098  2.944   3.354   1.00 50.11 ? 200 ACO A CDP 1 
HETATM 1516 C CEP . ACO B 2 .   ? -7.552  2.612   2.979   1.00 47.73 ? 200 ACO A CEP 1 
HETATM 1517 C CAP . ACO B 2 .   ? -6.758  3.695   5.101   1.00 44.62 ? 200 ACO A CAP 1 
HETATM 1518 O OAP . ACO B 2 .   ? -8.048  4.275   5.281   1.00 43.37 ? 200 ACO A OAP 1 
HETATM 1519 C C9P . ACO B 2 .   ? -6.701  2.417   5.904   1.00 44.59 ? 200 ACO A C9P 1 
HETATM 1520 O O9P . ACO B 2 .   ? -5.638  2.004   6.308   1.00 52.43 ? 200 ACO A O9P 1 
HETATM 1521 N N8P . ACO B 2 .   ? -7.839  1.761   6.208   1.00 42.15 ? 200 ACO A N8P 1 
HETATM 1522 C C7P . ACO B 2 .   ? -7.864  0.534   7.017   1.00 46.27 ? 200 ACO A C7P 1 
HETATM 1523 C C6P . ACO B 2 .   ? -7.283  -0.681  6.299   1.00 48.25 ? 200 ACO A C6P 1 
HETATM 1524 C C5P . ACO B 2 .   ? -7.776  -0.682  4.889   1.00 44.90 ? 200 ACO A C5P 1 
HETATM 1525 O O5P . ACO B 2 .   ? -8.904  -0.334  4.642   1.00 49.74 ? 200 ACO A O5P 1 
HETATM 1526 N N4P . ACO B 2 .   ? -6.966  -1.052  3.895   1.00 40.91 ? 200 ACO A N4P 1 
HETATM 1527 C C3P . ACO B 2 .   ? -7.482  -1.026  2.535   1.00 40.79 ? 200 ACO A C3P 1 
HETATM 1528 C C2P . ACO B 2 .   ? -7.611  -2.447  2.009   1.00 43.88 ? 200 ACO A C2P 1 
HETATM 1529 S S1P . ACO B 2 .   ? -8.290  -2.302  0.347   1.00 54.60 ? 200 ACO A S1P 1 
HETATM 1530 C C   . ACO B 2 .   ? -7.290  -3.423  -0.445  1.00 49.73 ? 200 ACO A C   1 
HETATM 1531 O O   . ACO B 2 .   ? -7.485  -4.612  -0.296  1.00 50.03 ? 200 ACO A O   1 
HETATM 1532 C CH3 . ACO B 2 .   ? -6.173  -2.922  -1.323  1.00 47.58 ? 200 ACO A CH3 1 
# 
